data_7L7F
#
_entry.id   7L7F
#
_cell.length_a   1.00
_cell.length_b   1.00
_cell.length_c   1.00
_cell.angle_alpha   90.00
_cell.angle_beta   90.00
_cell.angle_gamma   90.00
#
_symmetry.space_group_name_H-M   'P 1'
#
loop_
_entity.id
_entity.type
_entity.pdbx_description
1 polymer 'Angiotensin-converting enzyme 2'
2 polymer 'Spike glycoprotein, Envelope glycoprotein fusion'
#
loop_
_entity_poly.entity_id
_entity_poly.type
_entity_poly.pdbx_seq_one_letter_code
_entity_poly.pdbx_strand_id
1 'polypeptide(L)'
;MSSSSWLLLSLVAVTAAQSTIEEQAKTFLDKFNHEAEDLFYQSSLASWNYNTNITEENVQNMNNAGDKWSAFLKEQSTLA
QMYPLQEIQNLTVKLQLQALQQNGSSVLSEDKSKRLNTILNTMSTIYSTGKVCNPDNPQECLLLEPGLNEIMANSLDYNE
RLWAWESWRSEVGKQLRPLYEEYVVLKNEMARANHYEDYGDYWRGDYEVNGVDGYDYSRGQLIEDVEHTFEEIKPLYEHL
HAYVRAKLMNAYPSYISPIGCLPAHLLGDMWGRFWTNLYSLTVPFGQKPNIDVTDAMVDQAWDAQRIFKEAEKFFVSVGL
PNMTQGFWENSMLTDPGNVQKAVCHPTAWDLGKGDFRILMCTKVTMDDFLTAHHEMGHIQYDMAYAAQPFLLRNGANEGF
HEAVGEIMSLSAATPKHLKSIGLLSPDFQEDNETEINFLLKQALTIVGTLPFTYMLEKWRWMVFKGEIPKDQWMKKWWEM
KREIVGVVEPVPHDETYCDPASLFHVSNDYSFIRYYTRTLYQFQFQEALCQAAKHEGPLHKCDISNSTEAGQKLFNMLRL
GKSEPWTLALENVVGAKNMNVRPLLNYFEPLFTWLKDQNKNSFVGWSTDWSPYADQSIKVRISLKSALGDKAYEWNDNEM
YLFRSSVAYAMRQYFLKVKNQMILFGEEDVRVANLKPRISFNFFVTAPKNVSDIIPRTEVEKAIRMSRSRINDAFRLNDN
SLEFLGIQPTLGPPNQPPVSIWLIVFGVVMGVIVVGIVILIFTGIRDRKKKNKARSGENPYASIDISKGENNPGFQNTDD
VQTSF
;
B,D
2 'polypeptide(L)'
;MFVFLVLLPLVSSQCVVRFPNITNLCPFGEVFNATRFASVYAWNRKRISNCVADYSVLYNSASFSTFKCYGVSPTKLNDL
CFTNVYADSFVIRGDEVRQIAPGQTGKIADYNYKLPDDFTGCVIAWNSNNLDSKVGGNYNYLYRLFRKSNLKPFERDIST
EIYQAGSTPCNGVEGFNCYFPLQSYGFQPTNGVGYQPYRVVVLSFELLHAPATVCGPKGSPGSGSGSGYIPEAPRDGQAY
VRKDGEWVLLSTFLGRSLEVLFQGPG
;
E,F
#
# COMPACT_ATOMS: atom_id res chain seq x y z
N ILE A 21 61.96 -8.61 -8.35
CA ILE A 21 62.69 -7.70 -7.48
C ILE A 21 61.68 -6.84 -6.72
N GLU A 22 62.15 -6.18 -5.66
CA GLU A 22 61.26 -5.47 -4.75
C GLU A 22 61.04 -4.02 -5.15
N GLU A 23 62.02 -3.40 -5.80
CA GLU A 23 61.90 -2.00 -6.19
C GLU A 23 60.64 -1.77 -7.03
N GLN A 24 60.35 -2.69 -7.93
CA GLN A 24 59.20 -2.53 -8.81
C GLN A 24 57.89 -2.56 -8.02
N ALA A 25 57.78 -3.50 -7.08
CA ALA A 25 56.59 -3.55 -6.24
C ALA A 25 56.46 -2.28 -5.42
N LYS A 26 57.58 -1.77 -4.89
CA LYS A 26 57.53 -0.56 -4.09
C LYS A 26 57.03 0.62 -4.90
N THR A 27 57.52 0.78 -6.13
CA THR A 27 57.07 1.90 -6.94
C THR A 27 55.61 1.74 -7.38
N PHE A 28 55.21 0.51 -7.73
CA PHE A 28 53.82 0.27 -8.08
C PHE A 28 52.89 0.66 -6.94
N LEU A 29 53.25 0.27 -5.71
CA LEU A 29 52.46 0.66 -4.56
C LEU A 29 52.50 2.17 -4.35
N ASP A 30 53.65 2.80 -4.64
CA ASP A 30 53.76 4.24 -4.49
C ASP A 30 52.80 4.98 -5.41
N LYS A 31 52.47 4.38 -6.56
CA LYS A 31 51.50 5.02 -7.45
C LYS A 31 50.06 4.70 -7.04
N PHE A 32 49.80 3.44 -6.67
CA PHE A 32 48.46 3.06 -6.29
C PHE A 32 47.98 3.83 -5.06
N ASN A 33 48.90 4.06 -4.11
CA ASN A 33 48.54 4.76 -2.87
C ASN A 33 48.13 6.19 -3.16
N HIS A 34 48.64 6.76 -4.25
CA HIS A 34 48.33 8.14 -4.56
C HIS A 34 47.06 8.26 -5.39
N GLU A 35 46.69 7.20 -6.12
CA GLU A 35 45.42 7.30 -6.84
C GLU A 35 44.22 6.94 -5.95
N ALA A 36 44.38 5.92 -5.12
CA ALA A 36 43.24 5.41 -4.35
C ALA A 36 42.69 6.46 -3.40
N GLU A 37 43.56 7.31 -2.85
CA GLU A 37 43.12 8.34 -1.91
C GLU A 37 42.01 9.19 -2.50
N ASP A 38 42.27 9.83 -3.66
CA ASP A 38 41.29 10.72 -4.24
C ASP A 38 40.07 9.97 -4.74
N LEU A 39 40.28 8.81 -5.38
CA LEU A 39 39.11 8.10 -5.89
C LEU A 39 38.16 7.72 -4.75
N PHE A 40 38.70 7.20 -3.65
CA PHE A 40 37.87 6.83 -2.51
C PHE A 40 37.24 8.06 -1.87
N TYR A 41 37.97 9.16 -1.79
CA TYR A 41 37.41 10.37 -1.20
C TYR A 41 36.15 10.80 -1.94
N GLN A 42 36.23 10.90 -3.26
CA GLN A 42 35.05 11.32 -4.00
C GLN A 42 33.92 10.31 -3.89
N SER A 43 34.24 9.01 -3.95
CA SER A 43 33.20 7.99 -3.80
C SER A 43 32.47 8.14 -2.49
N SER A 44 33.19 8.39 -1.39
CA SER A 44 32.54 8.51 -0.09
C SER A 44 31.77 9.82 0.06
N LEU A 45 32.28 10.91 -0.51
CA LEU A 45 31.57 12.18 -0.45
C LEU A 45 30.22 12.08 -1.13
N ALA A 46 30.15 11.37 -2.26
CA ALA A 46 28.86 11.19 -2.93
C ALA A 46 27.85 10.53 -2.00
N SER A 47 28.26 9.45 -1.31
CA SER A 47 27.33 8.70 -0.47
C SER A 47 26.93 9.51 0.75
N TRP A 48 27.86 10.26 1.34
CA TRP A 48 27.49 11.13 2.44
C TRP A 48 26.44 12.14 1.99
N ASN A 49 26.67 12.78 0.84
CA ASN A 49 25.76 13.81 0.37
C ASN A 49 24.38 13.22 0.07
N TYR A 50 24.32 11.96 -0.36
CA TYR A 50 23.02 11.34 -0.54
C TYR A 50 22.35 11.05 0.80
N ASN A 51 23.08 10.41 1.72
CA ASN A 51 22.46 9.97 2.97
C ASN A 51 22.00 11.14 3.81
N THR A 52 22.66 12.29 3.70
CA THR A 52 22.27 13.45 4.50
C THR A 52 21.00 14.11 4.01
N ASN A 53 20.64 13.92 2.74
CA ASN A 53 19.52 14.65 2.13
C ASN A 53 19.05 13.83 0.94
N ILE A 54 17.92 13.13 1.11
CA ILE A 54 17.42 12.20 0.10
C ILE A 54 16.70 12.98 -0.97
N THR A 55 17.06 12.72 -2.23
CA THR A 55 16.42 13.34 -3.38
C THR A 55 16.47 12.33 -4.53
N GLU A 56 16.26 12.81 -5.76
CA GLU A 56 16.27 11.95 -6.93
C GLU A 56 17.36 12.28 -7.93
N GLU A 57 18.21 13.27 -7.64
CA GLU A 57 19.43 13.48 -8.40
C GLU A 57 20.68 13.02 -7.68
N ASN A 58 20.61 12.92 -6.34
CA ASN A 58 21.75 12.48 -5.56
C ASN A 58 22.10 11.03 -5.84
N VAL A 59 21.10 10.17 -6.03
CA VAL A 59 21.36 8.77 -6.31
C VAL A 59 22.14 8.63 -7.62
N GLN A 60 21.76 9.41 -8.63
CA GLN A 60 22.47 9.35 -9.91
C GLN A 60 23.83 10.00 -9.80
N ASN A 61 23.99 10.97 -8.90
CA ASN A 61 25.30 11.56 -8.67
C ASN A 61 26.23 10.65 -7.89
N MET A 62 25.68 9.68 -7.17
CA MET A 62 26.46 8.77 -6.34
C MET A 62 26.79 7.44 -7.03
N ASN A 63 25.86 6.92 -7.84
CA ASN A 63 26.05 5.60 -8.43
C ASN A 63 27.22 5.59 -9.40
N ASN A 64 27.36 6.64 -10.21
CA ASN A 64 28.47 6.67 -11.16
C ASN A 64 29.81 6.79 -10.44
N ALA A 65 29.87 7.59 -9.38
CA ALA A 65 31.10 7.69 -8.60
C ALA A 65 31.47 6.35 -7.97
N GLY A 66 30.48 5.59 -7.51
CA GLY A 66 30.77 4.27 -6.98
C GLY A 66 31.26 3.31 -8.06
N ASP A 67 30.63 3.38 -9.23
CA ASP A 67 31.03 2.51 -10.34
C ASP A 67 32.46 2.80 -10.78
N LYS A 68 32.85 4.08 -10.76
CA LYS A 68 34.21 4.44 -11.13
C LYS A 68 35.23 3.79 -10.21
N TRP A 69 34.97 3.85 -8.90
CA TRP A 69 35.87 3.22 -7.93
C TRP A 69 35.94 1.72 -8.14
N SER A 70 34.79 1.08 -8.36
CA SER A 70 34.78 -0.36 -8.59
C SER A 70 35.61 -0.72 -9.82
N ALA A 71 35.44 0.04 -10.91
CA ALA A 71 36.16 -0.27 -12.14
C ALA A 71 37.67 -0.08 -11.96
N PHE A 72 38.07 1.03 -11.35
CA PHE A 72 39.50 1.25 -11.11
C PHE A 72 40.10 0.14 -10.26
N LEU A 73 39.39 -0.26 -9.21
CA LEU A 73 39.91 -1.32 -8.34
C LEU A 73 40.07 -2.62 -9.10
N LYS A 74 39.10 -2.98 -9.94
CA LYS A 74 39.20 -4.22 -10.70
C LYS A 74 40.36 -4.16 -11.68
N GLU A 75 40.52 -3.04 -12.37
CA GLU A 75 41.62 -2.91 -13.32
C GLU A 75 42.98 -3.06 -12.63
N GLN A 76 43.16 -2.36 -11.52
CA GLN A 76 44.45 -2.45 -10.83
C GLN A 76 44.67 -3.84 -10.24
N SER A 77 43.60 -4.50 -9.81
CA SER A 77 43.72 -5.87 -9.34
C SER A 77 44.24 -6.78 -10.44
N THR A 78 43.60 -6.73 -11.62
CA THR A 78 44.06 -7.57 -12.72
C THR A 78 45.45 -7.18 -13.22
N LEU A 79 45.87 -5.94 -12.96
CA LEU A 79 47.23 -5.56 -13.37
C LEU A 79 48.29 -6.04 -12.39
N ALA A 80 47.96 -6.11 -11.10
CA ALA A 80 48.98 -6.39 -10.09
C ALA A 80 49.46 -7.83 -10.12
N GLN A 81 48.94 -8.68 -11.01
CA GLN A 81 49.33 -10.09 -11.01
C GLN A 81 50.68 -10.33 -11.66
N MET A 82 51.32 -9.30 -12.20
CA MET A 82 52.58 -9.49 -12.92
C MET A 82 53.77 -9.68 -12.00
N TYR A 83 53.52 -9.77 -10.69
CA TYR A 83 54.66 -9.93 -9.78
C TYR A 83 54.57 -11.25 -9.03
N PRO A 84 55.54 -12.13 -9.19
CA PRO A 84 55.55 -13.37 -8.41
C PRO A 84 55.76 -13.08 -6.93
N LEU A 85 54.91 -13.66 -6.10
CA LEU A 85 54.85 -13.28 -4.70
C LEU A 85 55.93 -13.91 -3.85
N GLN A 86 56.41 -15.10 -4.21
CA GLN A 86 57.30 -15.86 -3.32
C GLN A 86 58.73 -15.35 -3.33
N GLU A 87 58.99 -14.16 -3.87
CA GLU A 87 60.33 -13.59 -3.89
C GLU A 87 60.50 -12.47 -2.87
N ILE A 88 59.44 -12.06 -2.20
CA ILE A 88 59.42 -10.87 -1.36
C ILE A 88 59.74 -11.25 0.08
N GLN A 89 60.57 -10.45 0.74
CA GLN A 89 60.91 -10.66 2.14
C GLN A 89 60.46 -9.54 3.07
N ASN A 90 60.16 -8.35 2.56
CA ASN A 90 59.59 -7.31 3.39
C ASN A 90 58.14 -7.65 3.70
N LEU A 91 57.84 -7.85 4.99
CA LEU A 91 56.51 -8.31 5.37
C LEU A 91 55.42 -7.33 4.97
N THR A 92 55.71 -6.03 4.99
CA THR A 92 54.69 -5.02 4.73
C THR A 92 54.18 -5.09 3.29
N VAL A 93 55.11 -5.01 2.33
CA VAL A 93 54.71 -5.09 0.93
C VAL A 93 54.14 -6.47 0.63
N LYS A 94 54.60 -7.50 1.34
CA LYS A 94 54.01 -8.83 1.17
C LYS A 94 52.54 -8.81 1.54
N LEU A 95 52.19 -8.24 2.69
CA LEU A 95 50.79 -8.17 3.10
C LEU A 95 49.97 -7.32 2.13
N GLN A 96 50.53 -6.19 1.69
CA GLN A 96 49.80 -5.33 0.77
C GLN A 96 49.48 -6.05 -0.53
N LEU A 97 50.49 -6.67 -1.14
CA LEU A 97 50.27 -7.40 -2.38
C LEU A 97 49.31 -8.55 -2.18
N GLN A 98 49.44 -9.28 -1.07
CA GLN A 98 48.51 -10.37 -0.80
C GLN A 98 47.08 -9.87 -0.71
N ALA A 99 46.88 -8.69 -0.12
CA ALA A 99 45.53 -8.12 -0.04
C ALA A 99 45.05 -7.56 -1.37
N LEU A 100 45.97 -7.27 -2.30
CA LEU A 100 45.59 -6.76 -3.61
C LEU A 100 45.53 -7.83 -4.69
N GLN A 101 46.30 -8.91 -4.55
CA GLN A 101 46.37 -9.95 -5.57
C GLN A 101 45.16 -10.87 -5.55
N GLN A 102 44.23 -10.70 -4.62
CA GLN A 102 43.06 -11.56 -4.54
C GLN A 102 42.23 -11.45 -5.81
N ASN A 103 41.34 -12.42 -6.00
CA ASN A 103 40.65 -12.60 -7.27
C ASN A 103 39.15 -12.39 -7.14
N GLY A 104 38.55 -12.83 -6.04
CA GLY A 104 37.13 -12.65 -5.83
C GLY A 104 36.28 -13.60 -6.64
N SER A 105 35.07 -13.16 -6.97
CA SER A 105 34.13 -13.99 -7.71
C SER A 105 34.29 -13.88 -9.22
N SER A 106 35.22 -13.05 -9.70
CA SER A 106 35.44 -12.91 -11.13
C SER A 106 36.34 -14.03 -11.65
N VAL A 107 35.99 -15.27 -11.33
CA VAL A 107 36.71 -16.44 -11.81
C VAL A 107 35.81 -17.44 -12.50
N LEU A 108 34.52 -17.43 -12.26
CA LEU A 108 33.56 -18.30 -12.93
C LEU A 108 33.34 -17.83 -14.36
N SER A 109 32.50 -18.57 -15.08
CA SER A 109 32.03 -18.11 -16.37
C SER A 109 31.15 -16.87 -16.20
N GLU A 110 30.71 -16.32 -17.33
CA GLU A 110 29.88 -15.13 -17.28
C GLU A 110 28.45 -15.46 -16.86
N ASP A 111 27.83 -16.41 -17.57
CA ASP A 111 26.43 -16.74 -17.27
C ASP A 111 26.28 -17.30 -15.86
N LYS A 112 27.33 -17.93 -15.33
CA LYS A 112 27.28 -18.39 -13.95
C LYS A 112 27.20 -17.21 -12.98
N SER A 113 27.98 -16.17 -13.24
CA SER A 113 27.89 -14.97 -12.42
C SER A 113 26.50 -14.34 -12.52
N LYS A 114 25.92 -14.32 -13.72
CA LYS A 114 24.57 -13.79 -13.86
C LYS A 114 23.57 -14.59 -13.03
N ARG A 115 23.66 -15.92 -13.09
CA ARG A 115 22.75 -16.76 -12.31
C ARG A 115 22.90 -16.51 -10.82
N LEU A 116 24.15 -16.42 -10.34
CA LEU A 116 24.36 -16.18 -8.92
C LEU A 116 23.78 -14.84 -8.48
N ASN A 117 24.01 -13.79 -9.26
CA ASN A 117 23.48 -12.48 -8.90
C ASN A 117 21.96 -12.47 -8.88
N THR A 118 21.34 -13.15 -9.84
CA THR A 118 19.89 -13.21 -9.86
C THR A 118 19.35 -13.94 -8.63
N ILE A 119 20.02 -15.03 -8.23
CA ILE A 119 19.57 -15.78 -7.05
C ILE A 119 19.67 -14.90 -5.80
N LEU A 120 20.79 -14.19 -5.65
CA LEU A 120 20.97 -13.36 -4.46
C LEU A 120 19.92 -12.26 -4.40
N ASN A 121 19.65 -11.59 -5.53
CA ASN A 121 18.65 -10.54 -5.54
C ASN A 121 17.26 -11.09 -5.22
N THR A 122 16.91 -12.24 -5.79
CA THR A 122 15.59 -12.81 -5.52
C THR A 122 15.43 -13.13 -4.05
N MET A 123 16.46 -13.71 -3.43
CA MET A 123 16.36 -14.02 -2.00
C MET A 123 16.20 -12.74 -1.18
N SER A 124 16.94 -11.70 -1.53
CA SER A 124 16.85 -10.45 -0.76
C SER A 124 15.43 -9.87 -0.83
N THR A 125 14.85 -9.80 -2.03
CA THR A 125 13.52 -9.21 -2.13
C THR A 125 12.46 -10.08 -1.46
N ILE A 126 12.57 -11.41 -1.60
CA ILE A 126 11.62 -12.29 -0.95
C ILE A 126 11.64 -12.09 0.55
N TYR A 127 12.83 -11.92 1.13
CA TYR A 127 12.88 -11.63 2.55
C TYR A 127 12.28 -10.26 2.87
N SER A 128 12.53 -9.27 2.01
CA SER A 128 12.13 -7.91 2.36
C SER A 128 10.62 -7.70 2.31
N THR A 129 9.94 -8.25 1.30
CA THR A 129 8.53 -7.91 1.11
C THR A 129 7.58 -9.11 1.17
N GLY A 130 7.72 -9.97 2.17
CA GLY A 130 6.75 -11.04 2.34
C GLY A 130 5.61 -10.65 3.26
N LYS A 131 4.49 -11.36 3.12
CA LYS A 131 3.26 -10.99 3.82
C LYS A 131 2.54 -12.22 4.32
N VAL A 132 1.85 -12.08 5.45
CA VAL A 132 0.95 -13.11 5.97
C VAL A 132 -0.32 -12.42 6.45
N CYS A 133 -1.48 -13.06 6.23
CA CYS A 133 -2.74 -12.45 6.62
C CYS A 133 -3.63 -13.42 7.39
N ASN A 134 -4.52 -12.83 8.17
CA ASN A 134 -5.31 -13.57 9.15
C ASN A 134 -6.30 -14.48 8.44
N PRO A 135 -6.44 -15.74 8.88
CA PRO A 135 -7.44 -16.63 8.27
C PRO A 135 -8.87 -16.20 8.54
N ASP A 136 -9.13 -15.50 9.64
CA ASP A 136 -10.47 -15.03 9.94
C ASP A 136 -10.90 -13.95 8.94
N ASN A 137 -10.13 -12.87 8.87
CA ASN A 137 -10.39 -11.76 7.97
C ASN A 137 -9.25 -11.68 6.95
N PRO A 138 -9.39 -12.32 5.79
CA PRO A 138 -8.26 -12.48 4.89
C PRO A 138 -7.90 -11.23 4.10
N GLN A 139 -8.45 -10.08 4.49
CA GLN A 139 -8.17 -8.83 3.81
C GLN A 139 -7.14 -7.97 4.52
N GLU A 140 -6.57 -8.43 5.63
CA GLU A 140 -5.57 -7.69 6.38
C GLU A 140 -4.29 -8.49 6.51
N CYS A 141 -3.26 -8.08 5.77
CA CYS A 141 -1.97 -8.74 5.80
C CYS A 141 -0.94 -7.86 6.51
N LEU A 142 0.02 -8.51 7.16
CA LEU A 142 1.06 -7.83 7.93
C LEU A 142 2.44 -8.19 7.39
N LEU A 143 3.36 -7.24 7.52
CA LEU A 143 4.74 -7.43 7.12
C LEU A 143 5.57 -7.88 8.31
N LEU A 144 6.87 -8.02 8.10
CA LEU A 144 7.74 -8.52 9.16
C LEU A 144 8.07 -7.42 10.17
N GLU A 145 8.69 -6.32 9.72
CA GLU A 145 9.15 -5.32 10.67
C GLU A 145 7.99 -4.64 11.38
N PRO A 146 7.12 -3.88 10.71
CA PRO A 146 5.98 -3.29 11.44
C PRO A 146 4.87 -4.30 11.63
N GLY A 147 4.73 -4.83 12.84
CA GLY A 147 3.58 -5.64 13.21
C GLY A 147 3.84 -7.06 13.64
N LEU A 148 4.67 -7.80 12.89
CA LEU A 148 4.97 -9.16 13.32
C LEU A 148 5.93 -9.17 14.49
N ASN A 149 6.96 -8.32 14.43
CA ASN A 149 7.84 -8.14 15.59
C ASN A 149 7.04 -7.65 16.79
N GLU A 150 6.05 -6.79 16.55
CA GLU A 150 5.22 -6.30 17.64
C GLU A 150 4.44 -7.43 18.30
N ILE A 151 3.76 -8.26 17.49
CA ILE A 151 3.03 -9.40 18.03
C ILE A 151 3.95 -10.31 18.83
N MET A 152 5.16 -10.55 18.31
CA MET A 152 6.06 -11.51 18.94
C MET A 152 6.74 -10.96 20.18
N ALA A 153 6.93 -9.64 20.27
CA ALA A 153 7.67 -9.07 21.39
C ALA A 153 6.77 -8.42 22.44
N ASN A 154 5.47 -8.31 22.19
CA ASN A 154 4.58 -7.67 23.15
C ASN A 154 3.51 -8.60 23.72
N SER A 155 3.08 -9.61 22.97
CA SER A 155 1.89 -10.37 23.36
C SER A 155 2.17 -11.24 24.57
N LEU A 156 1.08 -11.78 25.13
CA LEU A 156 1.10 -12.73 26.23
C LEU A 156 0.06 -13.83 26.03
N ASP A 157 -0.41 -13.97 24.79
CA ASP A 157 -1.44 -14.92 24.42
C ASP A 157 -0.81 -16.09 23.69
N TYR A 158 -1.01 -17.30 24.21
CA TYR A 158 -0.37 -18.48 23.64
C TYR A 158 -0.75 -18.68 22.19
N ASN A 159 -2.04 -18.58 21.87
CA ASN A 159 -2.49 -18.94 20.54
C ASN A 159 -2.02 -17.94 19.48
N GLU A 160 -2.02 -16.65 19.82
CA GLU A 160 -1.56 -15.65 18.87
C GLU A 160 -0.08 -15.81 18.56
N ARG A 161 0.72 -16.08 19.60
CA ARG A 161 2.15 -16.29 19.39
C ARG A 161 2.39 -17.54 18.55
N LEU A 162 1.63 -18.61 18.79
CA LEU A 162 1.79 -19.80 17.97
C LEU A 162 1.44 -19.53 16.51
N TRP A 163 0.35 -18.81 16.28
CA TRP A 163 -0.03 -18.47 14.91
C TRP A 163 1.07 -17.67 14.23
N ALA A 164 1.62 -16.67 14.93
CA ALA A 164 2.64 -15.83 14.33
C ALA A 164 3.92 -16.61 14.04
N TRP A 165 4.34 -17.46 14.98
CA TRP A 165 5.57 -18.23 14.79
C TRP A 165 5.42 -19.25 13.67
N GLU A 166 4.24 -19.82 13.49
CA GLU A 166 4.08 -20.84 12.46
C GLU A 166 3.88 -20.24 11.08
N SER A 167 3.10 -19.17 10.96
CA SER A 167 2.72 -18.67 9.64
C SER A 167 3.91 -18.09 8.90
N TRP A 168 4.78 -17.35 9.59
CA TRP A 168 5.93 -16.77 8.93
C TRP A 168 6.75 -17.83 8.21
N ARG A 169 7.10 -18.90 8.92
CA ARG A 169 7.86 -19.98 8.30
C ARG A 169 7.05 -20.66 7.20
N SER A 170 5.79 -21.02 7.49
CA SER A 170 5.01 -21.81 6.55
C SER A 170 4.75 -21.06 5.24
N GLU A 171 4.80 -19.73 5.25
CA GLU A 171 4.49 -19.00 4.03
C GLU A 171 5.73 -18.42 3.34
N VAL A 172 6.79 -18.12 4.08
CA VAL A 172 7.95 -17.49 3.44
C VAL A 172 9.12 -18.46 3.37
N GLY A 173 9.35 -19.27 4.40
CA GLY A 173 10.48 -20.17 4.39
C GLY A 173 10.47 -21.12 3.21
N LYS A 174 9.29 -21.64 2.85
CA LYS A 174 9.21 -22.59 1.76
C LYS A 174 9.71 -21.99 0.45
N GLN A 175 9.33 -20.76 0.14
CA GLN A 175 9.79 -20.10 -1.08
C GLN A 175 11.31 -20.06 -1.18
N LEU A 176 12.03 -20.17 -0.06
CA LEU A 176 13.47 -20.04 -0.06
C LEU A 176 14.20 -21.37 -0.11
N ARG A 177 13.50 -22.48 -0.27
CA ARG A 177 14.20 -23.75 -0.26
C ARG A 177 14.89 -24.03 -1.60
N PRO A 178 14.18 -24.00 -2.74
CA PRO A 178 14.85 -24.36 -4.00
C PRO A 178 15.87 -23.34 -4.47
N LEU A 179 15.93 -22.15 -3.87
CA LEU A 179 16.97 -21.20 -4.23
C LEU A 179 18.26 -21.49 -3.47
N TYR A 180 18.15 -21.66 -2.16
CA TYR A 180 19.30 -22.02 -1.34
C TYR A 180 19.97 -23.28 -1.90
N GLU A 181 19.15 -24.27 -2.30
CA GLU A 181 19.71 -25.53 -2.79
C GLU A 181 20.62 -25.34 -3.99
N GLU A 182 20.52 -24.21 -4.70
CA GLU A 182 21.46 -23.91 -5.77
C GLU A 182 22.59 -23.01 -5.29
N TYR A 183 22.23 -22.00 -4.48
CA TYR A 183 23.22 -21.06 -3.95
C TYR A 183 24.42 -21.80 -3.41
N VAL A 184 24.18 -22.80 -2.55
CA VAL A 184 25.26 -23.58 -1.96
C VAL A 184 26.22 -24.05 -3.05
N VAL A 185 25.70 -24.80 -4.02
CA VAL A 185 26.54 -25.40 -5.05
C VAL A 185 27.39 -24.34 -5.73
N LEU A 186 26.75 -23.25 -6.15
CA LEU A 186 27.49 -22.25 -6.94
C LEU A 186 28.62 -21.68 -6.10
N LYS A 187 28.33 -21.33 -4.85
CA LYS A 187 29.37 -20.75 -4.01
C LYS A 187 30.51 -21.74 -3.84
N ASN A 188 30.20 -23.03 -3.70
CA ASN A 188 31.26 -24.01 -3.54
C ASN A 188 32.18 -24.01 -4.75
N GLU A 189 31.60 -23.95 -5.95
CA GLU A 189 32.44 -23.86 -7.14
C GLU A 189 33.35 -22.64 -7.07
N MET A 190 32.76 -21.48 -6.73
CA MET A 190 33.55 -20.26 -6.70
C MET A 190 34.67 -20.36 -5.66
N ALA A 191 34.50 -21.19 -4.64
CA ALA A 191 35.56 -21.35 -3.67
C ALA A 191 36.63 -22.31 -4.17
N ARG A 192 36.21 -23.40 -4.80
CA ARG A 192 37.19 -24.41 -5.20
C ARG A 192 38.05 -23.95 -6.37
N ALA A 193 37.61 -22.94 -7.11
CA ALA A 193 38.46 -22.35 -8.14
C ALA A 193 39.54 -21.45 -7.57
N ASN A 194 39.62 -21.30 -6.24
CA ASN A 194 40.60 -20.42 -5.61
C ASN A 194 41.46 -21.17 -4.59
N HIS A 195 41.65 -22.46 -4.77
CA HIS A 195 42.55 -23.27 -3.93
C HIS A 195 42.07 -23.33 -2.49
N TYR A 196 40.76 -23.23 -2.30
CA TYR A 196 40.10 -23.54 -1.04
C TYR A 196 39.24 -24.78 -1.23
N GLU A 197 39.06 -25.55 -0.16
CA GLU A 197 38.30 -26.79 -0.29
C GLU A 197 36.81 -26.55 -0.38
N ASP A 198 36.29 -25.54 0.33
CA ASP A 198 34.88 -25.22 0.28
C ASP A 198 34.70 -23.76 0.67
N TYR A 199 33.46 -23.36 0.90
CA TYR A 199 33.17 -21.96 1.25
C TYR A 199 33.44 -21.67 2.72
N GLY A 200 33.17 -22.62 3.61
CA GLY A 200 33.48 -22.41 5.01
C GLY A 200 34.96 -22.18 5.25
N ASP A 201 35.81 -22.95 4.58
CA ASP A 201 37.24 -22.74 4.65
C ASP A 201 37.68 -21.44 4.00
N TYR A 202 36.81 -20.83 3.19
CA TYR A 202 37.05 -19.49 2.67
C TYR A 202 36.66 -18.42 3.67
N TRP A 203 35.61 -18.66 4.46
CA TRP A 203 35.21 -17.69 5.48
C TRP A 203 36.14 -17.69 6.67
N ARG A 204 36.75 -18.83 6.99
CA ARG A 204 37.68 -18.90 8.10
C ARG A 204 39.06 -18.36 7.76
N GLY A 205 39.19 -17.62 6.67
CA GLY A 205 40.48 -17.13 6.23
C GLY A 205 40.91 -15.78 6.77
N ASP A 206 40.32 -15.31 7.86
CA ASP A 206 40.74 -14.04 8.45
C ASP A 206 41.62 -14.25 9.67
N TYR A 207 41.34 -15.30 10.44
CA TYR A 207 42.15 -15.65 11.60
C TYR A 207 43.30 -16.56 11.16
N GLU A 208 44.12 -16.04 10.26
CA GLU A 208 45.21 -16.81 9.65
C GLU A 208 46.43 -15.94 9.47
N VAL A 209 47.58 -16.42 9.95
CA VAL A 209 48.85 -15.73 9.80
C VAL A 209 49.92 -16.75 9.42
N ASN A 210 51.03 -16.25 8.89
CA ASN A 210 52.11 -17.11 8.41
C ASN A 210 53.45 -16.41 8.55
N GLY A 211 54.44 -17.13 9.08
CA GLY A 211 55.81 -16.65 9.07
C GLY A 211 56.11 -15.53 10.05
N VAL A 212 55.96 -15.79 11.34
CA VAL A 212 56.34 -14.82 12.36
C VAL A 212 57.17 -15.56 13.40
N ASP A 213 57.20 -16.89 13.30
CA ASP A 213 58.05 -17.76 14.12
C ASP A 213 57.74 -17.61 15.60
N GLY A 214 56.53 -18.04 15.94
CA GLY A 214 56.09 -18.03 17.33
C GLY A 214 54.71 -17.43 17.46
N TYR A 215 54.15 -16.98 16.35
CA TYR A 215 52.86 -16.30 16.32
C TYR A 215 52.02 -16.82 15.17
N ASP A 216 51.94 -18.14 15.02
CA ASP A 216 51.20 -18.73 13.91
C ASP A 216 49.78 -19.09 14.31
N TYR A 217 48.97 -19.36 13.29
CA TYR A 217 47.56 -19.73 13.48
C TYR A 217 47.06 -20.27 12.16
N SER A 218 46.46 -21.46 12.18
CA SER A 218 45.97 -22.09 10.96
C SER A 218 44.45 -21.96 10.86
N ARG A 219 43.91 -22.41 9.73
CA ARG A 219 42.47 -22.34 9.51
C ARG A 219 41.72 -23.41 10.28
N GLY A 220 42.32 -24.59 10.48
CA GLY A 220 41.64 -25.65 11.19
C GLY A 220 41.69 -25.52 12.69
N GLN A 221 42.49 -24.59 13.21
CA GLN A 221 42.62 -24.45 14.65
C GLN A 221 41.48 -23.64 15.25
N LEU A 222 40.84 -22.78 14.45
CA LEU A 222 39.73 -21.98 14.96
C LEU A 222 38.58 -22.87 15.41
N ILE A 223 38.30 -23.94 14.65
CA ILE A 223 37.21 -24.85 15.00
C ILE A 223 37.46 -25.46 16.37
N GLU A 224 38.68 -25.95 16.59
CA GLU A 224 38.99 -26.61 17.86
C GLU A 224 39.00 -25.62 19.01
N ASP A 225 39.49 -24.41 18.77
CA ASP A 225 39.46 -23.40 19.83
C ASP A 225 38.03 -23.06 20.22
N VAL A 226 37.15 -22.91 19.23
CA VAL A 226 35.75 -22.60 19.53
C VAL A 226 35.12 -23.74 20.34
N GLU A 227 35.25 -24.97 19.84
CA GLU A 227 34.63 -26.10 20.52
C GLU A 227 35.22 -26.36 21.90
N HIS A 228 36.47 -25.95 22.15
CA HIS A 228 37.08 -26.21 23.44
C HIS A 228 36.82 -25.08 24.44
N THR A 229 36.57 -23.87 23.93
CA THR A 229 36.22 -22.78 24.84
C THR A 229 34.72 -22.72 25.12
N PHE A 230 33.89 -23.35 24.30
CA PHE A 230 32.46 -23.31 24.60
C PHE A 230 32.11 -24.18 25.79
N GLU A 231 32.80 -25.30 25.98
CA GLU A 231 32.38 -26.28 26.96
C GLU A 231 32.60 -25.84 28.41
N GLU A 232 33.08 -24.63 28.65
CA GLU A 232 33.19 -24.09 29.99
C GLU A 232 32.10 -23.08 30.32
N ILE A 233 31.18 -22.83 29.40
CA ILE A 233 30.07 -21.93 29.68
C ILE A 233 28.81 -22.70 30.08
N LYS A 234 28.79 -24.00 29.85
CA LYS A 234 27.58 -24.79 30.13
C LYS A 234 27.14 -24.77 31.58
N PRO A 235 28.01 -24.84 32.59
CA PRO A 235 27.52 -24.81 33.97
C PRO A 235 26.77 -23.55 34.35
N LEU A 236 27.04 -22.42 33.70
CA LEU A 236 26.28 -21.21 33.98
C LEU A 236 25.01 -21.12 33.15
N TYR A 237 25.10 -21.53 31.88
CA TYR A 237 23.93 -21.53 31.02
C TYR A 237 22.84 -22.46 31.55
N GLU A 238 23.23 -23.59 32.14
CA GLU A 238 22.23 -24.52 32.65
C GLU A 238 21.45 -23.91 33.80
N HIS A 239 22.13 -23.24 34.72
CA HIS A 239 21.44 -22.61 35.83
C HIS A 239 20.54 -21.48 35.36
N LEU A 240 21.02 -20.67 34.41
CA LEU A 240 20.16 -19.62 33.87
C LEU A 240 18.91 -20.20 33.20
N HIS A 241 19.09 -21.29 32.44
CA HIS A 241 17.97 -21.94 31.79
C HIS A 241 16.95 -22.46 32.80
N ALA A 242 17.43 -23.14 33.84
CA ALA A 242 16.53 -23.68 34.84
C ALA A 242 15.75 -22.58 35.56
N TYR A 243 16.41 -21.47 35.87
CA TYR A 243 15.71 -20.37 36.53
C TYR A 243 14.65 -19.76 35.62
N VAL A 244 14.98 -19.56 34.33
CA VAL A 244 14.00 -18.97 33.42
C VAL A 244 12.81 -19.89 33.24
N ARG A 245 13.05 -21.21 33.22
CA ARG A 245 11.94 -22.14 33.09
C ARG A 245 11.04 -22.11 34.32
N ALA A 246 11.66 -22.13 35.51
CA ALA A 246 10.87 -22.08 36.74
C ALA A 246 10.08 -20.78 36.86
N LYS A 247 10.55 -19.69 36.24
CA LYS A 247 9.78 -18.46 36.24
C LYS A 247 8.74 -18.38 35.14
N LEU A 248 8.92 -19.10 34.03
CA LEU A 248 7.88 -19.14 33.01
C LEU A 248 6.75 -20.08 33.38
N MET A 249 6.98 -21.03 34.28
CA MET A 249 5.90 -21.94 34.66
C MET A 249 4.74 -21.23 35.37
N ASN A 250 4.82 -19.91 35.54
CA ASN A 250 3.77 -19.15 36.19
C ASN A 250 2.95 -18.30 35.24
N ALA A 251 3.52 -17.93 34.09
CA ALA A 251 2.79 -17.10 33.12
C ALA A 251 2.08 -17.92 32.05
N TYR A 252 2.44 -19.20 31.90
CA TYR A 252 1.73 -20.11 30.99
C TYR A 252 1.55 -21.42 31.71
N PRO A 253 0.47 -21.54 32.49
CA PRO A 253 0.28 -22.78 33.27
C PRO A 253 -0.19 -23.92 32.38
N SER A 254 0.28 -25.12 32.70
CA SER A 254 -0.13 -26.36 32.03
C SER A 254 0.34 -26.41 30.58
N TYR A 255 1.38 -25.64 30.26
CA TYR A 255 1.99 -25.71 28.93
C TYR A 255 3.47 -26.05 28.97
N ILE A 256 4.11 -26.09 30.13
CA ILE A 256 5.55 -26.32 30.25
C ILE A 256 5.78 -27.35 31.33
N SER A 257 6.49 -28.43 30.99
CA SER A 257 6.81 -29.43 31.98
C SER A 257 8.07 -29.03 32.75
N PRO A 258 8.18 -29.45 34.01
CA PRO A 258 9.31 -29.02 34.84
C PRO A 258 10.60 -29.79 34.61
N ILE A 259 10.65 -30.72 33.67
CA ILE A 259 11.90 -31.40 33.33
C ILE A 259 12.16 -31.43 31.83
N GLY A 260 11.45 -30.63 31.04
CA GLY A 260 11.63 -30.59 29.61
C GLY A 260 12.30 -29.32 29.15
N CYS A 261 12.26 -29.10 27.83
CA CYS A 261 12.85 -27.92 27.22
C CYS A 261 11.82 -26.79 27.19
N LEU A 262 12.15 -25.71 26.50
CA LEU A 262 11.26 -24.56 26.36
C LEU A 262 10.69 -24.52 24.96
N PRO A 263 9.37 -24.39 24.81
CA PRO A 263 8.81 -24.24 23.46
C PRO A 263 9.40 -23.03 22.76
N ALA A 264 9.59 -23.16 21.45
CA ALA A 264 10.41 -22.21 20.72
C ALA A 264 9.75 -20.87 20.47
N HIS A 265 8.45 -20.73 20.73
CA HIS A 265 7.75 -19.49 20.41
C HIS A 265 7.44 -18.65 21.65
N LEU A 266 8.09 -18.93 22.78
CA LEU A 266 7.88 -18.16 24.00
C LEU A 266 9.15 -17.48 24.48
N LEU A 267 10.01 -17.03 23.57
CA LEU A 267 11.32 -16.55 24.01
C LEU A 267 11.43 -15.03 23.96
N GLY A 268 10.86 -14.39 22.94
CA GLY A 268 10.94 -12.94 22.88
C GLY A 268 11.08 -12.34 21.50
N ASP A 269 11.26 -13.17 20.48
CA ASP A 269 11.23 -12.71 19.09
C ASP A 269 11.06 -13.92 18.18
N MET A 270 11.13 -13.68 16.88
CA MET A 270 10.76 -14.70 15.92
C MET A 270 11.73 -15.88 15.91
N TRP A 271 12.94 -15.69 16.41
CA TRP A 271 13.95 -16.75 16.38
C TRP A 271 14.50 -17.13 17.74
N GLY A 272 14.52 -16.22 18.70
CA GLY A 272 15.12 -16.53 19.98
C GLY A 272 16.57 -16.15 20.07
N ARG A 273 17.00 -15.15 19.30
CA ARG A 273 18.40 -14.74 19.31
C ARG A 273 18.78 -14.11 20.64
N PHE A 274 18.00 -13.13 21.08
CA PHE A 274 18.17 -12.50 22.38
C PHE A 274 16.99 -12.83 23.27
N TRP A 275 17.26 -13.00 24.57
CA TRP A 275 16.20 -13.24 25.55
C TRP A 275 15.79 -11.97 26.29
N THR A 276 16.17 -10.80 25.79
CA THR A 276 16.06 -9.58 26.57
C THR A 276 14.64 -9.08 26.73
N ASN A 277 13.65 -9.73 26.12
CA ASN A 277 12.27 -9.31 26.28
C ASN A 277 11.52 -10.11 27.34
N LEU A 278 12.19 -11.03 28.03
CA LEU A 278 11.61 -11.73 29.15
C LEU A 278 11.85 -11.03 30.47
N TYR A 279 12.54 -9.89 30.46
CA TYR A 279 12.94 -9.24 31.71
C TYR A 279 11.72 -8.87 32.55
N SER A 280 10.66 -8.39 31.91
CA SER A 280 9.46 -8.01 32.64
C SER A 280 8.86 -9.19 33.40
N LEU A 281 9.07 -10.41 32.93
CA LEU A 281 8.57 -11.59 33.62
C LEU A 281 9.58 -12.18 34.60
N THR A 282 10.78 -11.62 34.69
CA THR A 282 11.87 -12.30 35.37
C THR A 282 12.66 -11.37 36.30
N VAL A 283 12.11 -10.24 36.72
CA VAL A 283 12.79 -9.36 37.65
C VAL A 283 12.92 -10.08 38.99
N PRO A 284 14.09 -10.10 39.61
CA PRO A 284 14.23 -10.72 40.93
C PRO A 284 13.57 -9.91 42.05
N PHE A 285 13.55 -8.58 41.93
CA PHE A 285 12.90 -7.70 42.92
C PHE A 285 12.16 -6.62 42.14
N GLY A 286 10.87 -6.80 41.96
CA GLY A 286 10.09 -5.92 41.11
C GLY A 286 9.69 -4.60 41.73
N GLN A 287 10.11 -4.37 42.97
CA GLN A 287 9.75 -3.16 43.71
C GLN A 287 10.95 -2.25 43.89
N LYS A 288 11.97 -2.41 43.04
CA LYS A 288 13.22 -1.65 43.15
C LYS A 288 13.64 -1.23 41.74
N PRO A 289 13.20 -0.09 41.27
CA PRO A 289 13.56 0.35 39.92
C PRO A 289 15.05 0.61 39.78
N ASN A 290 15.56 0.43 38.56
CA ASN A 290 16.96 0.61 38.30
C ASN A 290 17.26 2.07 37.94
N ILE A 291 18.55 2.39 37.84
CA ILE A 291 19.00 3.76 37.69
C ILE A 291 18.67 4.25 36.28
N ASP A 292 17.98 5.40 36.20
CA ASP A 292 17.63 6.01 34.92
C ASP A 292 17.64 7.52 35.12
N VAL A 293 18.71 8.17 34.67
CA VAL A 293 18.85 9.62 34.76
C VAL A 293 18.30 10.21 33.46
N THR A 294 16.99 10.38 33.41
CA THR A 294 16.34 11.05 32.30
C THR A 294 15.67 12.35 32.70
N ASP A 295 14.98 12.39 33.84
CA ASP A 295 14.38 13.65 34.29
C ASP A 295 15.46 14.64 34.71
N ALA A 296 16.59 14.15 35.23
CA ALA A 296 17.70 15.04 35.53
C ALA A 296 18.29 15.65 34.28
N MET A 297 18.05 15.07 33.11
CA MET A 297 18.51 15.63 31.86
C MET A 297 17.48 16.56 31.21
N VAL A 298 16.32 16.74 31.85
CA VAL A 298 15.37 17.75 31.41
C VAL A 298 15.09 18.80 32.47
N ASP A 299 15.41 18.56 33.74
CA ASP A 299 15.34 19.60 34.76
C ASP A 299 16.63 20.41 34.81
N GLN A 300 17.69 19.95 34.17
CA GLN A 300 18.94 20.68 34.07
C GLN A 300 19.16 21.29 32.69
N ALA A 301 18.20 21.13 31.78
CA ALA A 301 18.23 21.76 30.45
C ALA A 301 19.48 21.35 29.67
N TRP A 302 19.55 20.06 29.36
CA TRP A 302 20.63 19.52 28.56
C TRP A 302 20.19 19.37 27.11
N ASP A 303 20.89 20.05 26.22
CA ASP A 303 20.65 20.00 24.79
C ASP A 303 21.63 19.00 24.15
N ALA A 304 21.66 18.97 22.82
CA ALA A 304 22.47 17.97 22.11
C ALA A 304 23.96 18.17 22.36
N GLN A 305 24.41 19.42 22.28
CA GLN A 305 25.85 19.70 22.31
C GLN A 305 26.52 19.22 23.59
N ARG A 306 25.85 19.38 24.73
CA ARG A 306 26.50 19.10 26.02
C ARG A 306 26.87 17.63 26.15
N ILE A 307 26.06 16.74 25.58
CA ILE A 307 26.37 15.31 25.65
C ILE A 307 27.68 15.01 24.95
N PHE A 308 27.83 15.47 23.71
CA PHE A 308 29.06 15.24 22.97
C PHE A 308 30.25 15.92 23.64
N LYS A 309 30.02 17.08 24.26
CA LYS A 309 31.11 17.74 24.98
C LYS A 309 31.59 16.88 26.14
N GLU A 310 30.65 16.30 26.89
CA GLU A 310 31.04 15.44 28.01
C GLU A 310 31.75 14.18 27.52
N ALA A 311 31.31 13.64 26.38
CA ALA A 311 31.99 12.49 25.80
C ALA A 311 33.43 12.84 25.45
N GLU A 312 33.62 13.98 24.78
CA GLU A 312 34.97 14.40 24.43
C GLU A 312 35.83 14.61 25.67
N LYS A 313 35.25 15.15 26.74
CA LYS A 313 36.00 15.36 27.97
C LYS A 313 36.43 14.04 28.59
N PHE A 314 35.51 13.07 28.61
CA PHE A 314 35.87 11.75 29.11
C PHE A 314 37.01 11.15 28.32
N PHE A 315 36.96 11.26 26.99
CA PHE A 315 38.02 10.68 26.16
C PHE A 315 39.34 11.41 26.38
N VAL A 316 39.29 12.72 26.60
CA VAL A 316 40.49 13.48 26.92
C VAL A 316 41.10 13.08 28.25
N SER A 317 40.26 12.71 29.23
CA SER A 317 40.76 12.42 30.56
C SER A 317 41.82 11.31 30.58
N VAL A 318 41.70 10.31 29.70
CA VAL A 318 42.58 9.14 29.77
C VAL A 318 43.91 9.34 29.04
N GLY A 319 44.10 10.44 28.33
CA GLY A 319 45.36 10.66 27.65
C GLY A 319 45.27 10.43 26.15
N LEU A 320 44.15 10.78 25.56
CA LEU A 320 43.93 10.67 24.12
C LEU A 320 43.66 12.06 23.55
N PRO A 321 43.89 12.25 22.25
CA PRO A 321 43.80 13.61 21.68
C PRO A 321 42.42 14.24 21.68
N ASN A 322 42.35 15.48 21.24
CA ASN A 322 41.13 16.26 21.13
C ASN A 322 40.40 15.89 19.84
N MET A 323 39.41 16.70 19.45
CA MET A 323 38.77 16.56 18.16
C MET A 323 39.47 17.47 17.15
N THR A 324 39.00 17.47 15.91
CA THR A 324 39.76 17.99 14.79
C THR A 324 39.40 19.41 14.40
N GLN A 325 38.42 20.03 15.05
CA GLN A 325 37.98 21.39 14.78
C GLN A 325 37.29 21.49 13.42
N GLY A 326 37.32 20.41 12.64
CA GLY A 326 36.54 20.33 11.42
C GLY A 326 35.43 19.32 11.63
N PHE A 327 35.46 18.69 12.80
CA PHE A 327 34.43 17.73 13.18
C PHE A 327 33.19 18.42 13.73
N TRP A 328 33.31 19.67 14.15
CA TRP A 328 32.22 20.33 14.86
C TRP A 328 31.23 21.01 13.92
N GLU A 329 31.70 21.42 12.74
CA GLU A 329 30.81 22.10 11.79
C GLU A 329 30.39 21.22 10.63
N ASN A 330 31.24 20.29 10.21
CA ASN A 330 30.90 19.48 9.05
C ASN A 330 29.91 18.38 9.38
N SER A 331 29.89 17.91 10.63
CA SER A 331 29.02 16.81 11.01
C SER A 331 27.57 17.27 11.07
N MET A 332 26.67 16.33 11.35
CA MET A 332 25.23 16.60 11.41
C MET A 332 24.71 15.92 12.68
N LEU A 333 24.57 16.69 13.76
CA LEU A 333 24.33 16.13 15.08
C LEU A 333 22.86 15.97 15.44
N THR A 334 21.95 16.67 14.77
CA THR A 334 20.56 16.63 15.15
C THR A 334 19.66 16.64 13.92
N ASP A 335 18.45 16.11 14.08
CA ASP A 335 17.52 16.02 12.98
C ASP A 335 17.20 17.39 12.41
N PRO A 336 17.11 17.51 11.08
CA PRO A 336 16.80 18.81 10.49
C PRO A 336 15.42 19.29 10.87
N GLY A 337 15.27 20.62 10.98
CA GLY A 337 14.01 21.19 11.41
C GLY A 337 12.87 20.91 10.45
N ASN A 338 13.01 21.33 9.20
CA ASN A 338 12.06 20.94 8.17
C ASN A 338 11.98 19.42 8.09
N VAL A 339 10.80 18.91 7.76
CA VAL A 339 10.64 17.47 7.65
C VAL A 339 11.39 17.06 6.38
N GLN A 340 12.62 16.59 6.59
CA GLN A 340 13.58 16.39 5.50
C GLN A 340 13.93 14.92 5.41
N LYS A 341 13.79 14.35 4.22
CA LYS A 341 14.11 12.95 4.02
C LYS A 341 15.60 12.74 4.25
N ALA A 342 15.95 12.13 5.40
CA ALA A 342 17.34 11.89 5.75
C ALA A 342 17.35 10.70 6.71
N VAL A 343 17.77 9.54 6.21
CA VAL A 343 17.82 8.34 7.05
C VAL A 343 18.72 8.61 8.24
N CYS A 344 18.31 8.12 9.40
CA CYS A 344 19.02 8.38 10.65
C CYS A 344 19.30 7.05 11.35
N HIS A 345 20.50 6.52 11.13
CA HIS A 345 21.00 5.36 11.85
C HIS A 345 22.38 5.74 12.37
N PRO A 346 22.58 5.84 13.69
CA PRO A 346 23.79 6.48 14.21
C PRO A 346 25.07 5.80 13.76
N THR A 347 25.88 6.50 12.97
CA THR A 347 27.10 5.92 12.41
C THR A 347 28.24 6.91 12.52
N ALA A 348 29.46 6.39 12.39
CA ALA A 348 30.67 7.19 12.35
C ALA A 348 31.33 7.01 11.00
N TRP A 349 31.69 8.12 10.36
CA TRP A 349 32.20 8.13 9.00
C TRP A 349 33.67 8.56 9.00
N ASP A 350 34.49 7.77 8.30
CA ASP A 350 35.86 8.12 8.01
C ASP A 350 35.98 8.31 6.50
N LEU A 351 35.88 9.56 6.06
CA LEU A 351 35.85 9.85 4.63
C LEU A 351 37.23 9.70 4.00
N GLY A 352 38.26 10.11 4.71
CA GLY A 352 39.61 10.12 4.19
C GLY A 352 40.18 11.53 4.15
N LYS A 353 41.52 11.58 4.06
CA LYS A 353 42.24 12.84 4.02
C LYS A 353 41.98 13.67 5.26
N GLY A 354 42.05 13.03 6.42
CA GLY A 354 41.87 13.72 7.69
C GLY A 354 40.49 14.31 7.86
N ASP A 355 39.46 13.54 7.51
CA ASP A 355 38.08 13.98 7.68
C ASP A 355 37.31 12.92 8.44
N PHE A 356 36.61 13.33 9.48
CA PHE A 356 35.86 12.41 10.32
C PHE A 356 34.53 13.05 10.69
N ARG A 357 33.45 12.27 10.64
CA ARG A 357 32.14 12.83 10.90
C ARG A 357 31.28 11.82 11.66
N ILE A 358 30.16 12.31 12.19
CA ILE A 358 29.19 11.49 12.91
C ILE A 358 27.81 11.80 12.34
N LEU A 359 26.93 10.80 12.33
CA LEU A 359 25.58 10.98 11.82
C LEU A 359 24.59 10.34 12.76
N MET A 360 23.73 11.15 13.37
CA MET A 360 22.66 10.67 14.23
C MET A 360 21.69 11.82 14.50
N CYS A 361 20.53 11.48 15.05
CA CYS A 361 19.50 12.45 15.43
C CYS A 361 19.37 12.38 16.95
N THR A 362 20.11 13.23 17.65
CA THR A 362 20.26 13.11 19.09
C THR A 362 19.00 13.57 19.80
N LYS A 363 18.28 12.63 20.40
CA LYS A 363 17.23 12.96 21.35
C LYS A 363 17.87 13.26 22.69
N VAL A 364 17.08 13.38 23.74
CA VAL A 364 17.60 13.64 25.08
C VAL A 364 17.11 12.51 25.98
N THR A 365 17.89 11.44 26.04
CA THR A 365 17.71 10.33 26.99
C THR A 365 19.08 9.83 27.36
N MET A 366 19.14 8.97 28.39
CA MET A 366 20.41 8.33 28.71
C MET A 366 20.81 7.33 27.63
N ASP A 367 19.83 6.80 26.90
CA ASP A 367 20.13 5.88 25.80
C ASP A 367 21.08 6.53 24.81
N ASP A 368 20.72 7.72 24.31
CA ASP A 368 21.62 8.43 23.41
C ASP A 368 22.88 8.88 24.12
N PHE A 369 22.81 9.11 25.44
CA PHE A 369 24.01 9.45 26.19
C PHE A 369 25.06 8.34 26.12
N LEU A 370 24.61 7.08 26.10
CA LEU A 370 25.56 5.97 25.96
C LEU A 370 25.93 5.73 24.51
N THR A 371 24.95 5.88 23.60
CA THR A 371 25.24 5.71 22.18
C THR A 371 26.30 6.70 21.70
N ALA A 372 26.34 7.90 22.28
CA ALA A 372 27.35 8.87 21.89
C ALA A 372 28.75 8.34 22.17
N HIS A 373 28.97 7.77 23.36
CA HIS A 373 30.26 7.18 23.68
C HIS A 373 30.57 6.02 22.74
N HIS A 374 29.59 5.16 22.51
CA HIS A 374 29.82 4.00 21.65
C HIS A 374 30.21 4.43 20.25
N GLU A 375 29.66 5.53 19.76
CA GLU A 375 29.96 5.97 18.40
C GLU A 375 31.29 6.72 18.34
N MET A 376 31.59 7.52 19.35
CA MET A 376 32.86 8.23 19.38
C MET A 376 34.04 7.29 19.55
N GLY A 377 33.81 6.10 20.11
CA GLY A 377 34.88 5.11 20.16
C GLY A 377 35.43 4.78 18.79
N HIS A 378 34.55 4.63 17.79
CA HIS A 378 35.00 4.34 16.44
C HIS A 378 35.85 5.47 15.86
N ILE A 379 35.46 6.72 16.12
CA ILE A 379 36.23 7.85 15.62
C ILE A 379 37.60 7.92 16.28
N GLN A 380 37.65 7.67 17.58
CA GLN A 380 38.93 7.67 18.27
C GLN A 380 39.81 6.53 17.83
N TYR A 381 39.22 5.42 17.37
CA TYR A 381 40.02 4.34 16.79
C TYR A 381 40.51 4.71 15.41
N ASP A 382 39.67 5.37 14.61
CA ASP A 382 40.05 5.71 13.24
C ASP A 382 41.14 6.77 13.21
N MET A 383 41.12 7.71 14.15
CA MET A 383 42.15 8.75 14.18
C MET A 383 43.52 8.23 14.53
N ALA A 384 43.67 6.92 14.78
CA ALA A 384 44.92 6.44 15.35
C ALA A 384 45.85 5.84 14.29
N TYR A 385 45.30 5.10 13.33
CA TYR A 385 46.12 4.45 12.31
C TYR A 385 46.07 5.19 10.98
N ALA A 386 45.85 6.49 11.00
CA ALA A 386 45.83 7.27 9.77
C ALA A 386 47.22 7.53 9.20
N ALA A 387 48.26 6.97 9.81
CA ALA A 387 49.62 7.10 9.32
C ALA A 387 50.10 5.85 8.57
N GLN A 388 49.22 4.90 8.32
CA GLN A 388 49.57 3.68 7.63
C GLN A 388 49.30 3.80 6.14
N PRO A 389 49.90 2.94 5.32
CA PRO A 389 49.56 2.93 3.89
C PRO A 389 48.08 2.68 3.66
N PHE A 390 47.59 2.95 2.45
CA PHE A 390 46.15 3.00 2.24
C PHE A 390 45.49 1.66 2.49
N LEU A 391 46.09 0.57 2.01
CA LEU A 391 45.43 -0.73 2.09
C LEU A 391 45.43 -1.32 3.49
N LEU A 392 46.10 -0.71 4.46
CA LEU A 392 46.24 -1.27 5.80
C LEU A 392 45.58 -0.38 6.84
N ARG A 393 44.39 0.14 6.55
CA ARG A 393 43.63 0.91 7.52
C ARG A 393 42.32 0.19 7.81
N ASN A 394 42.39 -0.83 8.66
CA ASN A 394 41.24 -1.59 9.13
C ASN A 394 41.51 -1.91 10.60
N GLY A 395 40.68 -2.79 11.16
CA GLY A 395 40.98 -3.38 12.44
C GLY A 395 41.87 -4.61 12.29
N ALA A 396 42.31 -5.14 13.43
CA ALA A 396 43.17 -6.32 13.39
C ALA A 396 42.43 -7.52 12.81
N ASN A 397 41.19 -7.73 13.22
CA ASN A 397 40.28 -8.67 12.57
C ASN A 397 38.86 -8.17 12.81
N GLU A 398 37.88 -9.04 12.60
CA GLU A 398 36.48 -8.60 12.65
C GLU A 398 36.01 -8.25 14.06
N GLY A 399 36.71 -8.69 15.09
CA GLY A 399 36.21 -8.52 16.44
C GLY A 399 36.72 -7.32 17.19
N PHE A 400 37.78 -6.67 16.70
CA PHE A 400 38.40 -5.61 17.47
C PHE A 400 37.60 -4.32 17.42
N HIS A 401 37.06 -3.97 16.25
CA HIS A 401 36.50 -2.65 16.06
C HIS A 401 35.28 -2.42 16.94
N GLU A 402 34.51 -3.47 17.22
CA GLU A 402 33.33 -3.30 18.05
C GLU A 402 33.62 -3.49 19.53
N ALA A 403 34.57 -4.36 19.87
CA ALA A 403 34.95 -4.50 21.27
C ALA A 403 35.56 -3.23 21.82
N VAL A 404 36.44 -2.59 21.03
CA VAL A 404 37.06 -1.35 21.47
C VAL A 404 35.99 -0.28 21.66
N GLY A 405 34.98 -0.28 20.80
CA GLY A 405 33.89 0.66 20.96
C GLY A 405 33.02 0.40 22.17
N GLU A 406 32.83 -0.87 22.52
CA GLU A 406 31.87 -1.21 23.56
C GLU A 406 32.45 -1.18 24.96
N ILE A 407 33.76 -1.37 25.13
CA ILE A 407 34.32 -1.26 26.47
C ILE A 407 34.23 0.16 27.03
N MET A 408 33.89 1.15 26.20
CA MET A 408 33.67 2.50 26.70
C MET A 408 32.27 2.66 27.27
N SER A 409 31.26 2.30 26.47
CA SER A 409 29.89 2.34 26.95
C SER A 409 29.69 1.42 28.15
N LEU A 410 30.53 0.39 28.29
CA LEU A 410 30.45 -0.43 29.49
C LEU A 410 30.88 0.34 30.73
N SER A 411 31.94 1.15 30.61
CA SER A 411 32.50 1.86 31.75
C SER A 411 32.02 3.29 31.87
N ALA A 412 31.04 3.70 31.07
CA ALA A 412 30.49 5.04 31.18
C ALA A 412 29.18 5.09 31.95
N ALA A 413 28.51 3.96 32.15
CA ALA A 413 27.19 3.93 32.76
C ALA A 413 27.19 3.30 34.15
N THR A 414 28.25 3.53 34.92
CA THR A 414 28.30 3.07 36.29
C THR A 414 27.72 4.14 37.22
N PRO A 415 27.29 3.76 38.42
CA PRO A 415 26.77 4.78 39.35
C PRO A 415 27.83 5.76 39.80
N LYS A 416 29.08 5.32 39.92
CA LYS A 416 30.16 6.22 40.33
C LYS A 416 30.37 7.33 39.30
N HIS A 417 30.66 6.95 38.06
CA HIS A 417 30.86 7.95 37.02
C HIS A 417 29.61 8.79 36.81
N LEU A 418 28.43 8.19 36.89
CA LEU A 418 27.20 8.96 36.73
C LEU A 418 27.02 9.99 37.83
N LYS A 419 27.42 9.68 39.06
CA LYS A 419 27.32 10.64 40.15
C LYS A 419 28.45 11.66 40.13
N SER A 420 29.56 11.37 39.46
CA SER A 420 30.68 12.32 39.46
C SER A 420 30.45 13.44 38.45
N ILE A 421 29.73 13.16 37.36
CA ILE A 421 29.51 14.17 36.34
C ILE A 421 28.42 15.15 36.76
N GLY A 422 27.56 14.77 37.69
CA GLY A 422 26.54 15.66 38.19
C GLY A 422 25.12 15.34 37.82
N LEU A 423 24.83 14.08 37.47
CA LEU A 423 23.47 13.68 37.13
C LEU A 423 22.79 12.91 38.25
N LEU A 424 23.54 12.49 39.27
CA LEU A 424 22.98 11.78 40.42
C LEU A 424 23.40 12.50 41.69
N SER A 425 22.44 12.85 42.52
CA SER A 425 22.76 13.54 43.76
C SER A 425 23.61 12.64 44.65
N PRO A 426 24.52 13.20 45.45
CA PRO A 426 25.39 12.35 46.28
C PRO A 426 24.64 11.61 47.37
N ASP A 427 23.36 11.92 47.58
CA ASP A 427 22.56 11.17 48.53
C ASP A 427 22.27 9.75 48.08
N PHE A 428 22.57 9.42 46.82
CA PHE A 428 22.26 8.09 46.31
C PHE A 428 23.23 7.06 46.87
N GLN A 429 22.68 5.97 47.40
CA GLN A 429 23.46 4.86 47.91
C GLN A 429 23.19 3.61 47.08
N GLU A 430 23.90 2.54 47.40
CA GLU A 430 23.85 1.29 46.64
C GLU A 430 23.29 0.18 47.51
N ASP A 431 22.35 -0.58 46.98
CA ASP A 431 21.85 -1.79 47.60
C ASP A 431 22.10 -2.98 46.67
N ASN A 432 22.46 -4.11 47.28
CA ASN A 432 22.88 -5.26 46.46
C ASN A 432 21.73 -5.83 45.63
N GLU A 433 20.48 -5.55 45.99
CA GLU A 433 19.36 -5.98 45.16
C GLU A 433 19.41 -5.31 43.80
N THR A 434 19.74 -4.02 43.76
CA THR A 434 19.91 -3.34 42.49
C THR A 434 21.08 -3.92 41.71
N GLU A 435 22.13 -4.34 42.42
CA GLU A 435 23.26 -5.00 41.78
C GLU A 435 22.80 -6.27 41.07
N ILE A 436 22.03 -7.10 41.75
CA ILE A 436 21.55 -8.35 41.15
C ILE A 436 20.63 -8.05 39.96
N ASN A 437 19.77 -7.05 40.10
CA ASN A 437 18.92 -6.64 38.98
C ASN A 437 19.75 -6.32 37.75
N PHE A 438 20.76 -5.47 37.92
CA PHE A 438 21.59 -5.06 36.79
C PHE A 438 22.33 -6.24 36.19
N LEU A 439 22.91 -7.09 37.04
CA LEU A 439 23.68 -8.22 36.53
C LEU A 439 22.81 -9.18 35.75
N LEU A 440 21.59 -9.43 36.22
CA LEU A 440 20.72 -10.34 35.49
C LEU A 440 20.24 -9.72 34.18
N LYS A 441 19.94 -8.42 34.18
CA LYS A 441 19.53 -7.77 32.95
C LYS A 441 20.64 -7.79 31.91
N GLN A 442 21.90 -7.80 32.37
CA GLN A 442 23.00 -7.92 31.42
C GLN A 442 23.21 -9.35 30.96
N ALA A 443 23.01 -10.31 31.86
CA ALA A 443 23.22 -11.71 31.51
C ALA A 443 22.21 -12.18 30.48
N LEU A 444 20.95 -11.81 30.66
CA LEU A 444 19.90 -12.21 29.73
C LEU A 444 20.21 -11.82 28.29
N THR A 445 21.12 -10.88 28.08
CA THR A 445 21.50 -10.45 26.74
C THR A 445 22.87 -10.94 26.31
N ILE A 446 23.81 -11.10 27.25
CA ILE A 446 25.14 -11.53 26.87
C ILE A 446 25.22 -13.04 26.74
N VAL A 447 24.74 -13.78 27.75
CA VAL A 447 24.92 -15.23 27.74
C VAL A 447 23.84 -15.92 26.91
N GLY A 448 22.69 -15.28 26.72
CA GLY A 448 21.61 -15.91 25.98
C GLY A 448 21.88 -16.11 24.51
N THR A 449 22.90 -15.45 23.96
CA THR A 449 23.15 -15.49 22.53
C THR A 449 24.41 -16.24 22.12
N LEU A 450 25.08 -16.92 23.05
CA LEU A 450 26.24 -17.70 22.67
C LEU A 450 25.86 -19.08 22.13
N PRO A 451 24.97 -19.83 22.80
CA PRO A 451 24.57 -21.12 22.22
C PRO A 451 23.94 -21.01 20.84
N PHE A 452 23.09 -20.00 20.62
CA PHE A 452 22.47 -19.84 19.31
C PHE A 452 23.52 -19.61 18.23
N THR A 453 24.49 -18.73 18.51
CA THR A 453 25.53 -18.43 17.52
C THR A 453 26.37 -19.66 17.22
N TYR A 454 26.83 -20.35 18.27
CA TYR A 454 27.61 -21.56 18.09
C TYR A 454 26.87 -22.58 17.24
N MET A 455 25.60 -22.83 17.58
CA MET A 455 24.82 -23.83 16.85
C MET A 455 24.66 -23.45 15.38
N LEU A 456 24.30 -22.20 15.10
CA LEU A 456 24.07 -21.79 13.73
C LEU A 456 25.33 -21.92 12.89
N GLU A 457 26.46 -21.44 13.42
CA GLU A 457 27.68 -21.50 12.61
C GLU A 457 28.12 -22.95 12.41
N LYS A 458 27.96 -23.79 13.43
CA LYS A 458 28.32 -25.20 13.27
C LYS A 458 27.49 -25.86 12.17
N TRP A 459 26.17 -25.62 12.19
CA TRP A 459 25.31 -26.19 11.16
C TRP A 459 25.73 -25.72 9.76
N ARG A 460 26.04 -24.44 9.62
CA ARG A 460 26.40 -23.94 8.28
C ARG A 460 27.71 -24.55 7.81
N TRP A 461 28.70 -24.66 8.68
CA TRP A 461 29.96 -25.29 8.28
C TRP A 461 29.74 -26.73 7.84
N MET A 462 29.00 -27.50 8.64
CA MET A 462 28.77 -28.91 8.30
C MET A 462 27.97 -29.04 7.01
N VAL A 463 27.08 -28.09 6.71
CA VAL A 463 26.34 -28.18 5.45
C VAL A 463 27.24 -27.84 4.27
N PHE A 464 28.11 -26.84 4.43
CA PHE A 464 28.94 -26.43 3.31
C PHE A 464 30.00 -27.48 2.97
N LYS A 465 30.62 -28.10 3.97
CA LYS A 465 31.70 -29.02 3.64
C LYS A 465 31.22 -30.31 3.01
N GLY A 466 30.00 -30.77 3.32
CA GLY A 466 29.43 -31.93 2.67
C GLY A 466 28.99 -33.06 3.59
N GLU A 467 29.08 -32.90 4.90
CA GLU A 467 28.76 -33.97 5.83
C GLU A 467 27.26 -34.11 6.08
N ILE A 468 26.41 -33.38 5.38
CA ILE A 468 24.97 -33.51 5.52
C ILE A 468 24.35 -33.51 4.13
N PRO A 469 23.65 -34.57 3.72
CA PRO A 469 23.05 -34.59 2.37
C PRO A 469 21.89 -33.61 2.25
N LYS A 470 21.29 -33.53 1.06
CA LYS A 470 20.21 -32.59 0.81
C LYS A 470 18.86 -33.10 1.32
N ASP A 471 18.84 -34.18 2.10
CA ASP A 471 17.58 -34.67 2.62
C ASP A 471 17.64 -34.89 4.13
N GLN A 472 18.61 -34.28 4.81
CA GLN A 472 18.65 -34.34 6.27
C GLN A 472 18.96 -32.98 6.87
N TRP A 473 18.69 -31.88 6.18
CA TRP A 473 18.94 -30.56 6.74
C TRP A 473 18.04 -30.29 7.93
N MET A 474 16.72 -30.36 7.71
CA MET A 474 15.76 -30.02 8.75
C MET A 474 15.55 -31.13 9.76
N LYS A 475 16.41 -32.14 9.78
CA LYS A 475 16.42 -33.13 10.84
C LYS A 475 17.61 -32.93 11.77
N LYS A 476 18.80 -32.77 11.19
CA LYS A 476 19.96 -32.39 11.99
C LYS A 476 19.75 -31.04 12.65
N TRP A 477 19.04 -30.12 11.99
CA TRP A 477 18.78 -28.82 12.60
C TRP A 477 18.04 -28.97 13.92
N TRP A 478 16.93 -29.70 13.91
CA TRP A 478 16.12 -29.82 15.12
C TRP A 478 16.65 -30.85 16.09
N GLU A 479 17.65 -31.66 15.71
CA GLU A 479 18.35 -32.42 16.73
C GLU A 479 19.40 -31.58 17.44
N MET A 480 20.18 -30.80 16.68
CA MET A 480 21.16 -29.92 17.29
C MET A 480 20.49 -28.84 18.14
N LYS A 481 19.25 -28.48 17.81
CA LYS A 481 18.56 -27.50 18.63
C LYS A 481 18.27 -28.03 20.02
N ARG A 482 17.81 -29.27 20.14
CA ARG A 482 17.54 -29.83 21.46
C ARG A 482 18.82 -30.22 22.19
N GLU A 483 19.86 -30.58 21.44
CA GLU A 483 21.06 -31.11 22.07
C GLU A 483 21.91 -30.00 22.68
N ILE A 484 21.99 -28.84 22.03
CA ILE A 484 22.89 -27.77 22.46
C ILE A 484 22.14 -26.66 23.18
N VAL A 485 21.17 -26.04 22.50
CA VAL A 485 20.51 -24.87 23.04
C VAL A 485 19.51 -25.25 24.12
N GLY A 486 18.71 -26.27 23.86
CA GLY A 486 17.70 -26.69 24.82
C GLY A 486 16.32 -26.12 24.51
N VAL A 487 15.92 -26.19 23.24
CA VAL A 487 14.68 -25.59 22.77
C VAL A 487 14.02 -26.56 21.80
N VAL A 488 12.71 -26.77 21.95
CA VAL A 488 11.96 -27.73 21.16
C VAL A 488 10.93 -26.98 20.31
N GLU A 489 10.55 -27.59 19.19
CA GLU A 489 9.58 -26.99 18.29
C GLU A 489 8.17 -27.42 18.66
N PRO A 490 7.17 -26.62 18.33
CA PRO A 490 5.79 -26.96 18.72
C PRO A 490 5.03 -27.76 17.67
N VAL A 491 5.51 -27.81 16.45
CA VAL A 491 4.82 -28.49 15.35
C VAL A 491 5.85 -29.16 14.45
N PRO A 492 5.65 -30.41 14.05
CA PRO A 492 6.70 -31.13 13.30
C PRO A 492 6.89 -30.55 11.90
N HIS A 493 8.14 -30.23 11.58
CA HIS A 493 8.51 -29.67 10.29
C HIS A 493 9.21 -30.75 9.47
N ASP A 494 8.64 -31.08 8.32
CA ASP A 494 9.17 -32.09 7.43
C ASP A 494 10.29 -31.50 6.58
N GLU A 495 10.69 -32.22 5.53
CA GLU A 495 11.83 -31.84 4.71
C GLU A 495 11.46 -30.89 3.58
N THR A 496 10.36 -30.15 3.71
CA THR A 496 10.02 -29.12 2.73
C THR A 496 10.23 -27.71 3.25
N TYR A 497 10.27 -27.52 4.58
CA TYR A 497 10.49 -26.21 5.15
C TYR A 497 11.96 -25.82 5.04
N CYS A 498 12.25 -24.59 5.45
CA CYS A 498 13.64 -24.11 5.57
C CYS A 498 13.65 -23.06 6.67
N ASP A 499 13.95 -23.49 7.89
CA ASP A 499 13.93 -22.62 9.05
C ASP A 499 15.17 -21.72 9.15
N PRO A 500 16.39 -22.23 8.92
CA PRO A 500 17.56 -21.34 9.03
C PRO A 500 17.66 -20.29 7.96
N ALA A 501 16.81 -20.34 6.93
CA ALA A 501 16.84 -19.32 5.88
C ALA A 501 15.89 -18.17 6.15
N SER A 502 15.19 -18.17 7.29
CA SER A 502 14.32 -17.08 7.68
C SER A 502 15.00 -16.11 8.63
N LEU A 503 16.30 -15.92 8.49
CA LEU A 503 17.07 -15.02 9.32
C LEU A 503 17.85 -14.09 8.40
N PHE A 504 18.10 -12.86 8.86
CA PHE A 504 18.66 -11.85 7.96
C PHE A 504 20.04 -12.25 7.46
N HIS A 505 20.85 -12.89 8.29
CA HIS A 505 22.23 -13.13 7.93
C HIS A 505 22.39 -14.33 7.01
N VAL A 506 21.44 -15.27 7.04
CA VAL A 506 21.60 -16.49 6.24
C VAL A 506 21.13 -16.26 4.82
N SER A 507 20.07 -15.48 4.64
CA SER A 507 19.55 -15.25 3.29
C SER A 507 20.21 -14.07 2.60
N ASN A 508 20.90 -13.20 3.33
CA ASN A 508 21.61 -12.07 2.74
C ASN A 508 23.11 -12.33 2.63
N ASP A 509 23.56 -13.56 2.89
CA ASP A 509 24.93 -13.99 2.67
C ASP A 509 25.94 -13.16 3.48
N TYR A 510 25.85 -13.30 4.79
CA TYR A 510 26.79 -12.66 5.70
C TYR A 510 27.43 -13.71 6.60
N SER A 511 28.52 -13.33 7.24
CA SER A 511 29.18 -14.22 8.19
C SER A 511 28.62 -13.99 9.60
N PHE A 512 28.80 -15.00 10.46
CA PHE A 512 28.16 -14.97 11.77
C PHE A 512 29.11 -15.29 12.92
N ILE A 513 30.37 -15.59 12.67
CA ILE A 513 31.27 -16.01 13.74
C ILE A 513 31.82 -14.84 14.56
N ARG A 514 31.83 -13.63 14.01
CA ARG A 514 32.40 -12.49 14.73
C ARG A 514 31.63 -12.18 16.00
N TYR A 515 30.32 -12.43 16.02
CA TYR A 515 29.51 -12.17 17.18
C TYR A 515 29.88 -13.04 18.37
N TYR A 516 30.67 -14.09 18.16
CA TYR A 516 31.12 -14.96 19.24
C TYR A 516 32.48 -14.56 19.77
N THR A 517 33.39 -14.14 18.89
CA THR A 517 34.72 -13.75 19.34
C THR A 517 34.73 -12.36 19.93
N ARG A 518 33.86 -11.47 19.47
CA ARG A 518 33.79 -10.13 20.04
C ARG A 518 33.44 -10.19 21.51
N THR A 519 32.54 -11.10 21.90
CA THR A 519 32.08 -11.15 23.28
C THR A 519 33.18 -11.62 24.23
N LEU A 520 34.18 -12.32 23.72
CA LEU A 520 35.31 -12.70 24.57
C LEU A 520 36.39 -11.62 24.58
N TYR A 521 36.70 -11.05 23.41
CA TYR A 521 37.68 -9.97 23.37
C TYR A 521 37.26 -8.81 24.25
N GLN A 522 35.96 -8.54 24.32
CA GLN A 522 35.47 -7.43 25.13
C GLN A 522 35.87 -7.57 26.59
N PHE A 523 35.53 -8.71 27.20
CA PHE A 523 35.82 -8.88 28.62
C PHE A 523 37.31 -9.07 28.86
N GLN A 524 38.03 -9.64 27.90
CA GLN A 524 39.48 -9.72 28.05
C GLN A 524 40.10 -8.32 28.15
N PHE A 525 39.72 -7.44 27.22
CA PHE A 525 40.20 -6.05 27.26
C PHE A 525 39.83 -5.39 28.57
N GLN A 526 38.59 -5.59 29.01
CA GLN A 526 38.14 -4.92 30.23
C GLN A 526 38.94 -5.35 31.44
N GLU A 527 39.18 -6.66 31.59
CA GLU A 527 39.95 -7.12 32.74
C GLU A 527 41.41 -6.71 32.62
N ALA A 528 41.93 -6.62 31.39
CA ALA A 528 43.32 -6.18 31.24
C ALA A 528 43.49 -4.71 31.60
N LEU A 529 42.50 -3.88 31.30
CA LEU A 529 42.59 -2.46 31.59
C LEU A 529 42.26 -2.12 33.04
N CYS A 530 41.32 -2.85 33.66
CA CYS A 530 40.98 -2.56 35.04
C CYS A 530 42.06 -2.95 36.03
N GLN A 531 43.17 -3.52 35.56
CA GLN A 531 44.29 -3.84 36.42
C GLN A 531 45.37 -2.76 36.42
N ALA A 532 45.43 -1.96 35.36
CA ALA A 532 46.39 -0.85 35.31
C ALA A 532 45.88 0.38 36.03
N ALA A 533 44.57 0.51 36.23
CA ALA A 533 43.98 1.64 36.93
C ALA A 533 43.81 1.40 38.42
N LYS A 534 44.32 0.28 38.93
CA LYS A 534 44.32 -0.03 40.37
C LYS A 534 42.91 -0.11 40.94
N HIS A 535 42.13 -1.05 40.39
CA HIS A 535 40.81 -1.32 40.93
C HIS A 535 40.92 -2.28 42.11
N GLU A 536 39.91 -2.28 42.96
CA GLU A 536 39.99 -3.11 44.17
C GLU A 536 38.75 -3.92 44.45
N GLY A 537 37.60 -3.54 43.90
CA GLY A 537 36.36 -4.23 44.18
C GLY A 537 35.98 -5.25 43.14
N PRO A 538 34.68 -5.43 42.93
CA PRO A 538 34.22 -6.34 41.87
C PRO A 538 34.48 -5.75 40.50
N LEU A 539 34.48 -6.63 39.49
CA LEU A 539 34.86 -6.22 38.14
C LEU A 539 33.80 -5.40 37.44
N HIS A 540 32.55 -5.44 37.89
CA HIS A 540 31.48 -4.74 37.20
C HIS A 540 31.22 -3.34 37.74
N LYS A 541 31.96 -2.90 38.75
CA LYS A 541 31.94 -1.52 39.20
C LYS A 541 33.17 -0.75 38.74
N CYS A 542 34.01 -1.35 37.92
CA CYS A 542 35.29 -0.76 37.56
C CYS A 542 35.08 0.48 36.69
N ASP A 543 36.13 1.32 36.65
CA ASP A 543 36.12 2.57 35.89
C ASP A 543 37.55 2.90 35.53
N ILE A 544 37.72 3.47 34.34
CA ILE A 544 39.04 3.81 33.82
C ILE A 544 39.24 5.30 33.67
N SER A 545 38.36 6.13 34.22
CA SER A 545 38.54 7.57 34.15
C SER A 545 39.71 8.00 35.02
N ASN A 546 40.24 9.19 34.73
CA ASN A 546 41.37 9.76 35.47
C ASN A 546 42.56 8.82 35.47
N SER A 547 42.78 8.14 34.35
CA SER A 547 43.89 7.22 34.22
C SER A 547 44.87 7.71 33.17
N THR A 548 46.10 7.21 33.25
CA THR A 548 47.11 7.52 32.25
C THR A 548 47.92 6.31 31.81
N GLU A 549 47.85 5.18 32.54
CA GLU A 549 48.52 3.97 32.08
C GLU A 549 47.60 3.16 31.17
N ALA A 550 46.31 3.10 31.49
CA ALA A 550 45.37 2.39 30.64
C ALA A 550 45.29 3.04 29.26
N GLY A 551 45.23 4.37 29.21
CA GLY A 551 45.21 5.06 27.94
C GLY A 551 46.42 4.74 27.09
N GLN A 552 47.59 4.68 27.71
CA GLN A 552 48.81 4.41 26.94
C GLN A 552 48.87 2.96 26.48
N LYS A 553 48.43 2.03 27.33
CA LYS A 553 48.36 0.63 26.90
C LYS A 553 47.44 0.49 25.69
N LEU A 554 46.28 1.13 25.72
CA LEU A 554 45.35 1.03 24.61
C LEU A 554 45.89 1.69 23.36
N PHE A 555 46.50 2.87 23.48
CA PHE A 555 47.02 3.57 22.31
C PHE A 555 48.23 2.86 21.74
N ASN A 556 48.93 2.04 22.53
CA ASN A 556 50.02 1.26 21.98
C ASN A 556 49.54 0.10 21.12
N MET A 557 48.23 -0.15 21.08
CA MET A 557 47.66 -1.18 20.23
C MET A 557 46.77 -0.62 19.14
N LEU A 558 46.13 0.53 19.38
CA LEU A 558 45.29 1.14 18.35
C LEU A 558 46.11 1.50 17.12
N ARG A 559 47.36 1.94 17.30
CA ARG A 559 48.14 2.52 16.23
C ARG A 559 48.72 1.49 15.27
N LEU A 560 48.44 0.21 15.44
CA LEU A 560 49.05 -0.80 14.57
C LEU A 560 48.24 -1.01 13.29
N GLY A 561 46.97 -1.38 13.44
CA GLY A 561 46.17 -1.69 12.28
C GLY A 561 46.38 -3.11 11.82
N LYS A 562 46.36 -3.31 10.51
CA LYS A 562 46.59 -4.63 9.95
C LYS A 562 48.05 -4.94 9.67
N SER A 563 48.96 -4.02 9.99
CA SER A 563 50.37 -4.20 9.66
C SER A 563 51.07 -5.20 10.57
N GLU A 564 50.33 -5.89 11.44
CA GLU A 564 50.90 -6.87 12.34
C GLU A 564 49.91 -8.02 12.48
N PRO A 565 50.40 -9.23 12.78
CA PRO A 565 49.47 -10.34 13.02
C PRO A 565 48.64 -10.08 14.27
N TRP A 566 47.34 -10.37 14.18
CA TRP A 566 46.44 -10.06 15.27
C TRP A 566 46.83 -10.76 16.55
N THR A 567 47.46 -11.93 16.45
CA THR A 567 47.82 -12.68 17.65
C THR A 567 48.99 -12.06 18.39
N LEU A 568 49.70 -11.12 17.74
CA LEU A 568 50.70 -10.34 18.47
C LEU A 568 50.10 -9.05 19.02
N ALA A 569 49.21 -8.41 18.26
CA ALA A 569 48.53 -7.22 18.74
C ALA A 569 47.70 -7.53 19.98
N LEU A 570 47.17 -8.74 20.09
CA LEU A 570 46.44 -9.11 21.29
C LEU A 570 47.34 -9.19 22.51
N GLU A 571 48.62 -9.50 22.31
CA GLU A 571 49.53 -9.66 23.44
C GLU A 571 50.04 -8.32 23.97
N ASN A 572 50.03 -7.28 23.15
CA ASN A 572 50.49 -5.97 23.61
C ASN A 572 49.54 -5.34 24.62
N VAL A 573 48.38 -5.93 24.86
CA VAL A 573 47.42 -5.44 25.84
C VAL A 573 47.29 -6.42 27.01
N VAL A 574 46.86 -7.64 26.73
CA VAL A 574 46.61 -8.61 27.79
C VAL A 574 47.90 -9.24 28.26
N GLY A 575 48.60 -9.93 27.37
CA GLY A 575 49.78 -10.69 27.74
C GLY A 575 49.62 -12.17 27.48
N ALA A 576 48.77 -12.51 26.51
CA ALA A 576 48.54 -13.89 26.11
C ALA A 576 48.49 -13.94 24.59
N LYS A 577 48.22 -15.13 24.06
CA LYS A 577 48.23 -15.33 22.61
C LYS A 577 46.90 -15.78 22.02
N ASN A 578 45.92 -16.15 22.85
CA ASN A 578 44.67 -16.70 22.33
C ASN A 578 43.52 -16.19 23.16
N MET A 579 42.31 -16.33 22.62
CA MET A 579 41.12 -15.89 23.34
C MET A 579 40.82 -16.85 24.49
N ASN A 580 40.45 -16.26 25.62
CA ASN A 580 40.19 -17.03 26.83
C ASN A 580 38.79 -16.68 27.31
N VAL A 581 38.28 -17.50 28.24
CA VAL A 581 36.90 -17.33 28.71
C VAL A 581 36.82 -16.95 30.18
N ARG A 582 37.84 -17.24 30.99
CA ARG A 582 37.75 -16.97 32.41
C ARG A 582 37.46 -15.52 32.78
N PRO A 583 37.95 -14.51 32.05
CA PRO A 583 37.53 -13.13 32.38
C PRO A 583 36.03 -12.93 32.30
N LEU A 584 35.34 -13.60 31.38
CA LEU A 584 33.89 -13.50 31.31
C LEU A 584 33.22 -14.16 32.51
N LEU A 585 33.83 -15.19 33.09
CA LEU A 585 33.24 -15.82 34.26
C LEU A 585 33.52 -15.02 35.53
N ASN A 586 34.65 -14.33 35.61
CA ASN A 586 34.90 -13.50 36.78
C ASN A 586 33.95 -12.31 36.83
N TYR A 587 33.42 -11.88 35.68
CA TYR A 587 32.47 -10.79 35.65
C TYR A 587 31.12 -11.19 36.20
N PHE A 588 30.73 -12.46 36.06
CA PHE A 588 29.39 -12.91 36.42
C PHE A 588 29.35 -13.76 37.69
N GLU A 589 30.31 -13.59 38.60
CA GLU A 589 30.34 -14.40 39.82
C GLU A 589 29.20 -14.09 40.78
N PRO A 590 28.97 -12.84 41.21
CA PRO A 590 27.90 -12.59 42.19
C PRO A 590 26.53 -12.97 41.70
N LEU A 591 26.34 -13.24 40.42
CA LEU A 591 25.09 -13.81 39.94
C LEU A 591 25.11 -15.33 40.01
N PHE A 592 26.29 -15.93 39.80
CA PHE A 592 26.41 -17.38 39.91
C PHE A 592 26.15 -17.85 41.32
N THR A 593 26.74 -17.16 42.31
CA THR A 593 26.55 -17.60 43.69
C THR A 593 25.14 -17.34 44.22
N TRP A 594 24.29 -16.68 43.44
CA TRP A 594 22.89 -16.47 43.78
C TRP A 594 21.96 -17.40 43.04
N LEU A 595 22.24 -17.67 41.76
CA LEU A 595 21.49 -18.67 41.03
C LEU A 595 21.71 -20.06 41.61
N LYS A 596 22.94 -20.35 42.04
CA LYS A 596 23.21 -21.65 42.64
C LYS A 596 22.43 -21.85 43.92
N ASP A 597 22.09 -20.77 44.61
CA ASP A 597 21.26 -20.87 45.81
C ASP A 597 19.77 -20.95 45.47
N GLN A 598 19.32 -20.18 44.48
CA GLN A 598 17.90 -20.21 44.15
C GLN A 598 17.48 -21.52 43.50
N ASN A 599 18.39 -22.21 42.82
CA ASN A 599 18.08 -23.48 42.18
C ASN A 599 18.46 -24.63 43.10
N LYS A 600 17.82 -24.68 44.27
CA LYS A 600 18.06 -25.78 45.20
C LYS A 600 17.03 -26.89 45.02
N ASN A 601 15.78 -26.54 44.78
CA ASN A 601 14.71 -27.51 44.66
C ASN A 601 14.50 -28.02 43.24
N SER A 602 14.58 -27.14 42.24
CA SER A 602 14.25 -27.49 40.87
C SER A 602 15.29 -28.47 40.31
N PHE A 603 14.98 -29.00 39.13
CA PHE A 603 15.84 -29.96 38.44
C PHE A 603 16.71 -29.19 37.45
N VAL A 604 18.03 -29.27 37.61
CA VAL A 604 18.97 -28.52 36.80
C VAL A 604 19.35 -29.38 35.61
N GLY A 605 18.91 -28.97 34.43
CA GLY A 605 19.14 -29.68 33.19
C GLY A 605 17.85 -29.91 32.46
N TRP A 606 17.92 -30.67 31.38
CA TRP A 606 16.73 -30.96 30.58
C TRP A 606 16.90 -32.32 29.93
N SER A 607 15.77 -32.89 29.54
CA SER A 607 15.72 -34.19 28.88
C SER A 607 15.15 -34.01 27.48
N THR A 608 15.74 -34.73 26.52
CA THR A 608 15.48 -34.50 25.11
C THR A 608 14.43 -35.44 24.54
N ASP A 609 13.46 -35.85 25.34
CA ASP A 609 12.41 -36.76 24.89
C ASP A 609 11.01 -36.16 24.96
N TRP A 610 10.79 -35.15 25.79
CA TRP A 610 9.49 -34.51 25.91
C TRP A 610 9.16 -33.77 24.61
N SER A 611 7.90 -33.36 24.49
CA SER A 611 7.41 -32.62 23.34
C SER A 611 6.06 -32.01 23.66
N PRO A 612 5.75 -30.81 23.19
CA PRO A 612 4.47 -30.17 23.50
C PRO A 612 3.27 -30.83 22.84
N TYR A 613 3.48 -31.78 21.92
CA TYR A 613 2.39 -32.45 21.23
C TYR A 613 2.41 -33.96 21.39
N ALA A 614 3.34 -34.52 22.17
CA ALA A 614 3.44 -35.97 22.28
C ALA A 614 2.60 -36.51 23.43
N ASP A 615 1.35 -36.08 23.51
CA ASP A 615 0.38 -36.74 24.36
C ASP A 615 -1.00 -36.83 23.72
N GLN A 616 -1.15 -36.37 22.48
CA GLN A 616 -2.39 -36.58 21.74
C GLN A 616 -2.13 -37.33 20.45
N SER A 617 -1.04 -38.06 20.35
CA SER A 617 -0.62 -38.71 19.12
C SER A 617 -0.87 -40.21 19.21
N ILE A 618 -1.02 -40.84 18.04
CA ILE A 618 -1.24 -42.27 17.94
C ILE A 618 -0.11 -42.87 17.12
N LYS A 619 0.27 -44.10 17.45
CA LYS A 619 1.37 -44.79 16.80
C LYS A 619 0.85 -45.90 15.90
N VAL A 620 1.37 -45.95 14.68
CA VAL A 620 0.94 -46.89 13.65
C VAL A 620 2.13 -47.75 13.26
N ARG A 621 1.90 -49.04 13.10
CA ARG A 621 2.95 -50.00 12.74
C ARG A 621 2.45 -50.93 11.65
N ILE A 622 3.24 -51.08 10.59
CA ILE A 622 2.83 -51.79 9.38
C ILE A 622 3.84 -52.88 9.07
N SER A 623 3.35 -54.06 8.71
CA SER A 623 4.20 -55.19 8.34
C SER A 623 3.71 -55.76 7.02
N LEU A 624 4.49 -55.59 5.95
CA LEU A 624 4.01 -55.87 4.60
C LEU A 624 4.25 -57.30 4.18
N LYS A 625 5.49 -57.80 4.34
CA LYS A 625 5.82 -59.15 3.88
C LYS A 625 4.88 -60.18 4.48
N SER A 626 4.73 -60.18 5.80
CA SER A 626 3.87 -61.13 6.49
C SER A 626 2.50 -61.27 5.85
N ALA A 627 1.99 -60.19 5.25
CA ALA A 627 0.66 -60.23 4.65
C ALA A 627 0.70 -60.63 3.19
N LEU A 628 1.58 -60.00 2.42
CA LEU A 628 1.50 -60.10 0.96
C LEU A 628 2.49 -61.08 0.34
N GLY A 629 3.28 -61.78 1.15
CA GLY A 629 4.23 -62.70 0.54
C GLY A 629 5.22 -61.99 -0.34
N ASP A 630 5.55 -62.61 -1.46
CA ASP A 630 6.49 -62.03 -2.43
C ASP A 630 5.76 -61.24 -3.51
N LYS A 631 4.86 -60.36 -3.06
CA LYS A 631 4.14 -59.46 -3.95
C LYS A 631 4.00 -58.06 -3.36
N ALA A 632 4.54 -57.84 -2.17
CA ALA A 632 4.33 -56.58 -1.47
C ALA A 632 4.96 -55.42 -2.25
N TYR A 633 4.14 -54.41 -2.54
CA TYR A 633 4.64 -53.19 -3.14
C TYR A 633 5.63 -52.49 -2.21
N GLU A 634 6.33 -51.49 -2.74
CA GLU A 634 7.27 -50.71 -1.96
C GLU A 634 6.60 -49.44 -1.45
N TRP A 635 7.08 -48.98 -0.30
CA TRP A 635 6.42 -47.92 0.46
C TRP A 635 7.14 -46.59 0.27
N ASN A 636 6.78 -45.89 -0.80
CA ASN A 636 7.24 -44.53 -1.02
C ASN A 636 6.32 -43.53 -0.35
N ASP A 637 6.43 -42.25 -0.70
CA ASP A 637 5.64 -41.22 -0.06
C ASP A 637 4.24 -41.06 -0.64
N ASN A 638 3.98 -41.60 -1.83
CA ASN A 638 2.61 -41.59 -2.35
C ASN A 638 1.69 -42.41 -1.46
N GLU A 639 2.21 -43.50 -0.88
CA GLU A 639 1.42 -44.26 0.07
C GLU A 639 1.14 -43.46 1.32
N MET A 640 2.08 -42.60 1.73
CA MET A 640 1.81 -41.70 2.85
C MET A 640 0.70 -40.73 2.50
N TYR A 641 0.70 -40.20 1.28
CA TYR A 641 -0.39 -39.34 0.84
C TYR A 641 -1.73 -40.07 0.93
N LEU A 642 -1.78 -41.29 0.43
CA LEU A 642 -3.03 -42.05 0.47
C LEU A 642 -3.48 -42.30 1.91
N PHE A 643 -2.54 -42.63 2.80
CA PHE A 643 -2.90 -42.87 4.19
C PHE A 643 -3.49 -41.61 4.82
N ARG A 644 -2.86 -40.46 4.59
CA ARG A 644 -3.37 -39.23 5.19
C ARG A 644 -4.76 -38.90 4.68
N SER A 645 -4.99 -39.06 3.37
CA SER A 645 -6.31 -38.76 2.84
C SER A 645 -7.37 -39.72 3.39
N SER A 646 -7.00 -40.99 3.58
CA SER A 646 -7.95 -41.96 4.14
C SER A 646 -8.34 -41.59 5.57
N VAL A 647 -7.36 -41.20 6.38
CA VAL A 647 -7.68 -40.81 7.76
C VAL A 647 -8.56 -39.56 7.78
N ALA A 648 -8.30 -38.61 6.88
CA ALA A 648 -9.15 -37.43 6.81
C ALA A 648 -10.59 -37.79 6.49
N TYR A 649 -10.78 -38.70 5.53
CA TYR A 649 -12.13 -39.14 5.19
C TYR A 649 -12.82 -39.80 6.38
N ALA A 650 -12.08 -40.62 7.13
CA ALA A 650 -12.67 -41.27 8.30
C ALA A 650 -13.15 -40.23 9.31
N MET A 651 -12.33 -39.22 9.58
CA MET A 651 -12.74 -38.18 10.53
C MET A 651 -13.99 -37.46 10.05
N ARG A 652 -14.05 -37.11 8.75
CA ARG A 652 -15.24 -36.49 8.20
C ARG A 652 -16.48 -37.33 8.48
N GLN A 653 -16.43 -38.62 8.14
CA GLN A 653 -17.61 -39.47 8.29
C GLN A 653 -18.04 -39.56 9.74
N TYR A 654 -17.08 -39.71 10.66
CA TYR A 654 -17.45 -39.81 12.07
C TYR A 654 -18.17 -38.57 12.54
N PHE A 655 -17.62 -37.39 12.25
CA PHE A 655 -18.27 -36.16 12.71
C PHE A 655 -19.67 -36.06 12.14
N LEU A 656 -19.83 -36.32 10.84
CA LEU A 656 -21.15 -36.20 10.22
C LEU A 656 -22.16 -37.14 10.87
N LYS A 657 -21.80 -38.41 11.02
CA LYS A 657 -22.77 -39.40 11.47
C LYS A 657 -22.90 -39.48 12.99
N VAL A 658 -22.15 -38.70 13.76
CA VAL A 658 -22.42 -38.70 15.19
C VAL A 658 -22.78 -37.29 15.68
N LYS A 659 -21.89 -36.32 15.47
CA LYS A 659 -22.10 -35.01 16.08
C LYS A 659 -23.04 -34.13 15.27
N ASN A 660 -23.50 -34.59 14.11
CA ASN A 660 -24.40 -33.82 13.26
C ASN A 660 -23.80 -32.47 12.86
N GLN A 661 -22.50 -32.44 12.63
CA GLN A 661 -21.82 -31.26 12.12
C GLN A 661 -21.22 -31.57 10.76
N MET A 662 -20.85 -30.50 10.05
CA MET A 662 -20.28 -30.61 8.70
C MET A 662 -18.95 -29.84 8.69
N ILE A 663 -17.87 -30.52 9.02
CA ILE A 663 -16.54 -29.93 9.02
C ILE A 663 -15.74 -30.53 7.90
N LEU A 664 -14.93 -29.71 7.25
CA LEU A 664 -14.19 -30.11 6.04
C LEU A 664 -12.72 -30.30 6.40
N PHE A 665 -12.38 -31.51 6.84
CA PHE A 665 -10.98 -31.85 7.06
C PHE A 665 -10.28 -32.06 5.72
N GLY A 666 -8.96 -32.01 5.75
CA GLY A 666 -8.15 -32.19 4.55
C GLY A 666 -6.95 -33.06 4.81
N GLU A 667 -6.16 -33.26 3.76
CA GLU A 667 -4.98 -34.10 3.87
C GLU A 667 -3.77 -33.35 4.42
N GLU A 668 -3.92 -32.09 4.79
CA GLU A 668 -2.86 -31.33 5.44
C GLU A 668 -3.17 -31.02 6.90
N ASP A 669 -4.26 -31.57 7.42
CA ASP A 669 -4.57 -31.49 8.85
C ASP A 669 -4.15 -32.75 9.60
N VAL A 670 -3.39 -33.63 8.96
CA VAL A 670 -2.87 -34.83 9.58
C VAL A 670 -1.34 -34.72 9.61
N ARG A 671 -0.79 -34.56 10.80
CA ARG A 671 0.64 -34.37 10.97
C ARG A 671 1.31 -35.69 11.38
N VAL A 672 2.46 -35.95 10.76
CA VAL A 672 3.15 -37.23 10.84
C VAL A 672 4.57 -36.98 11.34
N ALA A 673 5.05 -37.87 12.22
CA ALA A 673 6.37 -37.69 12.81
C ALA A 673 7.07 -39.03 13.00
N ASN A 674 8.41 -39.00 12.94
CA ASN A 674 9.28 -40.11 13.33
C ASN A 674 9.19 -41.30 12.39
N LEU A 675 9.31 -41.05 11.09
CA LEU A 675 9.29 -42.15 10.12
C LEU A 675 10.51 -43.03 10.28
N LYS A 676 10.32 -44.34 10.16
CA LYS A 676 11.35 -45.35 10.36
C LYS A 676 11.34 -46.37 9.24
N PRO A 677 12.40 -47.19 9.10
CA PRO A 677 12.45 -48.14 7.99
C PRO A 677 11.46 -49.28 8.09
N ARG A 678 11.27 -49.86 9.27
CA ARG A 678 10.15 -50.76 9.48
C ARG A 678 8.94 -49.88 9.75
N ILE A 679 8.03 -49.80 8.78
CA ILE A 679 7.09 -48.70 8.69
C ILE A 679 6.36 -48.54 10.01
N SER A 680 6.60 -47.41 10.67
CA SER A 680 6.04 -47.14 11.99
C SER A 680 6.26 -45.67 12.30
N PHE A 681 5.21 -44.99 12.72
CA PHE A 681 5.31 -43.55 12.93
C PHE A 681 4.23 -43.09 13.90
N ASN A 682 4.24 -41.79 14.20
CA ASN A 682 3.21 -41.18 15.03
C ASN A 682 2.44 -40.15 14.20
N PHE A 683 1.20 -39.90 14.59
CA PHE A 683 0.43 -38.87 13.91
C PHE A 683 -0.59 -38.25 14.84
N PHE A 684 -1.08 -37.08 14.45
CA PHE A 684 -2.18 -36.43 15.17
C PHE A 684 -2.93 -35.48 14.23
N VAL A 685 -4.09 -35.00 14.70
CA VAL A 685 -5.04 -34.28 13.87
C VAL A 685 -5.20 -32.86 14.41
N THR A 686 -5.63 -31.96 13.53
CA THR A 686 -5.75 -30.54 13.82
C THR A 686 -6.96 -29.97 13.08
N ALA A 687 -7.67 -29.04 13.72
CA ALA A 687 -8.82 -28.36 13.15
C ALA A 687 -8.48 -27.76 11.79
N PRO A 688 -9.47 -27.48 10.94
CA PRO A 688 -9.17 -27.09 9.54
C PRO A 688 -8.18 -25.94 9.38
N LYS A 689 -8.40 -24.81 10.04
CA LYS A 689 -7.58 -23.63 9.81
C LYS A 689 -7.13 -22.98 11.12
N ASN A 690 -6.96 -23.77 12.17
CA ASN A 690 -6.62 -23.26 13.49
C ASN A 690 -5.52 -24.15 14.06
N VAL A 691 -4.27 -23.73 13.90
CA VAL A 691 -3.14 -24.59 14.19
C VAL A 691 -3.02 -24.88 15.68
N SER A 692 -3.58 -24.02 16.53
CA SER A 692 -3.49 -24.18 17.98
C SER A 692 -4.62 -25.02 18.55
N ASP A 693 -5.35 -25.75 17.72
CA ASP A 693 -6.42 -26.64 18.16
C ASP A 693 -6.06 -28.07 17.80
N ILE A 694 -6.44 -29.00 18.68
CA ILE A 694 -6.09 -30.41 18.53
C ILE A 694 -7.29 -31.24 18.92
N ILE A 695 -7.72 -32.11 18.01
CA ILE A 695 -8.77 -33.08 18.34
C ILE A 695 -8.21 -34.09 19.34
N PRO A 696 -8.84 -34.30 20.49
CA PRO A 696 -8.25 -35.16 21.52
C PRO A 696 -8.10 -36.59 21.05
N ARG A 697 -7.38 -37.38 21.86
CA ARG A 697 -7.09 -38.76 21.49
C ARG A 697 -8.33 -39.63 21.49
N THR A 698 -9.26 -39.38 22.41
CA THR A 698 -10.43 -40.25 22.55
C THR A 698 -11.33 -40.18 21.33
N GLU A 699 -11.56 -38.98 20.79
CA GLU A 699 -12.42 -38.84 19.63
C GLU A 699 -11.80 -39.50 18.40
N VAL A 700 -10.48 -39.40 18.26
CA VAL A 700 -9.82 -40.06 17.14
C VAL A 700 -9.91 -41.57 17.29
N GLU A 701 -9.78 -42.08 18.52
CA GLU A 701 -9.95 -43.51 18.75
C GLU A 701 -11.35 -43.97 18.34
N LYS A 702 -12.37 -43.22 18.77
CA LYS A 702 -13.74 -43.58 18.40
C LYS A 702 -13.95 -43.53 16.90
N ALA A 703 -13.37 -42.53 16.24
CA ALA A 703 -13.56 -42.37 14.80
C ALA A 703 -12.84 -43.46 14.02
N ILE A 704 -11.75 -44.00 14.57
CA ILE A 704 -11.04 -45.03 13.84
C ILE A 704 -11.62 -46.41 14.13
N ARG A 705 -12.19 -46.62 15.31
CA ARG A 705 -12.89 -47.88 15.57
C ARG A 705 -14.01 -48.12 14.59
N MET A 706 -14.63 -47.05 14.09
CA MET A 706 -15.85 -47.16 13.29
C MET A 706 -15.58 -47.47 11.82
N SER A 707 -14.44 -47.04 11.27
CA SER A 707 -14.18 -47.23 9.85
C SER A 707 -12.86 -47.94 9.59
N ARG A 708 -12.55 -48.98 10.37
CA ARG A 708 -11.27 -49.66 10.21
C ARG A 708 -11.28 -50.60 9.02
N SER A 709 -12.43 -51.19 8.70
CA SER A 709 -12.49 -52.17 7.62
C SER A 709 -12.13 -51.53 6.28
N ARG A 710 -12.56 -50.30 6.06
CA ARG A 710 -12.29 -49.66 4.78
C ARG A 710 -10.82 -49.25 4.68
N ILE A 711 -10.25 -48.74 5.77
CA ILE A 711 -8.82 -48.41 5.77
C ILE A 711 -8.00 -49.67 5.52
N ASN A 712 -8.44 -50.81 6.06
CA ASN A 712 -7.74 -52.06 5.81
C ASN A 712 -7.86 -52.49 4.36
N ASP A 713 -9.07 -52.41 3.80
CA ASP A 713 -9.28 -52.85 2.43
C ASP A 713 -8.52 -51.99 1.44
N ALA A 714 -8.32 -50.70 1.75
CA ALA A 714 -7.63 -49.83 0.81
C ALA A 714 -6.18 -50.25 0.60
N PHE A 715 -5.61 -51.01 1.53
CA PHE A 715 -4.20 -51.37 1.48
C PHE A 715 -3.95 -52.87 1.37
N ARG A 716 -4.99 -53.71 1.52
CA ARG A 716 -4.86 -55.17 1.58
C ARG A 716 -4.10 -55.63 2.82
N LEU A 717 -4.54 -55.14 3.98
CA LEU A 717 -4.01 -55.60 5.26
C LEU A 717 -5.17 -56.12 6.10
N ASN A 718 -4.85 -56.96 7.08
CA ASN A 718 -5.86 -57.82 7.69
C ASN A 718 -5.79 -57.78 9.21
N ASP A 719 -5.76 -56.57 9.77
CA ASP A 719 -5.98 -56.36 11.21
C ASP A 719 -4.84 -56.94 12.04
N ASN A 720 -3.91 -57.62 11.39
CA ASN A 720 -2.70 -58.11 12.04
C ASN A 720 -1.43 -57.58 11.40
N SER A 721 -1.57 -56.91 10.25
CA SER A 721 -0.44 -56.26 9.61
C SER A 721 -0.43 -54.77 9.87
N LEU A 722 -1.61 -54.19 10.11
CA LEU A 722 -1.77 -52.76 10.33
C LEU A 722 -2.26 -52.57 11.76
N GLU A 723 -1.36 -52.17 12.66
CA GLU A 723 -1.65 -52.10 14.08
C GLU A 723 -1.61 -50.66 14.55
N PHE A 724 -2.70 -50.20 15.14
CA PHE A 724 -2.74 -48.93 15.87
C PHE A 724 -2.48 -49.26 17.33
N LEU A 725 -1.34 -48.82 17.86
CA LEU A 725 -0.97 -49.21 19.21
C LEU A 725 -1.88 -48.52 20.22
N GLY A 726 -2.73 -49.32 20.89
CA GLY A 726 -3.65 -48.83 21.89
C GLY A 726 -5.11 -49.12 21.58
N ILE A 727 -5.42 -49.44 20.34
CA ILE A 727 -6.78 -49.74 19.91
C ILE A 727 -6.87 -51.23 19.67
N GLN A 728 -7.55 -51.93 20.58
CA GLN A 728 -7.62 -53.38 20.53
C GLN A 728 -8.84 -53.82 19.73
N PRO A 729 -8.66 -54.68 18.72
CA PRO A 729 -9.80 -55.18 17.94
C PRO A 729 -10.63 -56.15 18.77
N THR A 730 -11.95 -55.97 18.74
CA THR A 730 -12.86 -56.81 19.51
C THR A 730 -13.87 -57.55 18.64
N LEU A 731 -14.32 -56.96 17.55
CA LEU A 731 -15.30 -57.60 16.68
C LEU A 731 -14.62 -58.36 15.56
N CYS B 26 63.69 43.83 -0.04
CA CYS B 26 63.48 45.27 -0.04
C CYS B 26 62.06 45.57 -0.50
N PRO B 27 61.62 44.97 -1.63
CA PRO B 27 60.18 44.83 -1.84
C PRO B 27 59.63 43.50 -1.33
N PHE B 28 60.29 42.84 -0.37
CA PHE B 28 59.76 41.58 0.13
C PHE B 28 58.42 41.77 0.83
N GLY B 29 58.20 42.97 1.41
CA GLY B 29 56.89 43.30 1.93
C GLY B 29 55.79 43.12 0.90
N GLU B 30 56.17 43.08 -0.38
CA GLU B 30 55.27 42.77 -1.47
C GLU B 30 55.28 41.30 -1.84
N VAL B 31 56.47 40.66 -1.84
CA VAL B 31 56.53 39.27 -2.30
C VAL B 31 55.70 38.37 -1.40
N PHE B 32 55.53 38.75 -0.13
CA PHE B 32 54.61 38.06 0.76
C PHE B 32 53.16 38.32 0.38
N ASN B 33 52.90 39.18 -0.60
CA ASN B 33 51.56 39.61 -0.99
C ASN B 33 51.47 39.51 -2.50
N ALA B 34 51.00 38.38 -3.01
CA ALA B 34 50.96 38.15 -4.45
C ALA B 34 49.62 37.51 -4.80
N THR B 35 49.56 36.96 -6.01
CA THR B 35 48.35 36.29 -6.49
C THR B 35 48.51 34.79 -6.66
N ARG B 36 49.67 34.32 -7.11
CA ARG B 36 49.91 32.90 -7.28
C ARG B 36 51.39 32.63 -7.05
N PHE B 37 51.70 31.43 -6.56
CA PHE B 37 53.07 30.99 -6.39
C PHE B 37 53.39 29.93 -7.45
N ALA B 38 54.60 29.39 -7.36
CA ALA B 38 55.04 28.34 -8.27
C ALA B 38 54.97 26.99 -7.58
N SER B 39 55.16 25.94 -8.37
CA SER B 39 55.16 24.59 -7.83
C SER B 39 56.51 24.31 -7.18
N VAL B 40 56.76 23.05 -6.84
CA VAL B 40 57.99 22.67 -6.15
C VAL B 40 59.11 22.29 -7.11
N TYR B 41 58.79 21.71 -8.26
CA TYR B 41 59.80 21.36 -9.26
C TYR B 41 60.29 22.57 -10.05
N ALA B 42 59.74 23.75 -9.79
CA ALA B 42 60.19 24.99 -10.43
C ALA B 42 59.71 26.15 -9.58
N TRP B 43 60.64 27.03 -9.25
CA TRP B 43 60.36 28.14 -8.33
C TRP B 43 60.96 29.40 -8.91
N ASN B 44 60.72 30.53 -8.23
CA ASN B 44 61.15 31.85 -8.68
C ASN B 44 62.45 32.22 -8.00
N ARG B 45 63.33 32.90 -8.72
CA ARG B 45 64.62 33.36 -8.20
C ARG B 45 64.66 34.88 -8.29
N LYS B 46 64.50 35.55 -7.15
CA LYS B 46 64.42 37.00 -7.10
C LYS B 46 65.59 37.55 -6.30
N ARG B 47 66.32 38.49 -6.91
CA ARG B 47 67.46 39.13 -6.28
C ARG B 47 67.03 40.43 -5.60
N ILE B 48 67.64 40.73 -4.46
CA ILE B 48 67.37 41.95 -3.72
C ILE B 48 68.70 42.61 -3.36
N SER B 49 68.77 43.93 -3.53
CA SER B 49 70.03 44.62 -3.25
C SER B 49 69.77 46.11 -3.07
N ASN B 50 70.81 46.81 -2.59
CA ASN B 50 70.83 48.28 -2.46
C ASN B 50 69.66 48.80 -1.64
N CYS B 51 69.54 48.35 -0.39
CA CYS B 51 68.42 48.76 0.44
C CYS B 51 68.80 48.85 1.92
N VAL B 52 67.78 49.00 2.75
CA VAL B 52 67.89 49.54 4.10
C VAL B 52 67.21 48.65 5.13
N ALA B 53 66.59 47.57 4.65
CA ALA B 53 65.64 46.80 5.45
C ALA B 53 66.26 46.32 6.76
N ASP B 54 65.48 46.44 7.83
CA ASP B 54 65.93 46.14 9.18
C ASP B 54 65.27 44.90 9.79
N TYR B 55 64.18 44.41 9.19
CA TYR B 55 63.58 43.14 9.55
C TYR B 55 63.03 43.15 10.98
N SER B 56 62.27 44.18 11.30
CA SER B 56 61.51 44.26 12.55
C SER B 56 60.01 44.31 12.32
N VAL B 57 59.56 44.93 11.24
CA VAL B 57 58.14 44.91 10.89
C VAL B 57 57.68 43.49 10.62
N LEU B 58 58.54 42.66 10.03
CA LEU B 58 58.29 41.25 9.91
C LEU B 58 58.80 40.55 11.17
N TYR B 59 58.57 39.24 11.24
CA TYR B 59 58.81 38.40 12.41
C TYR B 59 57.83 38.73 13.53
N ASN B 60 57.02 39.77 13.37
CA ASN B 60 56.04 40.18 14.39
C ASN B 60 54.77 40.58 13.67
N SER B 61 53.86 39.63 13.53
CA SER B 61 52.59 39.82 12.82
C SER B 61 51.59 38.85 13.40
N ALA B 62 50.46 38.67 12.71
CA ALA B 62 49.41 37.78 13.17
C ALA B 62 49.15 36.59 12.27
N SER B 63 49.60 36.63 11.01
CA SER B 63 49.30 35.58 10.05
C SER B 63 50.44 34.57 9.89
N PHE B 64 51.44 34.61 10.76
CA PHE B 64 52.56 33.70 10.68
C PHE B 64 52.24 32.41 11.43
N SER B 65 52.96 31.34 11.07
CA SER B 65 52.87 30.09 11.78
C SER B 65 54.21 29.39 12.02
N THR B 66 55.26 29.78 11.30
CA THR B 66 56.55 29.10 11.42
C THR B 66 57.66 30.05 11.01
N PHE B 67 58.60 30.26 11.93
CA PHE B 67 59.72 31.17 11.70
C PHE B 67 60.96 30.49 12.28
N LYS B 68 61.64 29.69 11.45
CA LYS B 68 62.70 28.82 11.95
C LYS B 68 64.04 29.30 11.42
N CYS B 69 64.90 29.75 12.32
CA CYS B 69 66.17 30.31 11.87
C CYS B 69 67.31 29.76 12.71
N TYR B 70 68.41 29.44 12.02
CA TYR B 70 69.57 28.82 12.62
C TYR B 70 70.84 29.65 12.49
N GLY B 71 71.09 30.23 11.30
CA GLY B 71 72.32 30.97 11.09
C GLY B 71 72.35 32.32 11.77
N VAL B 72 71.19 32.93 11.98
CA VAL B 72 71.11 34.22 12.64
C VAL B 72 70.03 34.17 13.71
N SER B 73 70.36 34.66 14.90
CA SER B 73 69.45 34.71 16.03
C SER B 73 68.33 35.71 15.79
N PRO B 74 67.23 35.61 16.55
CA PRO B 74 66.17 36.61 16.44
C PRO B 74 66.69 38.00 16.84
N THR B 75 66.28 38.99 16.04
CA THR B 75 66.72 40.37 16.21
C THR B 75 68.24 40.46 16.19
N LYS B 76 68.86 39.58 15.41
CA LYS B 76 70.34 39.60 15.23
C LYS B 76 70.65 39.90 13.75
N LEU B 77 69.60 40.05 12.93
CA LEU B 77 69.79 40.35 11.51
C LEU B 77 69.72 41.87 11.26
N ASN B 78 70.50 42.60 12.04
CA ASN B 78 70.66 44.05 11.90
C ASN B 78 72.13 44.41 11.81
N ASP B 79 72.84 43.67 10.96
CA ASP B 79 74.29 43.80 10.79
C ASP B 79 74.52 43.89 9.28
N LEU B 80 75.79 43.72 8.86
CA LEU B 80 76.09 43.78 7.44
C LEU B 80 75.42 42.59 6.74
N CYS B 81 74.37 42.89 5.98
CA CYS B 81 73.53 41.85 5.39
C CYS B 81 73.29 42.08 3.91
N PHE B 82 73.28 43.34 3.47
CA PHE B 82 72.88 43.69 2.12
C PHE B 82 73.92 43.27 1.09
N THR B 83 74.14 41.96 0.97
CA THR B 83 75.10 41.40 0.02
C THR B 83 74.49 40.12 -0.56
N ASN B 84 73.88 40.25 -1.73
CA ASN B 84 73.47 39.10 -2.55
C ASN B 84 72.43 38.24 -1.81
N VAL B 85 71.29 38.86 -1.53
CA VAL B 85 70.17 38.17 -0.89
C VAL B 85 69.12 37.83 -1.96
N TYR B 86 68.43 36.70 -1.76
CA TYR B 86 67.47 36.19 -2.72
C TYR B 86 66.20 35.72 -2.02
N ALA B 87 65.15 35.58 -2.81
CA ALA B 87 63.87 35.05 -2.38
C ALA B 87 63.39 33.95 -3.32
N ASP B 88 62.59 33.04 -2.77
CA ASP B 88 62.01 31.95 -3.54
C ASP B 88 60.79 31.38 -2.82
N SER B 89 59.71 31.16 -3.54
CA SER B 89 58.41 30.90 -2.93
C SER B 89 57.74 29.73 -3.64
N PHE B 90 57.06 28.87 -2.87
CA PHE B 90 56.31 27.78 -3.47
C PHE B 90 55.29 27.27 -2.46
N VAL B 91 54.54 26.25 -2.86
CA VAL B 91 53.45 25.71 -2.06
C VAL B 91 53.63 24.21 -1.87
N ILE B 92 53.32 23.74 -0.67
CA ILE B 92 53.31 22.31 -0.35
C ILE B 92 52.06 22.04 0.48
N ARG B 93 51.92 20.83 1.00
CA ARG B 93 50.84 20.56 1.93
C ARG B 93 51.36 20.60 3.36
N GLY B 94 50.42 20.55 4.31
CA GLY B 94 50.74 20.90 5.68
C GLY B 94 51.79 19.99 6.30
N ASP B 95 51.60 18.68 6.18
CA ASP B 95 52.52 17.74 6.83
C ASP B 95 53.73 17.43 5.96
N GLU B 96 54.38 18.48 5.48
CA GLU B 96 55.62 18.33 4.73
C GLU B 96 56.69 19.34 5.14
N VAL B 97 56.35 20.35 5.95
CA VAL B 97 57.31 21.40 6.28
C VAL B 97 58.48 20.84 7.09
N ARG B 98 58.32 19.68 7.70
CA ARG B 98 59.43 19.04 8.39
C ARG B 98 60.56 18.66 7.45
N GLN B 99 60.28 18.44 6.16
CA GLN B 99 61.33 18.00 5.25
C GLN B 99 62.21 19.14 4.75
N ILE B 100 61.77 20.39 4.94
CA ILE B 100 62.55 21.52 4.42
C ILE B 100 63.85 21.71 5.18
N ALA B 101 63.81 21.69 6.51
CA ALA B 101 64.98 22.01 7.32
C ALA B 101 66.16 21.10 6.97
N PRO B 102 67.39 21.60 7.17
CA PRO B 102 68.58 20.79 6.87
C PRO B 102 68.52 19.42 7.53
N GLY B 103 69.19 18.45 6.90
CA GLY B 103 69.02 17.08 7.32
C GLY B 103 67.58 16.66 7.09
N GLN B 104 67.08 15.83 8.01
CA GLN B 104 65.67 15.43 8.04
C GLN B 104 65.21 14.93 6.67
N THR B 105 65.82 13.81 6.26
CA THR B 105 65.49 13.21 4.97
C THR B 105 64.02 12.83 4.91
N GLY B 106 63.43 12.99 3.73
CA GLY B 106 62.02 12.71 3.52
C GLY B 106 61.71 12.50 2.06
N LYS B 107 60.49 12.85 1.65
CA LYS B 107 60.09 12.66 0.27
C LYS B 107 60.60 13.79 -0.61
N ILE B 108 60.11 15.01 -0.38
CA ILE B 108 60.63 16.16 -1.11
C ILE B 108 61.75 16.76 -0.28
N ALA B 109 62.88 16.06 -0.27
CA ALA B 109 64.14 16.61 0.21
C ALA B 109 65.30 16.11 -0.63
N ASP B 110 65.06 15.20 -1.56
CA ASP B 110 66.07 14.70 -2.46
C ASP B 110 65.62 14.75 -3.91
N TYR B 111 64.40 15.20 -4.18
CA TYR B 111 63.82 15.17 -5.51
C TYR B 111 63.28 16.50 -6.00
N ASN B 112 62.83 17.37 -5.12
CA ASN B 112 62.30 18.66 -5.55
C ASN B 112 63.10 19.84 -5.02
N TYR B 113 63.46 19.83 -3.74
CA TYR B 113 64.18 20.94 -3.13
C TYR B 113 65.26 20.36 -2.21
N LYS B 114 66.45 20.94 -2.27
CA LYS B 114 67.56 20.51 -1.44
C LYS B 114 68.16 21.73 -0.78
N LEU B 115 68.51 21.58 0.50
CA LEU B 115 68.99 22.70 1.31
C LEU B 115 70.10 22.20 2.22
N PRO B 116 71.33 22.69 2.04
CA PRO B 116 72.46 22.15 2.82
C PRO B 116 72.37 22.56 4.28
N ASP B 117 73.31 22.03 5.05
CA ASP B 117 73.27 22.18 6.51
C ASP B 117 73.82 23.53 6.96
N ASP B 118 74.85 24.04 6.30
CA ASP B 118 75.56 25.22 6.79
C ASP B 118 74.83 26.51 6.43
N PHE B 119 74.69 26.76 5.13
CA PHE B 119 74.24 28.06 4.63
C PHE B 119 72.72 28.13 4.47
N THR B 120 72.02 28.28 5.59
CA THR B 120 70.59 28.54 5.58
C THR B 120 70.35 29.92 6.20
N GLY B 121 69.67 30.79 5.45
CA GLY B 121 69.35 32.09 6.03
C GLY B 121 68.34 31.90 7.14
N CYS B 122 67.08 31.63 6.78
CA CYS B 122 66.12 31.00 7.67
C CYS B 122 64.77 30.86 6.95
N VAL B 123 63.88 30.05 7.51
CA VAL B 123 62.69 29.56 6.82
C VAL B 123 61.45 30.22 7.38
N ILE B 124 60.48 30.51 6.50
CA ILE B 124 59.19 31.08 6.86
C ILE B 124 58.11 30.36 6.06
N ALA B 125 56.96 30.13 6.71
CA ALA B 125 55.84 29.45 6.05
C ALA B 125 54.55 29.86 6.73
N TRP B 126 53.45 29.79 5.97
CA TRP B 126 52.15 30.17 6.51
C TRP B 126 51.03 29.50 5.72
N ASN B 127 49.90 29.30 6.39
CA ASN B 127 48.74 28.69 5.77
C ASN B 127 48.11 29.64 4.76
N SER B 128 47.56 29.07 3.69
CA SER B 128 46.79 29.81 2.69
C SER B 128 45.75 28.84 2.13
N ASN B 129 44.55 28.86 2.72
CA ASN B 129 43.46 28.00 2.27
C ASN B 129 42.36 28.79 1.56
N ASN B 130 42.29 30.11 1.78
CA ASN B 130 41.26 30.91 1.15
C ASN B 130 41.74 31.44 -0.19
N LEU B 131 43.05 31.65 -0.32
CA LEU B 131 43.64 32.02 -1.60
C LEU B 131 43.65 30.86 -2.58
N ASP B 132 43.42 29.63 -2.13
CA ASP B 132 43.49 28.45 -2.98
C ASP B 132 42.33 27.53 -2.58
N SER B 133 42.43 26.26 -2.96
CA SER B 133 41.50 25.20 -2.56
C SER B 133 40.07 25.53 -3.00
N LYS B 134 39.90 25.53 -4.32
CA LYS B 134 38.56 25.60 -4.89
C LYS B 134 37.73 24.42 -4.42
N VAL B 135 36.41 24.64 -4.30
CA VAL B 135 35.52 23.60 -3.78
C VAL B 135 35.57 22.35 -4.65
N GLY B 136 35.69 22.53 -5.97
CA GLY B 136 35.74 21.38 -6.85
C GLY B 136 37.05 20.62 -6.84
N GLY B 137 38.16 21.33 -6.66
CA GLY B 137 39.47 20.69 -6.69
C GLY B 137 40.50 21.47 -7.48
N ASN B 138 41.62 21.77 -6.86
CA ASN B 138 42.67 22.57 -7.48
C ASN B 138 43.78 21.66 -8.00
N TYR B 139 44.10 21.80 -9.28
CA TYR B 139 45.15 21.01 -9.92
C TYR B 139 46.15 21.92 -10.62
N ASN B 140 46.44 23.07 -10.04
CA ASN B 140 47.42 24.00 -10.60
C ASN B 140 48.81 23.76 -10.04
N TYR B 141 49.00 22.71 -9.23
CA TYR B 141 50.27 22.46 -8.59
C TYR B 141 50.71 21.03 -8.86
N LEU B 142 52.01 20.85 -9.08
CA LEU B 142 52.61 19.55 -9.35
C LEU B 142 53.85 19.39 -8.49
N TYR B 143 54.43 18.20 -8.54
CA TYR B 143 55.68 17.92 -7.84
C TYR B 143 56.28 16.63 -8.39
N ARG B 144 57.60 16.54 -8.37
CA ARG B 144 58.27 15.35 -8.89
C ARG B 144 58.14 14.19 -7.92
N LEU B 145 58.17 12.97 -8.46
CA LEU B 145 58.07 11.76 -7.66
C LEU B 145 59.24 10.81 -7.87
N PHE B 146 59.72 10.68 -9.10
CA PHE B 146 60.70 9.67 -9.45
C PHE B 146 61.90 10.29 -10.14
N ARG B 147 63.08 9.78 -9.80
CA ARG B 147 64.33 10.24 -10.40
C ARG B 147 65.38 9.16 -10.14
N LYS B 148 66.50 9.25 -10.87
CA LYS B 148 67.53 8.23 -10.78
C LYS B 148 68.51 8.46 -9.65
N SER B 149 68.61 9.68 -9.15
CA SER B 149 69.49 9.99 -8.03
C SER B 149 69.00 11.25 -7.31
N ASN B 150 69.48 11.42 -6.08
CA ASN B 150 69.07 12.54 -5.25
C ASN B 150 69.67 13.84 -5.74
N LEU B 151 68.97 14.94 -5.49
CA LEU B 151 69.41 16.24 -5.96
C LEU B 151 70.55 16.77 -5.10
N LYS B 152 71.43 17.54 -5.72
CA LYS B 152 72.56 18.19 -5.05
C LYS B 152 72.15 19.56 -4.54
N PRO B 153 72.88 20.11 -3.58
CA PRO B 153 72.43 21.35 -2.93
C PRO B 153 72.08 22.46 -3.90
N PHE B 154 70.88 23.02 -3.73
CA PHE B 154 70.39 24.15 -4.50
C PHE B 154 70.40 23.85 -6.01
N GLU B 155 69.78 22.73 -6.36
CA GLU B 155 69.71 22.27 -7.74
C GLU B 155 68.29 22.45 -8.26
N ARG B 156 68.08 22.12 -9.53
CA ARG B 156 66.75 22.22 -10.14
C ARG B 156 66.70 21.35 -11.38
N ASP B 157 65.48 21.10 -11.84
CA ASP B 157 65.24 20.33 -13.06
C ASP B 157 63.79 20.51 -13.47
N ILE B 158 63.55 20.56 -14.78
CA ILE B 158 62.20 20.67 -15.32
C ILE B 158 61.90 19.61 -16.37
N SER B 159 62.86 18.76 -16.74
CA SER B 159 62.65 17.77 -17.78
C SER B 159 61.53 16.80 -17.41
N THR B 160 60.80 16.34 -18.43
CA THR B 160 59.67 15.43 -18.26
C THR B 160 59.84 14.29 -19.26
N GLU B 161 60.51 13.22 -18.84
CA GLU B 161 60.70 12.05 -19.67
C GLU B 161 60.22 10.81 -18.91
N ILE B 162 59.89 9.77 -19.68
CA ILE B 162 59.33 8.56 -19.09
C ILE B 162 60.38 7.86 -18.24
N TYR B 163 59.95 7.33 -17.09
CA TYR B 163 60.86 6.74 -16.13
C TYR B 163 61.11 5.26 -16.39
N GLN B 164 62.34 4.93 -16.81
CA GLN B 164 62.74 3.56 -17.05
C GLN B 164 63.03 2.84 -15.73
N ALA B 165 62.00 2.18 -15.21
CA ALA B 165 62.18 1.37 -14.01
C ALA B 165 62.51 -0.06 -14.40
N GLY B 166 63.58 -0.59 -13.84
CA GLY B 166 64.02 -1.93 -14.17
C GLY B 166 64.95 -1.97 -15.36
N SER B 167 64.81 -3.04 -16.14
CA SER B 167 65.64 -3.27 -17.31
C SER B 167 64.74 -3.65 -18.49
N THR B 168 64.25 -2.64 -19.20
CA THR B 168 63.44 -2.80 -20.39
C THR B 168 63.28 -1.44 -21.08
N PRO B 169 63.41 -1.38 -22.40
CA PRO B 169 63.38 -0.07 -23.08
C PRO B 169 61.94 0.41 -23.30
N CYS B 170 61.62 1.56 -22.72
CA CYS B 170 60.34 2.21 -22.92
C CYS B 170 60.54 3.47 -23.73
N ASN B 171 59.62 3.76 -24.65
CA ASN B 171 59.68 4.98 -25.43
C ASN B 171 58.27 5.51 -25.65
N GLY B 172 57.81 6.39 -24.75
CA GLY B 172 56.51 6.99 -24.91
C GLY B 172 55.35 6.09 -24.51
N VAL B 173 55.60 4.77 -24.48
CA VAL B 173 54.55 3.80 -24.23
C VAL B 173 53.84 4.06 -22.92
N GLU B 174 54.61 4.24 -21.84
CA GLU B 174 54.07 4.50 -20.51
C GLU B 174 53.16 3.36 -20.03
N GLY B 175 53.36 2.17 -20.58
CA GLY B 175 52.50 1.05 -20.26
C GLY B 175 52.83 0.34 -18.96
N PHE B 176 54.01 -0.25 -18.87
CA PHE B 176 54.40 -1.05 -17.72
C PHE B 176 55.89 -0.86 -17.48
N ASN B 177 56.26 -0.73 -16.20
CA ASN B 177 57.62 -0.43 -15.75
C ASN B 177 58.08 0.95 -16.17
N CYS B 178 57.18 1.78 -16.69
CA CYS B 178 57.53 3.13 -17.11
C CYS B 178 56.29 4.00 -17.06
N TYR B 179 56.39 5.13 -16.35
CA TYR B 179 55.24 6.05 -16.18
C TYR B 179 55.75 7.48 -16.05
N PHE B 180 54.82 8.43 -16.07
CA PHE B 180 55.11 9.85 -15.95
C PHE B 180 55.38 10.22 -14.50
N PRO B 181 56.41 11.02 -14.24
CA PRO B 181 56.82 11.33 -12.86
C PRO B 181 56.23 12.59 -12.25
N LEU B 182 55.26 13.24 -12.89
CA LEU B 182 54.66 14.47 -12.36
C LEU B 182 53.20 14.23 -12.07
N GLN B 183 52.77 14.53 -10.85
CA GLN B 183 51.42 14.25 -10.38
C GLN B 183 50.81 15.50 -9.74
N SER B 184 49.48 15.51 -9.70
CA SER B 184 48.75 16.65 -9.15
C SER B 184 48.41 16.42 -7.68
N TYR B 185 48.06 17.51 -6.98
CA TYR B 185 47.80 17.46 -5.55
C TYR B 185 46.32 17.26 -5.23
N GLY B 186 45.48 18.21 -5.62
CA GLY B 186 44.07 18.15 -5.27
C GLY B 186 43.83 18.82 -3.93
N PHE B 187 43.12 19.94 -3.92
CA PHE B 187 42.90 20.71 -2.70
C PHE B 187 41.42 21.01 -2.58
N GLN B 188 40.82 20.56 -1.48
CA GLN B 188 39.39 20.73 -1.21
C GLN B 188 39.23 21.47 0.11
N PRO B 189 38.11 22.18 0.29
CA PRO B 189 37.95 23.01 1.49
C PRO B 189 37.61 22.24 2.76
N THR B 190 37.47 20.92 2.69
CA THR B 190 37.06 20.13 3.86
C THR B 190 38.16 19.19 4.34
N ASN B 191 39.39 19.33 3.85
CA ASN B 191 40.46 18.45 4.28
C ASN B 191 40.89 18.79 5.70
N GLY B 192 41.77 17.94 6.24
CA GLY B 192 42.24 18.13 7.60
C GLY B 192 43.31 19.19 7.70
N VAL B 193 43.83 19.35 8.92
CA VAL B 193 44.85 20.36 9.17
C VAL B 193 46.16 19.99 8.48
N GLY B 194 46.41 18.70 8.28
CA GLY B 194 47.62 18.27 7.63
C GLY B 194 47.55 18.14 6.13
N TYR B 195 46.37 18.28 5.53
CA TYR B 195 46.21 18.19 4.09
C TYR B 195 45.83 19.50 3.43
N GLN B 196 46.07 20.64 4.08
CA GLN B 196 45.73 21.92 3.48
C GLN B 196 46.96 22.58 2.90
N PRO B 197 46.82 23.42 1.88
CA PRO B 197 47.99 24.03 1.24
C PRO B 197 48.65 25.06 2.11
N TYR B 198 49.98 25.09 2.04
CA TYR B 198 50.82 26.02 2.78
C TYR B 198 51.81 26.67 1.83
N ARG B 199 51.99 27.98 1.97
CA ARG B 199 53.00 28.69 1.19
C ARG B 199 54.27 28.83 2.03
N VAL B 200 55.41 28.86 1.34
CA VAL B 200 56.70 28.87 2.01
C VAL B 200 57.66 29.75 1.23
N VAL B 201 58.50 30.47 1.97
CA VAL B 201 59.59 31.27 1.42
C VAL B 201 60.79 31.13 2.34
N VAL B 202 61.99 31.11 1.75
CA VAL B 202 63.23 30.99 2.50
C VAL B 202 64.12 32.17 2.17
N LEU B 203 65.08 32.43 3.05
CA LEU B 203 66.05 33.49 2.87
C LEU B 203 67.46 32.89 2.79
N SER B 204 68.35 33.61 2.12
CA SER B 204 69.72 33.18 1.88
C SER B 204 70.66 34.31 2.27
N PHE B 205 71.33 34.16 3.40
CA PHE B 205 72.23 35.18 3.94
C PHE B 205 73.67 34.73 3.72
N GLU B 206 74.44 35.55 3.00
CA GLU B 206 75.80 35.21 2.64
C GLU B 206 76.73 36.39 2.94
N LEU B 207 78.00 36.22 2.63
CA LEU B 207 79.01 37.25 2.83
C LEU B 207 79.90 37.34 1.60
N LEU B 208 80.31 38.56 1.28
CA LEU B 208 81.16 38.79 0.12
C LEU B 208 82.62 38.48 0.43
N ILE C 21 -60.99 14.11 8.38
CA ILE C 21 -61.34 15.25 7.53
C ILE C 21 -60.08 15.71 6.80
N GLU C 22 -60.28 16.51 5.74
CA GLU C 22 -59.19 16.88 4.85
C GLU C 22 -58.45 18.14 5.29
N GLU C 23 -59.16 19.06 5.96
CA GLU C 23 -58.54 20.31 6.38
C GLU C 23 -57.29 20.06 7.21
N GLN C 24 -57.35 19.06 8.10
CA GLN C 24 -56.22 18.77 8.98
C GLN C 24 -55.02 18.30 8.17
N ALA C 25 -55.23 17.40 7.22
CA ALA C 25 -54.14 16.95 6.37
C ALA C 25 -53.56 18.10 5.58
N LYS C 26 -54.42 18.99 5.08
CA LYS C 26 -53.93 20.13 4.29
C LYS C 26 -53.04 21.03 5.13
N THR C 27 -53.46 21.32 6.37
CA THR C 27 -52.63 22.18 7.21
C THR C 27 -51.33 21.50 7.64
N PHE C 28 -51.40 20.20 7.95
CA PHE C 28 -50.19 19.46 8.30
C PHE C 28 -49.18 19.52 7.15
N LEU C 29 -49.66 19.32 5.92
CA LEU C 29 -48.77 19.43 4.78
C LEU C 29 -48.26 20.85 4.60
N ASP C 30 -49.10 21.84 4.92
CA ASP C 30 -48.69 23.24 4.80
C ASP C 30 -47.53 23.55 5.74
N LYS C 31 -47.45 22.85 6.87
CA LYS C 31 -46.32 23.08 7.77
C LYS C 31 -45.08 22.27 7.35
N PHE C 32 -45.30 21.01 6.95
CA PHE C 32 -44.18 20.18 6.55
C PHE C 32 -43.45 20.75 5.33
N ASN C 33 -44.22 21.32 4.39
CA ASN C 33 -43.62 21.87 3.18
C ASN C 33 -42.73 23.06 3.50
N HIS C 34 -43.01 23.74 4.61
CA HIS C 34 -42.22 24.91 4.96
C HIS C 34 -40.99 24.54 5.77
N GLU C 35 -41.03 23.41 6.48
CA GLU C 35 -39.82 23.01 7.19
C GLU C 35 -38.82 22.29 6.30
N ALA C 36 -39.33 21.40 5.43
CA ALA C 36 -38.46 20.54 4.64
C ALA C 36 -37.56 21.34 3.72
N GLU C 37 -38.06 22.46 3.19
CA GLU C 37 -37.27 23.28 2.28
C GLU C 37 -35.93 23.66 2.90
N ASP C 38 -35.96 24.33 4.06
CA ASP C 38 -34.72 24.79 4.67
C ASP C 38 -33.86 23.64 5.13
N LEU C 39 -34.48 22.62 5.74
CA LEU C 39 -33.65 21.52 6.24
C LEU C 39 -32.88 20.86 5.09
N PHE C 40 -33.58 20.58 3.98
CA PHE C 40 -32.93 19.98 2.82
C PHE C 40 -31.89 20.90 2.21
N TYR C 41 -32.17 22.20 2.16
CA TYR C 41 -31.21 23.14 1.59
C TYR C 41 -29.89 23.06 2.34
N GLN C 42 -29.93 23.15 3.67
CA GLN C 42 -28.68 23.11 4.42
C GLN C 42 -27.99 21.75 4.26
N SER C 43 -28.77 20.66 4.30
CA SER C 43 -28.17 19.34 4.12
C SER C 43 -27.41 19.25 2.80
N SER C 44 -27.99 19.76 1.73
CA SER C 44 -27.34 19.67 0.43
C SER C 44 -26.14 20.61 0.31
N LEU C 45 -26.24 21.81 0.90
CA LEU C 45 -25.11 22.73 0.87
C LEU C 45 -23.89 22.13 1.54
N ALA C 46 -24.09 21.43 2.65
CA ALA C 46 -22.95 20.77 3.31
C ALA C 46 -22.24 19.81 2.36
N SER C 47 -23.01 18.98 1.66
CA SER C 47 -22.41 17.97 0.79
C SER C 47 -21.74 18.60 -0.42
N TRP C 48 -22.33 19.66 -0.97
CA TRP C 48 -21.66 20.37 -2.06
C TRP C 48 -20.33 20.91 -1.59
N ASN C 49 -20.32 21.56 -0.43
CA ASN C 49 -19.09 22.18 0.07
C ASN C 49 -18.02 21.13 0.35
N TYR C 50 -18.43 19.92 0.74
CA TYR C 50 -17.44 18.87 0.90
C TYR C 50 -16.91 18.40 -0.44
N ASN C 51 -17.82 18.08 -1.38
CA ASN C 51 -17.39 17.47 -2.64
C ASN C 51 -16.53 18.43 -3.46
N THR C 52 -16.74 19.74 -3.31
CA THR C 52 -15.96 20.69 -4.09
C THR C 52 -14.53 20.83 -3.58
N ASN C 53 -14.27 20.50 -2.32
CA ASN C 53 -12.97 20.75 -1.70
C ASN C 53 -12.83 19.79 -0.53
N ILE C 54 -12.03 18.74 -0.73
CA ILE C 54 -11.91 17.66 0.26
C ILE C 54 -10.94 18.10 1.36
N THR C 55 -11.39 17.97 2.60
CA THR C 55 -10.58 18.29 3.77
C THR C 55 -10.99 17.34 4.89
N GLU C 56 -10.62 17.68 6.13
CA GLU C 56 -10.95 16.85 7.28
C GLU C 56 -11.85 17.53 8.30
N GLU C 57 -12.30 18.76 8.03
CA GLU C 57 -13.36 19.38 8.81
C GLU C 57 -14.69 19.41 8.06
N ASN C 58 -14.64 19.34 6.73
CA ASN C 58 -15.87 19.35 5.95
C ASN C 58 -16.72 18.12 6.20
N VAL C 59 -16.09 16.95 6.35
CA VAL C 59 -16.85 15.73 6.61
C VAL C 59 -17.62 15.84 7.91
N GLN C 60 -17.00 16.41 8.94
CA GLN C 60 -17.68 16.58 10.22
C GLN C 60 -18.72 17.69 10.14
N ASN C 61 -18.52 18.67 9.25
CA ASN C 61 -19.52 19.70 9.05
C ASN C 61 -20.72 19.20 8.25
N MET C 62 -20.56 18.12 7.50
CA MET C 62 -21.61 17.56 6.66
C MET C 62 -22.38 16.43 7.31
N ASN C 63 -21.71 15.59 8.10
CA ASN C 63 -22.37 14.42 8.66
C ASN C 63 -23.48 14.80 9.63
N ASN C 64 -23.24 15.81 10.47
CA ASN C 64 -24.25 16.23 11.43
C ASN C 64 -25.46 16.83 10.72
N ALA C 65 -25.22 17.63 9.67
CA ALA C 65 -26.33 18.18 8.90
C ALA C 65 -27.16 17.08 8.24
N GLY C 66 -26.50 16.03 7.75
CA GLY C 66 -27.26 14.91 7.20
C GLY C 66 -28.06 14.17 8.25
N ASP C 67 -27.46 13.97 9.43
CA ASP C 67 -28.14 13.28 10.51
C ASP C 67 -29.36 14.07 10.97
N LYS C 68 -29.27 15.39 10.99
CA LYS C 68 -30.42 16.22 11.36
C LYS C 68 -31.60 15.99 10.43
N TRP C 69 -31.33 15.98 9.12
CA TRP C 69 -32.39 15.76 8.14
C TRP C 69 -32.99 14.37 8.31
N SER C 70 -32.14 13.36 8.51
CA SER C 70 -32.66 12.00 8.72
C SER C 70 -33.58 11.94 9.93
N ALA C 71 -33.16 12.55 11.05
CA ALA C 71 -33.95 12.50 12.28
C ALA C 71 -35.28 13.21 12.10
N PHE C 72 -35.25 14.42 11.51
CA PHE C 72 -36.50 15.14 11.29
C PHE C 72 -37.45 14.35 10.41
N LEU C 73 -36.93 13.74 9.34
CA LEU C 73 -37.80 12.97 8.46
C LEU C 73 -38.42 11.79 9.19
N LYS C 74 -37.63 11.08 10.01
CA LYS C 74 -38.19 9.95 10.73
C LYS C 74 -39.26 10.38 11.73
N GLU C 75 -39.01 11.49 12.45
CA GLU C 75 -39.99 11.98 13.41
C GLU C 75 -41.31 12.34 12.72
N GLN C 76 -41.22 13.09 11.62
CA GLN C 76 -42.46 13.49 10.94
C GLN C 76 -43.15 12.29 10.31
N SER C 77 -42.39 11.30 9.86
CA SER C 77 -43.00 10.06 9.36
C SER C 77 -43.80 9.38 10.44
N THR C 78 -43.21 9.17 11.62
CA THR C 78 -43.94 8.52 12.69
C THR C 78 -45.09 9.38 13.21
N LEU C 79 -45.05 10.69 12.99
CA LEU C 79 -46.17 11.53 13.41
C LEU C 79 -47.33 11.48 12.43
N ALA C 80 -47.04 11.33 11.13
CA ALA C 80 -48.10 11.46 10.13
C ALA C 80 -49.07 10.29 10.12
N GLN C 81 -48.88 9.29 10.98
CA GLN C 81 -49.75 8.12 10.95
C GLN C 81 -51.11 8.37 11.60
N MET C 82 -51.34 9.54 12.17
CA MET C 82 -52.58 9.80 12.89
C MET C 82 -53.75 10.07 11.97
N TYR C 83 -53.56 9.94 10.65
CA TYR C 83 -54.66 10.21 9.75
C TYR C 83 -55.05 8.97 8.96
N PRO C 84 -56.28 8.49 9.10
CA PRO C 84 -56.73 7.36 8.30
C PRO C 84 -56.82 7.75 6.83
N LEU C 85 -56.22 6.92 5.97
CA LEU C 85 -56.02 7.29 4.59
C LEU C 85 -57.26 7.12 3.72
N GLN C 86 -58.13 6.17 4.05
CA GLN C 86 -59.23 5.80 3.15
C GLN C 86 -60.38 6.79 3.17
N GLU C 87 -60.20 7.98 3.75
CA GLU C 87 -61.24 8.99 3.78
C GLU C 87 -60.99 10.13 2.79
N ILE C 88 -59.85 10.13 2.13
CA ILE C 88 -59.41 11.26 1.32
C ILE C 88 -59.82 11.06 -0.12
N GLN C 89 -60.30 12.12 -0.76
CA GLN C 89 -60.69 12.08 -2.16
C GLN C 89 -59.87 12.98 -3.07
N ASN C 90 -59.17 13.97 -2.53
CA ASN C 90 -58.25 14.76 -3.34
C ASN C 90 -57.01 13.93 -3.66
N LEU C 91 -56.81 13.66 -4.95
CA LEU C 91 -55.73 12.77 -5.36
C LEU C 91 -54.36 13.28 -4.93
N THR C 92 -54.16 14.60 -4.92
CA THR C 92 -52.84 15.16 -4.64
C THR C 92 -52.41 14.88 -3.20
N VAL C 93 -53.25 15.26 -2.23
CA VAL C 93 -52.91 15.00 -0.84
C VAL C 93 -52.88 13.50 -0.58
N LYS C 94 -53.67 12.73 -1.31
CA LYS C 94 -53.61 11.28 -1.19
C LYS C 94 -52.22 10.77 -1.55
N LEU C 95 -51.69 11.21 -2.68
CA LEU C 95 -50.36 10.79 -3.11
C LEU C 95 -49.30 11.25 -2.12
N GLN C 96 -49.40 12.50 -1.65
CA GLN C 96 -48.41 13.01 -0.71
C GLN C 96 -48.39 12.19 0.58
N LEU C 97 -49.56 11.96 1.17
CA LEU C 97 -49.62 11.18 2.40
C LEU C 97 -49.13 9.76 2.17
N GLN C 98 -49.52 9.15 1.04
CA GLN C 98 -49.04 7.81 0.73
C GLN C 98 -47.52 7.76 0.65
N ALA C 99 -46.91 8.80 0.10
CA ALA C 99 -45.45 8.86 0.01
C ALA C 99 -44.81 9.18 1.36
N LEU C 100 -45.57 9.75 2.30
CA LEU C 100 -45.02 10.06 3.61
C LEU C 100 -45.36 9.01 4.66
N GLN C 101 -46.47 8.29 4.51
CA GLN C 101 -46.92 7.31 5.50
C GLN C 101 -46.12 6.01 5.45
N GLN C 102 -45.19 5.87 4.52
CA GLN C 102 -44.40 4.65 4.41
C GLN C 102 -43.60 4.42 5.69
N ASN C 103 -43.11 3.18 5.85
CA ASN C 103 -42.55 2.74 7.11
C ASN C 103 -41.07 2.40 6.99
N GLY C 104 -40.68 1.79 5.87
CA GLY C 104 -39.28 1.46 5.65
C GLY C 104 -38.83 0.26 6.44
N SER C 105 -37.55 0.21 6.77
CA SER C 105 -36.97 -0.92 7.49
C SER C 105 -37.09 -0.79 9.00
N SER C 106 -37.65 0.31 9.51
CA SER C 106 -37.82 0.47 10.94
C SER C 106 -39.07 -0.26 11.44
N VAL C 107 -39.18 -1.54 11.07
CA VAL C 107 -40.28 -2.38 11.55
C VAL C 107 -39.81 -3.65 12.21
N LEU C 108 -38.58 -4.10 11.95
CA LEU C 108 -38.02 -5.27 12.61
C LEU C 108 -37.65 -4.94 14.05
N SER C 109 -37.14 -5.95 14.75
CA SER C 109 -36.54 -5.73 16.05
C SER C 109 -35.27 -4.89 15.90
N GLU C 110 -34.66 -4.56 17.03
CA GLU C 110 -33.46 -3.75 17.01
C GLU C 110 -32.25 -4.56 16.58
N ASP C 111 -32.01 -5.69 17.26
CA ASP C 111 -30.83 -6.49 16.95
C ASP C 111 -30.87 -7.04 15.53
N LYS C 112 -32.08 -7.23 14.99
CA LYS C 112 -32.19 -7.65 13.60
C LYS C 112 -31.70 -6.55 12.65
N SER C 113 -32.04 -5.30 12.94
CA SER C 113 -31.52 -4.20 12.14
C SER C 113 -30.00 -4.12 12.26
N LYS C 114 -29.46 -4.34 13.46
CA LYS C 114 -28.02 -4.34 13.60
C LYS C 114 -27.36 -5.42 12.75
N ARG C 115 -27.93 -6.62 12.78
CA ARG C 115 -27.37 -7.72 11.98
C ARG C 115 -27.43 -7.39 10.49
N LEU C 116 -28.54 -6.84 10.02
CA LEU C 116 -28.65 -6.51 8.61
C LEU C 116 -27.63 -5.47 8.20
N ASN C 117 -27.47 -4.42 9.02
CA ASN C 117 -26.50 -3.38 8.68
C ASN C 117 -25.08 -3.92 8.65
N THR C 118 -24.75 -4.79 9.60
CA THR C 118 -23.41 -5.38 9.60
C THR C 118 -23.17 -6.22 8.35
N ILE C 119 -24.18 -6.99 7.93
CA ILE C 119 -24.03 -7.82 6.73
C ILE C 119 -23.80 -6.94 5.51
N LEU C 120 -24.58 -5.87 5.38
CA LEU C 120 -24.45 -4.99 4.21
C LEU C 120 -23.06 -4.34 4.17
N ASN C 121 -22.59 -3.86 5.32
CA ASN C 121 -21.28 -3.23 5.35
C ASN C 121 -20.18 -4.23 5.01
N THR C 122 -20.27 -5.45 5.55
CA THR C 122 -19.24 -6.44 5.26
C THR C 122 -19.20 -6.76 3.78
N MET C 123 -20.35 -6.93 3.15
CA MET C 123 -20.38 -7.21 1.71
C MET C 123 -19.76 -6.06 0.92
N SER C 124 -20.08 -4.83 1.29
CA SER C 124 -19.53 -3.68 0.57
C SER C 124 -18.01 -3.64 0.65
N THR C 125 -17.45 -3.82 1.84
CA THR C 125 -15.99 -3.75 1.94
C THR C 125 -15.32 -4.94 1.25
N ILE C 126 -15.90 -6.13 1.36
CA ILE C 126 -15.32 -7.29 0.68
C ILE C 126 -15.26 -7.05 -0.81
N TYR C 127 -16.31 -6.45 -1.38
CA TYR C 127 -16.24 -6.13 -2.80
C TYR C 127 -15.19 -5.06 -3.08
N SER C 128 -15.06 -4.06 -2.20
CA SER C 128 -14.20 -2.93 -2.51
C SER C 128 -12.72 -3.29 -2.46
N THR C 129 -12.29 -4.06 -1.47
CA THR C 129 -10.85 -4.26 -1.29
C THR C 129 -10.39 -5.71 -1.37
N GLY C 130 -10.83 -6.45 -2.39
CA GLY C 130 -10.31 -7.79 -2.59
C GLY C 130 -9.11 -7.81 -3.50
N LYS C 131 -8.32 -8.89 -3.39
CA LYS C 131 -7.04 -8.96 -4.08
C LYS C 131 -6.81 -10.37 -4.63
N VAL C 132 -6.10 -10.46 -5.75
CA VAL C 132 -5.63 -11.73 -6.30
C VAL C 132 -4.19 -11.53 -6.77
N CYS C 133 -3.35 -12.54 -6.57
CA CYS C 133 -1.94 -12.43 -6.95
C CYS C 133 -1.47 -13.63 -7.74
N ASN C 134 -0.42 -13.38 -8.51
CA ASN C 134 0.06 -14.33 -9.51
C ASN C 134 0.65 -15.56 -8.83
N PRO C 135 0.33 -16.78 -9.30
CA PRO C 135 0.94 -17.98 -8.71
C PRO C 135 2.42 -18.09 -8.98
N ASP C 136 2.93 -17.50 -10.07
CA ASP C 136 4.35 -17.53 -10.36
C ASP C 136 5.14 -16.71 -9.34
N ASN C 137 4.81 -15.43 -9.24
CA ASN C 137 5.44 -14.50 -8.30
C ASN C 137 4.40 -14.04 -7.28
N PRO C 138 4.30 -14.72 -6.13
CA PRO C 138 3.17 -14.48 -5.23
C PRO C 138 3.29 -13.20 -4.42
N GLN C 139 4.22 -12.33 -4.79
CA GLN C 139 4.40 -11.08 -4.06
C GLN C 139 3.76 -9.88 -4.76
N GLU C 140 3.06 -10.08 -5.87
CA GLU C 140 2.41 -9.01 -6.60
C GLU C 140 0.92 -9.30 -6.74
N CYS C 141 0.10 -8.55 -5.99
CA CYS C 141 -1.34 -8.71 -6.03
C CYS C 141 -1.97 -7.50 -6.71
N LEU C 142 -3.10 -7.74 -7.37
CA LEU C 142 -3.82 -6.72 -8.12
C LEU C 142 -5.24 -6.57 -7.59
N LEU C 143 -5.75 -5.35 -7.69
CA LEU C 143 -7.12 -5.02 -7.29
C LEU C 143 -8.04 -5.13 -8.49
N LEU C 144 -9.31 -4.79 -8.28
CA LEU C 144 -10.29 -4.91 -9.35
C LEU C 144 -10.20 -3.76 -10.33
N GLU C 145 -10.39 -2.52 -9.85
CA GLU C 145 -10.46 -1.40 -10.77
C GLU C 145 -9.12 -1.16 -11.47
N PRO C 146 -8.04 -0.78 -10.79
CA PRO C 146 -6.76 -0.63 -11.51
C PRO C 146 -6.08 -1.97 -11.71
N GLY C 147 -6.14 -2.47 -12.95
CA GLY C 147 -5.35 -3.63 -13.34
C GLY C 147 -6.11 -4.85 -13.80
N LEU C 148 -7.15 -5.27 -13.08
CA LEU C 148 -7.92 -6.42 -13.53
C LEU C 148 -8.82 -6.05 -14.70
N ASN C 149 -9.47 -4.89 -14.62
CA ASN C 149 -10.21 -4.37 -15.76
C ASN C 149 -9.30 -4.17 -16.95
N GLU C 150 -8.06 -3.73 -16.70
CA GLU C 150 -7.10 -3.55 -17.78
C GLU C 150 -6.77 -4.87 -18.47
N ILE C 151 -6.45 -5.91 -17.69
CA ILE C 151 -6.17 -7.22 -18.27
C ILE C 151 -7.36 -7.72 -19.06
N MET C 152 -8.58 -7.52 -18.54
CA MET C 152 -9.75 -8.08 -19.21
C MET C 152 -10.18 -7.28 -20.43
N ALA C 153 -9.90 -5.98 -20.49
CA ALA C 153 -10.36 -5.15 -21.58
C ALA C 153 -9.29 -4.85 -22.62
N ASN C 154 -8.04 -5.21 -22.37
CA ASN C 154 -6.97 -4.93 -23.32
C ASN C 154 -6.30 -6.16 -23.92
N SER C 155 -6.27 -7.28 -23.20
CA SER C 155 -5.43 -8.40 -23.61
C SER C 155 -5.99 -9.09 -24.84
N LEU C 156 -5.17 -9.97 -25.42
CA LEU C 156 -5.54 -10.83 -26.54
C LEU C 156 -4.96 -12.22 -26.37
N ASP C 157 -4.58 -12.55 -25.14
CA ASP C 157 -3.96 -13.82 -24.79
C ASP C 157 -4.98 -14.70 -24.09
N TYR C 158 -5.22 -15.89 -24.64
CA TYR C 158 -6.25 -16.77 -24.11
C TYR C 158 -5.98 -17.14 -22.65
N ASN C 159 -4.74 -17.51 -22.33
CA ASN C 159 -4.45 -18.05 -21.01
C ASN C 159 -4.53 -16.97 -19.93
N GLU C 160 -4.07 -15.76 -20.24
CA GLU C 160 -4.13 -14.68 -19.26
C GLU C 160 -5.58 -14.31 -18.96
N ARG C 161 -6.42 -14.24 -19.99
CA ARG C 161 -7.83 -13.94 -19.78
C ARG C 161 -8.51 -15.03 -18.98
N LEU C 162 -8.18 -16.29 -19.25
CA LEU C 162 -8.77 -17.37 -18.46
C LEU C 162 -8.34 -17.27 -17.00
N TRP C 163 -7.07 -17.01 -16.75
CA TRP C 163 -6.60 -16.85 -15.37
C TRP C 163 -7.35 -15.73 -14.66
N ALA C 164 -7.50 -14.59 -15.33
CA ALA C 164 -8.15 -13.45 -14.71
C ALA C 164 -9.63 -13.72 -14.44
N TRP C 165 -10.32 -14.33 -15.40
CA TRP C 165 -11.73 -14.62 -15.21
C TRP C 165 -11.98 -15.64 -14.13
N GLU C 166 -11.08 -16.61 -13.97
CA GLU C 166 -11.30 -17.65 -12.97
C GLU C 166 -10.92 -17.19 -11.57
N SER C 167 -9.80 -16.48 -11.43
CA SER C 167 -9.27 -16.19 -10.09
C SER C 167 -10.16 -15.22 -9.33
N TRP C 168 -10.71 -14.21 -10.01
CA TRP C 168 -11.59 -13.27 -9.32
C TRP C 168 -12.73 -13.99 -8.63
N ARG C 169 -13.44 -14.84 -9.36
CA ARG C 169 -14.54 -15.59 -8.77
C ARG C 169 -14.03 -16.54 -7.69
N SER C 170 -13.00 -17.32 -8.00
CA SER C 170 -12.55 -18.35 -7.06
C SER C 170 -12.05 -17.79 -5.75
N GLU C 171 -11.62 -16.53 -5.72
CA GLU C 171 -11.07 -15.98 -4.49
C GLU C 171 -12.02 -15.02 -3.78
N VAL C 172 -12.89 -14.34 -4.51
CA VAL C 172 -13.75 -13.35 -3.86
C VAL C 172 -15.20 -13.84 -3.79
N GLY C 173 -15.69 -14.48 -4.85
CA GLY C 173 -17.08 -14.91 -4.85
C GLY C 173 -17.41 -15.84 -3.70
N LYS C 174 -16.50 -16.74 -3.35
CA LYS C 174 -16.78 -17.69 -2.28
C LYS C 174 -17.03 -16.99 -0.96
N GLN C 175 -16.24 -15.98 -0.62
CA GLN C 175 -16.44 -15.23 0.61
C GLN C 175 -17.83 -14.64 0.72
N LEU C 176 -18.54 -14.47 -0.40
CA LEU C 176 -19.83 -13.82 -0.39
C LEU C 176 -21.00 -14.80 -0.37
N ARG C 177 -20.74 -16.09 -0.24
CA ARG C 177 -21.86 -17.02 -0.28
C ARG C 177 -22.61 -17.07 1.05
N PRO C 178 -21.94 -17.32 2.19
CA PRO C 178 -22.70 -17.44 3.45
C PRO C 178 -23.29 -16.14 3.95
N LEU C 179 -22.91 -14.99 3.38
CA LEU C 179 -23.54 -13.74 3.78
C LEU C 179 -24.84 -13.53 3.02
N TYR C 180 -24.79 -13.69 1.69
CA TYR C 180 -26.00 -13.60 0.88
C TYR C 180 -27.08 -14.54 1.39
N GLU C 181 -26.68 -15.76 1.76
CA GLU C 181 -27.65 -16.75 2.23
C GLU C 181 -28.44 -16.27 3.44
N GLU C 182 -27.93 -15.28 4.18
CA GLU C 182 -28.73 -14.69 5.26
C GLU C 182 -29.44 -13.44 4.81
N TYR C 183 -28.75 -12.60 4.02
CA TYR C 183 -29.32 -11.36 3.52
C TYR C 183 -30.72 -11.60 2.96
N VAL C 184 -30.83 -12.60 2.08
CA VAL C 184 -32.13 -12.91 1.47
C VAL C 184 -33.19 -13.03 2.55
N VAL C 185 -32.98 -13.95 3.51
CA VAL C 185 -33.99 -14.23 4.52
C VAL C 185 -34.40 -12.95 5.23
N LEU C 186 -33.41 -12.17 5.68
CA LEU C 186 -33.75 -11.00 6.49
C LEU C 186 -34.59 -10.04 5.67
N LYS C 187 -34.19 -9.78 4.43
CA LYS C 187 -34.95 -8.86 3.61
C LYS C 187 -36.37 -9.35 3.42
N ASN C 188 -36.54 -10.67 3.25
CA ASN C 188 -37.88 -11.20 3.07
C ASN C 188 -38.75 -10.90 4.28
N GLU C 189 -38.19 -11.07 5.48
CA GLU C 189 -38.94 -10.71 6.68
C GLU C 189 -39.35 -9.25 6.64
N MET C 190 -38.40 -8.37 6.33
CA MET C 190 -38.68 -6.95 6.32
C MET C 190 -39.75 -6.61 5.30
N ALA C 191 -39.89 -7.43 4.25
CA ALA C 191 -40.94 -7.17 3.28
C ALA C 191 -42.28 -7.69 3.76
N ARG C 192 -42.30 -8.87 4.36
CA ARG C 192 -43.57 -9.47 4.74
C ARG C 192 -44.21 -8.76 5.92
N ALA C 193 -43.43 -8.00 6.69
CA ALA C 193 -44.03 -7.18 7.73
C ALA C 193 -44.71 -5.92 7.18
N ASN C 194 -44.71 -5.71 5.87
CA ASN C 194 -45.32 -4.54 5.26
C ASN C 194 -46.38 -4.89 4.22
N HIS C 195 -47.02 -6.04 4.38
CA HIS C 195 -48.15 -6.45 3.52
C HIS C 195 -47.71 -6.65 2.07
N TYR C 196 -46.45 -7.01 1.88
CA TYR C 196 -45.95 -7.51 0.61
C TYR C 196 -45.59 -8.97 0.77
N GLU C 197 -45.70 -9.74 -0.32
CA GLU C 197 -45.44 -11.17 -0.22
C GLU C 197 -43.95 -11.48 -0.14
N ASP C 198 -43.11 -10.71 -0.83
CA ASP C 198 -41.67 -10.93 -0.77
C ASP C 198 -40.97 -9.62 -1.12
N TYR C 199 -39.67 -9.68 -1.35
CA TYR C 199 -38.91 -8.48 -1.66
C TYR C 199 -39.03 -8.08 -3.13
N GLY C 200 -39.13 -9.04 -4.05
CA GLY C 200 -39.33 -8.69 -5.44
C GLY C 200 -40.62 -7.93 -5.67
N ASP C 201 -41.70 -8.37 -5.01
CA ASP C 201 -42.96 -7.66 -5.07
C ASP C 201 -42.90 -6.31 -4.38
N TYR C 202 -41.88 -6.06 -3.57
CA TYR C 202 -41.61 -4.75 -3.01
C TYR C 202 -40.86 -3.86 -3.99
N TRP C 203 -39.97 -4.44 -4.78
CA TRP C 203 -39.24 -3.65 -5.77
C TRP C 203 -40.11 -3.30 -6.97
N ARG C 204 -41.08 -4.13 -7.30
CA ARG C 204 -41.97 -3.84 -8.42
C ARG C 204 -43.06 -2.84 -8.06
N GLY C 205 -42.93 -2.13 -6.95
CA GLY C 205 -43.95 -1.22 -6.49
C GLY C 205 -43.87 0.20 -7.00
N ASP C 206 -43.13 0.46 -8.09
CA ASP C 206 -43.06 1.82 -8.63
C ASP C 206 -43.96 1.96 -9.86
N TYR C 207 -44.08 0.90 -10.65
CA TYR C 207 -44.95 0.89 -11.82
C TYR C 207 -46.35 0.45 -11.40
N GLU C 208 -46.94 1.21 -10.48
CA GLU C 208 -48.22 0.87 -9.90
C GLU C 208 -49.05 2.12 -9.68
N VAL C 209 -50.30 2.09 -10.17
CA VAL C 209 -51.24 3.19 -10.00
C VAL C 209 -52.61 2.62 -9.65
N ASN C 210 -53.47 3.47 -9.09
CA ASN C 210 -54.79 3.04 -8.63
C ASN C 210 -55.78 4.18 -8.75
N GLY C 211 -56.96 3.89 -9.28
CA GLY C 211 -58.06 4.82 -9.27
C GLY C 211 -57.93 6.00 -10.21
N VAL C 212 -57.88 5.74 -11.51
CA VAL C 212 -57.88 6.80 -12.51
C VAL C 212 -58.92 6.44 -13.55
N ASP C 213 -59.43 5.21 -13.49
CA ASP C 213 -60.53 4.72 -14.32
C ASP C 213 -60.17 4.79 -15.81
N GLY C 214 -59.20 3.96 -16.17
CA GLY C 214 -58.77 3.85 -17.54
C GLY C 214 -57.28 3.90 -17.67
N TYR C 215 -56.59 4.10 -16.55
CA TYR C 215 -55.16 4.27 -16.51
C TYR C 215 -54.56 3.45 -15.38
N ASP C 216 -54.96 2.19 -15.26
CA ASP C 216 -54.50 1.35 -14.17
C ASP C 216 -53.29 0.52 -14.59
N TYR C 217 -52.64 -0.07 -13.58
CA TYR C 217 -51.46 -0.91 -13.78
C TYR C 217 -51.20 -1.63 -12.47
N SER C 218 -51.06 -2.95 -12.52
CA SER C 218 -50.84 -3.75 -11.32
C SER C 218 -49.37 -4.17 -11.23
N ARG C 219 -49.04 -4.82 -10.11
CA ARG C 219 -47.68 -5.28 -9.89
C ARG C 219 -47.35 -6.52 -10.69
N GLY C 220 -48.33 -7.40 -10.92
CA GLY C 220 -48.07 -8.62 -11.66
C GLY C 220 -48.07 -8.45 -13.16
N GLN C 221 -48.47 -7.28 -13.64
CA GLN C 221 -48.54 -7.07 -15.08
C GLN C 221 -47.18 -6.72 -15.67
N LEU C 222 -46.28 -6.16 -14.85
CA LEU C 222 -44.96 -5.80 -15.34
C LEU C 222 -44.20 -7.03 -15.82
N ILE C 223 -44.33 -8.14 -15.09
CA ILE C 223 -43.64 -9.38 -15.47
C ILE C 223 -44.09 -9.83 -16.85
N GLU C 224 -45.40 -9.84 -17.08
CA GLU C 224 -45.92 -10.31 -18.36
C GLU C 224 -45.57 -9.36 -19.49
N ASP C 225 -45.59 -8.05 -19.21
CA ASP C 225 -45.19 -7.10 -20.25
C ASP C 225 -43.73 -7.29 -20.64
N VAL C 226 -42.86 -7.48 -19.65
CA VAL C 226 -41.44 -7.71 -19.95
C VAL C 226 -41.26 -8.96 -20.78
N GLU C 227 -41.83 -10.08 -20.32
CA GLU C 227 -41.66 -11.34 -21.03
C GLU C 227 -42.30 -11.33 -22.41
N HIS C 228 -43.31 -10.50 -22.64
CA HIS C 228 -43.97 -10.48 -23.94
C HIS C 228 -43.31 -9.50 -24.91
N THR C 229 -42.64 -8.47 -24.38
CA THR C 229 -41.91 -7.57 -25.25
C THR C 229 -40.50 -8.03 -25.54
N PHE C 230 -39.95 -8.95 -24.74
CA PHE C 230 -38.60 -9.43 -25.03
C PHE C 230 -38.58 -10.33 -26.27
N GLU C 231 -39.63 -11.12 -26.47
CA GLU C 231 -39.59 -12.16 -27.48
C GLU C 231 -39.62 -11.63 -28.91
N GLU C 232 -39.64 -10.32 -29.12
CA GLU C 232 -39.55 -9.75 -30.45
C GLU C 232 -38.16 -9.20 -30.77
N ILE C 233 -37.21 -9.32 -29.84
CA ILE C 233 -35.84 -8.87 -30.10
C ILE C 233 -34.95 -10.03 -30.52
N LYS C 234 -35.40 -11.27 -30.32
CA LYS C 234 -34.56 -12.42 -30.62
C LYS C 234 -34.13 -12.54 -32.08
N PRO C 235 -34.97 -12.26 -33.08
CA PRO C 235 -34.49 -12.37 -34.48
C PRO C 235 -33.33 -11.46 -34.82
N LEU C 236 -33.18 -10.32 -34.14
CA LEU C 236 -32.03 -9.46 -34.39
C LEU C 236 -30.83 -9.87 -33.57
N TYR C 237 -31.06 -10.24 -32.31
CA TYR C 237 -29.96 -10.67 -31.46
C TYR C 237 -29.28 -11.92 -32.01
N GLU C 238 -30.06 -12.82 -32.62
CA GLU C 238 -29.46 -14.04 -33.16
C GLU C 238 -28.50 -13.74 -34.31
N HIS C 239 -28.90 -12.83 -35.20
CA HIS C 239 -28.02 -12.46 -36.30
C HIS C 239 -26.77 -11.75 -35.81
N LEU C 240 -26.92 -10.85 -34.83
CA LEU C 240 -25.75 -10.19 -34.26
C LEU C 240 -24.81 -11.20 -33.62
N HIS C 241 -25.36 -12.16 -32.89
CA HIS C 241 -24.56 -13.19 -32.25
C HIS C 241 -23.79 -14.02 -33.28
N ALA C 242 -24.47 -14.45 -34.35
CA ALA C 242 -23.82 -15.26 -35.35
C ALA C 242 -22.69 -14.50 -36.04
N TYR C 243 -22.91 -13.22 -36.32
CA TYR C 243 -21.87 -12.43 -36.96
C TYR C 243 -20.66 -12.27 -36.04
N VAL C 244 -20.90 -11.98 -34.76
CA VAL C 244 -19.78 -11.81 -33.83
C VAL C 244 -19.00 -13.11 -33.68
N ARG C 245 -19.69 -14.25 -33.69
CA ARG C 245 -18.99 -15.53 -33.59
C ARG C 245 -18.15 -15.79 -34.82
N ALA C 246 -18.72 -15.55 -36.00
CA ALA C 246 -17.95 -15.76 -37.24
C ALA C 246 -16.75 -14.83 -37.33
N LYS C 247 -16.80 -13.67 -36.67
CA LYS C 247 -15.64 -12.79 -36.66
C LYS C 247 -14.64 -13.12 -35.55
N LEU C 248 -15.08 -13.75 -34.46
CA LEU C 248 -14.13 -14.18 -33.45
C LEU C 248 -13.41 -15.47 -33.84
N MET C 249 -13.97 -16.25 -34.77
CA MET C 249 -13.28 -17.47 -35.18
C MET C 249 -11.94 -17.21 -35.87
N ASN C 250 -11.54 -15.96 -36.00
CA ASN C 250 -10.29 -15.60 -36.65
C ASN C 250 -9.22 -15.13 -35.67
N ALA C 251 -9.62 -14.60 -34.52
CA ALA C 251 -8.65 -14.12 -33.53
C ALA C 251 -8.29 -15.17 -32.49
N TYR C 252 -9.08 -16.23 -32.36
CA TYR C 252 -8.75 -17.35 -31.48
C TYR C 252 -9.05 -18.63 -32.23
N PRO C 253 -8.09 -19.12 -33.02
CA PRO C 253 -8.35 -20.31 -33.83
C PRO C 253 -8.33 -21.57 -32.97
N SER C 254 -9.20 -22.51 -33.32
CA SER C 254 -9.26 -23.83 -32.68
C SER C 254 -9.73 -23.75 -31.23
N TYR C 255 -10.42 -22.66 -30.89
CA TYR C 255 -11.03 -22.54 -29.56
C TYR C 255 -12.52 -22.31 -29.60
N ILE C 256 -13.14 -22.09 -30.76
CA ILE C 256 -14.55 -21.79 -30.87
C ILE C 256 -15.13 -22.65 -31.98
N SER C 257 -16.19 -23.39 -31.67
CA SER C 257 -16.86 -24.20 -32.67
C SER C 257 -17.86 -23.34 -33.44
N PRO C 258 -18.13 -23.67 -34.69
CA PRO C 258 -19.02 -22.84 -35.51
C PRO C 258 -20.51 -23.09 -35.30
N ILE C 259 -20.89 -23.98 -34.38
CA ILE C 259 -22.30 -24.17 -34.05
C ILE C 259 -22.56 -24.14 -32.55
N GLY C 260 -21.62 -23.66 -31.75
CA GLY C 260 -21.77 -23.60 -30.32
C GLY C 260 -21.95 -22.18 -29.82
N CYS C 261 -21.84 -22.02 -28.50
CA CYS C 261 -21.97 -20.73 -27.86
C CYS C 261 -20.60 -20.04 -27.80
N LEU C 262 -20.52 -18.93 -27.08
CA LEU C 262 -19.27 -18.19 -26.93
C LEU C 262 -18.72 -18.39 -25.52
N PRO C 263 -17.45 -18.75 -25.37
CA PRO C 263 -16.88 -18.85 -24.02
C PRO C 263 -17.00 -17.52 -23.29
N ALA C 264 -17.23 -17.59 -21.99
CA ALA C 264 -17.66 -16.43 -21.23
C ALA C 264 -16.57 -15.43 -20.95
N HIS C 265 -15.30 -15.76 -21.21
CA HIS C 265 -14.20 -14.87 -20.86
C HIS C 265 -13.60 -14.17 -22.08
N LEU C 266 -14.30 -14.16 -23.21
CA LEU C 266 -13.83 -13.50 -24.42
C LEU C 266 -14.76 -12.39 -24.88
N LEU C 267 -15.41 -11.68 -23.96
CA LEU C 267 -16.45 -10.75 -24.37
C LEU C 267 -16.01 -9.29 -24.28
N GLY C 268 -15.25 -8.94 -23.25
CA GLY C 268 -14.80 -7.56 -23.16
C GLY C 268 -14.72 -6.99 -21.76
N ASP C 269 -15.20 -7.71 -20.76
CA ASP C 269 -15.01 -7.32 -19.37
C ASP C 269 -15.30 -8.54 -18.49
N MET C 270 -15.28 -8.32 -17.18
CA MET C 270 -15.30 -9.43 -16.24
C MET C 270 -16.63 -10.18 -16.26
N TRP C 271 -17.70 -9.55 -16.75
CA TRP C 271 -19.01 -10.18 -16.74
C TRP C 271 -19.65 -10.30 -18.11
N GLY C 272 -19.34 -9.42 -19.04
CA GLY C 272 -20.00 -9.46 -20.33
C GLY C 272 -21.23 -8.58 -20.41
N ARG C 273 -21.27 -7.51 -19.61
CA ARG C 273 -22.43 -6.63 -19.60
C ARG C 273 -22.54 -5.86 -20.91
N PHE C 274 -21.45 -5.23 -21.34
CA PHE C 274 -21.40 -4.54 -22.62
C PHE C 274 -20.40 -5.26 -23.53
N TRP C 275 -20.70 -5.29 -24.82
CA TRP C 275 -19.82 -5.86 -25.81
C TRP C 275 -18.96 -4.82 -26.52
N THR C 276 -18.90 -3.60 -25.98
CA THR C 276 -18.35 -2.49 -26.74
C THR C 276 -16.84 -2.52 -26.89
N ASN C 277 -16.16 -3.50 -26.30
CA ASN C 277 -14.71 -3.61 -26.46
C ASN C 277 -14.31 -4.59 -27.54
N LEU C 278 -15.26 -5.19 -28.25
CA LEU C 278 -14.96 -6.03 -29.39
C LEU C 278 -14.92 -5.25 -30.70
N TYR C 279 -15.16 -3.95 -30.65
CA TYR C 279 -15.29 -3.18 -31.88
C TYR C 279 -14.02 -3.23 -32.72
N SER C 280 -12.85 -3.19 -32.07
CA SER C 280 -11.60 -3.25 -32.80
C SER C 280 -11.45 -4.54 -33.59
N LEU C 281 -12.09 -5.63 -33.14
CA LEU C 281 -12.06 -6.89 -33.87
C LEU C 281 -13.20 -7.04 -34.87
N THR C 282 -14.13 -6.09 -34.92
CA THR C 282 -15.38 -6.31 -35.63
C THR C 282 -15.78 -5.14 -36.53
N VAL C 283 -14.85 -4.27 -36.91
CA VAL C 283 -15.16 -3.19 -37.84
C VAL C 283 -15.53 -3.78 -39.19
N PRO C 284 -16.64 -3.36 -39.79
CA PRO C 284 -16.97 -3.85 -41.13
C PRO C 284 -16.06 -3.32 -42.23
N PHE C 285 -15.57 -2.09 -42.09
CA PHE C 285 -14.65 -1.47 -43.05
C PHE C 285 -13.57 -0.74 -42.24
N GLY C 286 -12.42 -1.39 -42.08
CA GLY C 286 -11.38 -0.87 -41.20
C GLY C 286 -10.53 0.23 -41.80
N GLN C 287 -10.83 0.63 -43.03
CA GLN C 287 -10.06 1.65 -43.74
C GLN C 287 -10.86 2.94 -43.90
N LYS C 288 -11.86 3.14 -43.05
CA LYS C 288 -12.75 4.29 -43.13
C LYS C 288 -13.01 4.79 -41.72
N PRO C 289 -12.18 5.70 -41.21
CA PRO C 289 -12.38 6.19 -39.85
C PRO C 289 -13.67 6.98 -39.71
N ASN C 290 -14.21 6.95 -38.50
CA ASN C 290 -15.45 7.64 -38.21
C ASN C 290 -15.21 9.09 -37.81
N ILE C 291 -16.30 9.85 -37.70
CA ILE C 291 -16.22 11.28 -37.51
C ILE C 291 -15.75 11.60 -36.09
N ASP C 292 -14.70 12.41 -35.98
CA ASP C 292 -14.14 12.83 -34.70
C ASP C 292 -13.61 14.24 -34.86
N VAL C 293 -14.38 15.22 -34.39
CA VAL C 293 -13.99 16.62 -34.45
C VAL C 293 -13.27 16.95 -33.13
N THR C 294 -11.98 16.63 -33.09
CA THR C 294 -11.14 17.00 -31.97
C THR C 294 -10.04 17.97 -32.33
N ASP C 295 -9.38 17.79 -33.47
CA ASP C 295 -8.37 18.75 -33.89
C ASP C 295 -9.01 20.08 -34.29
N ALA C 296 -10.24 20.04 -34.80
CA ALA C 296 -10.96 21.27 -35.09
C ALA C 296 -11.29 22.04 -33.81
N MET C 297 -11.29 21.38 -32.67
CA MET C 297 -11.52 22.05 -31.39
C MET C 297 -10.23 22.51 -30.74
N VAL C 298 -9.08 22.28 -31.38
CA VAL C 298 -7.82 22.86 -30.91
C VAL C 298 -7.18 23.77 -31.95
N ASP C 299 -7.56 23.69 -33.22
CA ASP C 299 -7.12 24.66 -34.21
C ASP C 299 -8.02 25.89 -34.24
N GLN C 300 -9.19 25.81 -33.61
CA GLN C 300 -10.08 26.96 -33.48
C GLN C 300 -10.07 27.57 -32.08
N ALA C 301 -9.25 27.05 -31.18
CA ALA C 301 -9.05 27.61 -29.84
C ALA C 301 -10.37 27.67 -29.06
N TRP C 302 -10.90 26.48 -28.79
CA TRP C 302 -12.12 26.34 -27.99
C TRP C 302 -11.76 26.01 -26.55
N ASP C 303 -12.17 26.88 -25.64
CA ASP C 303 -11.98 26.70 -24.22
C ASP C 303 -13.25 26.11 -23.60
N ALA C 304 -13.30 26.06 -22.27
CA ALA C 304 -14.41 25.40 -21.58
C ALA C 304 -15.73 26.14 -21.81
N GLN C 305 -15.71 27.47 -21.70
CA GLN C 305 -16.94 28.25 -21.73
C GLN C 305 -17.74 28.07 -23.01
N ARG C 306 -17.05 28.00 -24.16
CA ARG C 306 -17.75 28.00 -25.44
C ARG C 306 -18.63 26.78 -25.61
N ILE C 307 -18.19 25.63 -25.07
CA ILE C 307 -18.99 24.41 -25.17
C ILE C 307 -20.33 24.59 -24.47
N PHE C 308 -20.30 25.05 -23.22
CA PHE C 308 -21.55 25.25 -22.48
C PHE C 308 -22.40 26.34 -23.13
N LYS C 309 -21.77 27.36 -23.72
CA LYS C 309 -22.54 28.38 -24.42
C LYS C 309 -23.29 27.78 -25.60
N GLU C 310 -22.62 26.92 -26.37
CA GLU C 310 -23.29 26.28 -27.50
C GLU C 310 -24.41 25.35 -27.04
N ALA C 311 -24.20 24.66 -25.92
CA ALA C 311 -25.25 23.82 -25.36
C ALA C 311 -26.48 24.65 -24.99
N GLU C 312 -26.25 25.77 -24.30
CA GLU C 312 -27.35 26.65 -23.94
C GLU C 312 -28.07 27.17 -25.16
N LYS C 313 -27.33 27.49 -26.23
CA LYS C 313 -27.96 28.00 -27.44
C LYS C 313 -28.82 26.93 -28.10
N PHE C 314 -28.31 25.69 -28.15
CA PHE C 314 -29.12 24.61 -28.68
C PHE C 314 -30.42 24.45 -27.89
N PHE C 315 -30.33 24.49 -26.56
CA PHE C 315 -31.52 24.32 -25.74
C PHE C 315 -32.49 25.47 -25.94
N VAL C 316 -31.97 26.69 -26.12
CA VAL C 316 -32.82 27.84 -26.42
C VAL C 316 -33.52 27.72 -27.76
N SER C 317 -32.87 27.09 -28.75
CA SER C 317 -33.44 27.02 -30.09
C SER C 317 -34.82 26.38 -30.13
N VAL C 318 -35.08 25.39 -29.28
CA VAL C 318 -36.32 24.62 -29.37
C VAL C 318 -37.49 25.26 -28.64
N GLY C 319 -37.28 26.33 -27.89
CA GLY C 319 -38.37 26.97 -27.20
C GLY C 319 -38.39 26.70 -25.72
N LEU C 320 -37.21 26.60 -25.11
CA LEU C 320 -37.06 26.39 -23.69
C LEU C 320 -36.30 27.57 -23.08
N PRO C 321 -36.45 27.80 -21.77
CA PRO C 321 -35.89 29.03 -21.17
C PRO C 321 -34.37 29.11 -21.16
N ASN C 322 -33.87 30.24 -20.68
CA ASN C 322 -32.44 30.52 -20.56
C ASN C 322 -31.91 29.88 -19.28
N MET C 323 -30.70 30.25 -18.89
CA MET C 323 -30.16 29.87 -17.60
C MET C 323 -30.48 30.95 -16.57
N THR C 324 -30.04 30.74 -15.33
CA THR C 324 -30.57 31.48 -14.19
C THR C 324 -29.73 32.67 -13.76
N GLN C 325 -28.58 32.90 -14.41
CA GLN C 325 -27.69 34.01 -14.11
C GLN C 325 -27.01 33.82 -12.75
N GLY C 326 -27.43 32.81 -11.99
CA GLY C 326 -26.74 32.41 -10.78
C GLY C 326 -26.07 31.08 -11.02
N PHE C 327 -26.32 30.54 -12.20
CA PHE C 327 -25.71 29.28 -12.60
C PHE C 327 -24.30 29.48 -13.14
N TRP C 328 -23.94 30.71 -13.53
CA TRP C 328 -22.69 30.95 -14.24
C TRP C 328 -21.54 31.20 -13.28
N GLU C 329 -21.83 31.73 -12.09
CA GLU C 329 -20.76 32.02 -11.13
C GLU C 329 -20.69 31.01 -9.99
N ASN C 330 -21.83 30.44 -9.59
CA ASN C 330 -21.80 29.53 -8.44
C ASN C 330 -21.27 28.16 -8.82
N SER C 331 -21.42 27.74 -10.07
CA SER C 331 -21.00 26.42 -10.49
C SER C 331 -19.48 26.33 -10.53
N MET C 332 -18.98 25.14 -10.85
CA MET C 332 -17.54 24.87 -10.92
C MET C 332 -17.29 24.07 -12.18
N LEU C 333 -16.88 24.77 -13.24
CA LEU C 333 -16.86 24.20 -14.59
C LEU C 333 -15.55 23.53 -14.96
N THR C 334 -14.44 23.83 -14.28
CA THR C 334 -13.15 23.30 -14.67
C THR C 334 -12.33 22.96 -13.44
N ASP C 335 -11.38 22.03 -13.62
CA ASP C 335 -10.55 21.58 -12.52
C ASP C 335 -9.76 22.73 -11.91
N PRO C 336 -9.64 22.78 -10.59
CA PRO C 336 -8.88 23.87 -9.95
C PRO C 336 -7.41 23.82 -10.34
N GLY C 337 -6.81 25.01 -10.40
CA GLY C 337 -5.42 25.10 -10.83
C GLY C 337 -4.46 24.40 -9.89
N ASN C 338 -4.46 24.82 -8.63
CA ASN C 338 -3.71 24.08 -7.61
C ASN C 338 -4.19 22.64 -7.58
N VAL C 339 -3.27 21.73 -7.25
CA VAL C 339 -3.63 20.32 -7.17
C VAL C 339 -4.50 20.17 -5.93
N GLN C 340 -5.81 20.19 -6.12
CA GLN C 340 -6.78 20.33 -5.05
C GLN C 340 -7.63 19.07 -4.99
N LYS C 341 -7.72 18.47 -3.81
CA LYS C 341 -8.53 17.26 -3.66
C LYS C 341 -9.99 17.61 -3.88
N ALA C 342 -10.52 17.20 -5.04
CA ALA C 342 -11.91 17.49 -5.39
C ALA C 342 -12.35 16.41 -6.39
N VAL C 343 -13.15 15.46 -5.91
CA VAL C 343 -13.63 14.39 -6.77
C VAL C 343 -14.37 14.99 -7.96
N CYS C 344 -14.15 14.42 -9.13
CA CYS C 344 -14.72 14.94 -10.37
C CYS C 344 -15.45 13.82 -11.10
N HIS C 345 -16.76 13.75 -10.88
CA HIS C 345 -17.64 12.88 -11.65
C HIS C 345 -18.80 13.73 -12.15
N PRO C 346 -18.93 13.93 -13.45
CA PRO C 346 -19.84 14.98 -13.95
C PRO C 346 -21.28 14.79 -13.52
N THR C 347 -21.79 15.71 -12.70
CA THR C 347 -23.13 15.60 -12.16
C THR C 347 -23.84 16.95 -12.25
N ALA C 348 -25.16 16.89 -12.12
CA ALA C 348 -26.01 18.07 -12.06
C ALA C 348 -26.69 18.12 -10.70
N TRP C 349 -26.63 19.27 -10.04
CA TRP C 349 -27.11 19.43 -8.68
C TRP C 349 -28.32 20.34 -8.66
N ASP C 350 -29.36 19.89 -7.97
CA ASP C 350 -30.54 20.70 -7.66
C ASP C 350 -30.58 20.88 -6.16
N LEU C 351 -30.04 22.01 -5.68
CA LEU C 351 -29.91 22.22 -4.25
C LEU C 351 -31.26 22.57 -3.62
N GLY C 352 -32.07 23.35 -4.31
CA GLY C 352 -33.33 23.84 -3.78
C GLY C 352 -33.35 25.35 -3.71
N LYS C 353 -34.57 25.87 -3.61
CA LYS C 353 -34.81 27.31 -3.54
C LYS C 353 -34.24 28.02 -4.76
N GLY C 354 -34.54 27.48 -5.93
CA GLY C 354 -34.11 28.08 -7.18
C GLY C 354 -32.62 28.14 -7.36
N ASP C 355 -31.93 27.05 -7.03
CA ASP C 355 -30.50 26.96 -7.18
C ASP C 355 -30.16 25.71 -7.98
N PHE C 356 -29.33 25.87 -9.02
CA PHE C 356 -28.97 24.76 -9.88
C PHE C 356 -27.49 24.89 -10.23
N ARG C 357 -26.78 23.77 -10.20
CA ARG C 357 -25.35 23.81 -10.46
C ARG C 357 -24.91 22.59 -11.24
N ILE C 358 -23.69 22.65 -11.77
CA ILE C 358 -23.06 21.57 -12.51
C ILE C 358 -21.67 21.34 -11.94
N LEU C 359 -21.22 20.09 -11.95
CA LEU C 359 -19.89 19.77 -11.45
C LEU C 359 -19.19 18.82 -12.41
N MET C 360 -18.09 19.29 -13.00
CA MET C 360 -17.26 18.48 -13.88
C MET C 360 -15.96 19.21 -14.12
N CYS C 361 -14.98 18.49 -14.69
CA CYS C 361 -13.67 19.03 -15.05
C CYS C 361 -13.57 18.94 -16.56
N THR C 362 -13.95 20.03 -17.24
CA THR C 362 -14.13 20.01 -18.69
C THR C 362 -12.78 20.00 -19.40
N LYS C 363 -12.44 18.87 -20.01
CA LYS C 363 -11.33 18.82 -20.95
C LYS C 363 -11.83 19.37 -22.29
N VAL C 364 -11.04 19.22 -23.34
CA VAL C 364 -11.42 19.69 -24.68
C VAL C 364 -11.36 18.48 -25.60
N THR C 365 -12.49 17.76 -25.69
CA THR C 365 -12.69 16.69 -26.66
C THR C 365 -14.17 16.72 -27.03
N MET C 366 -14.52 15.97 -28.09
CA MET C 366 -15.93 15.84 -28.42
C MET C 366 -16.67 15.02 -27.37
N ASP C 367 -15.95 14.16 -26.65
CA ASP C 367 -16.56 13.39 -25.58
C ASP C 367 -17.23 14.30 -24.56
N ASP C 368 -16.48 15.28 -24.04
CA ASP C 368 -17.06 16.23 -23.12
C ASP C 368 -18.06 17.14 -23.81
N PHE C 369 -17.92 17.35 -25.12
CA PHE C 369 -18.90 18.11 -25.86
C PHE C 369 -20.27 17.45 -25.82
N LEU C 370 -20.32 16.12 -25.83
CA LEU C 370 -21.61 15.43 -25.71
C LEU C 370 -22.04 15.31 -24.25
N THR C 371 -21.09 15.07 -23.35
CA THR C 371 -21.42 14.98 -21.93
C THR C 371 -22.05 16.26 -21.43
N ALA C 372 -21.66 17.42 -21.98
CA ALA C 372 -22.25 18.67 -21.57
C ALA C 372 -23.75 18.69 -21.85
N HIS C 373 -24.14 18.27 -23.06
CA HIS C 373 -25.56 18.20 -23.38
C HIS C 373 -26.28 17.20 -22.46
N HIS C 374 -25.67 16.04 -22.27
CA HIS C 374 -26.32 15.02 -21.44
C HIS C 374 -26.53 15.52 -20.01
N GLU C 375 -25.62 16.34 -19.50
CA GLU C 375 -25.76 16.83 -18.13
C GLU C 375 -26.72 18.00 -18.04
N MET C 376 -26.70 18.88 -19.04
CA MET C 376 -27.63 20.00 -19.04
C MET C 376 -29.07 19.55 -19.24
N GLY C 377 -29.29 18.38 -19.83
CA GLY C 377 -30.63 17.84 -19.89
C GLY C 377 -31.28 17.70 -18.53
N HIS C 378 -30.51 17.23 -17.54
CA HIS C 378 -31.05 17.07 -16.19
C HIS C 378 -31.44 18.42 -15.59
N ILE C 379 -30.62 19.45 -15.82
CA ILE C 379 -30.93 20.77 -15.27
C ILE C 379 -32.18 21.34 -15.93
N GLN C 380 -32.32 21.16 -17.25
CA GLN C 380 -33.50 21.65 -17.93
C GLN C 380 -34.75 20.88 -17.51
N TYR C 381 -34.59 19.63 -17.08
CA TYR C 381 -35.72 18.90 -16.53
C TYR C 381 -36.06 19.39 -15.13
N ASP C 382 -35.04 19.67 -14.32
CA ASP C 382 -35.28 20.09 -12.94
C ASP C 382 -35.91 21.48 -12.88
N MET C 383 -35.55 22.37 -13.80
CA MET C 383 -36.14 23.71 -13.79
C MET C 383 -37.61 23.72 -14.15
N ALA C 384 -38.22 22.57 -14.44
CA ALA C 384 -39.55 22.58 -15.01
C ALA C 384 -40.63 22.33 -13.97
N TYR C 385 -40.40 21.42 -13.03
CA TYR C 385 -41.40 21.09 -12.02
C TYR C 385 -41.10 21.73 -10.67
N ALA C 386 -40.42 22.86 -10.66
CA ALA C 386 -40.12 23.56 -9.41
C ALA C 386 -41.33 24.29 -8.84
N ALA C 387 -42.50 24.15 -9.45
CA ALA C 387 -43.73 24.75 -8.94
C ALA C 387 -44.62 23.75 -8.23
N GLN C 388 -44.15 22.53 -8.00
CA GLN C 388 -44.93 21.49 -7.34
C GLN C 388 -44.63 21.48 -5.86
N PRO C 389 -45.51 20.87 -5.06
CA PRO C 389 -45.20 20.70 -3.63
C PRO C 389 -43.91 19.93 -3.41
N PHE C 390 -43.36 19.99 -2.20
CA PHE C 390 -42.00 19.50 -1.98
C PHE C 390 -41.87 18.02 -2.28
N LEU C 391 -42.82 17.21 -1.82
CA LEU C 391 -42.69 15.77 -1.93
C LEU C 391 -42.89 15.24 -3.35
N LEU C 392 -43.27 16.08 -4.30
CA LEU C 392 -43.60 15.64 -5.64
C LEU C 392 -42.66 16.25 -6.68
N ARG C 393 -41.37 16.30 -6.37
CA ARG C 393 -40.37 16.77 -7.33
C ARG C 393 -39.42 15.63 -7.64
N ASN C 394 -39.84 14.73 -8.51
CA ASN C 394 -39.04 13.61 -9.01
C ASN C 394 -39.39 13.45 -10.48
N GLY C 395 -38.94 12.34 -11.06
CA GLY C 395 -39.43 11.93 -12.36
C GLY C 395 -40.70 11.11 -12.24
N ALA C 396 -41.30 10.81 -13.39
CA ALA C 396 -42.53 10.01 -13.37
C ALA C 396 -42.28 8.61 -12.82
N ASN C 397 -41.18 7.97 -13.25
CA ASN C 397 -40.69 6.76 -12.63
C ASN C 397 -39.18 6.72 -12.85
N GLU C 398 -38.57 5.54 -12.67
CA GLU C 398 -37.12 5.45 -12.72
C GLU C 398 -36.54 5.65 -14.11
N GLY C 399 -37.35 5.51 -15.16
CA GLY C 399 -36.82 5.51 -16.50
C GLY C 399 -36.85 6.85 -17.23
N PHE C 400 -37.61 7.81 -16.71
CA PHE C 400 -37.80 9.05 -17.45
C PHE C 400 -36.59 9.95 -17.38
N HIS C 401 -35.98 10.06 -16.20
CA HIS C 401 -34.96 11.09 -15.97
C HIS C 401 -33.74 10.88 -16.85
N GLU C 402 -33.40 9.63 -17.16
CA GLU C 402 -32.23 9.39 -18.00
C GLU C 402 -32.57 9.35 -19.48
N ALA C 403 -33.77 8.90 -19.84
CA ALA C 403 -34.16 8.93 -21.24
C ALA C 403 -34.27 10.35 -21.75
N VAL C 404 -34.87 11.24 -20.95
CA VAL C 404 -34.99 12.64 -21.35
C VAL C 404 -33.61 13.26 -21.52
N GLY C 405 -32.67 12.87 -20.67
CA GLY C 405 -31.31 13.37 -20.82
C GLY C 405 -30.59 12.83 -22.03
N GLU C 406 -30.87 11.58 -22.41
CA GLU C 406 -30.09 10.95 -23.46
C GLU C 406 -30.62 11.21 -24.86
N ILE C 407 -31.90 11.52 -25.02
CA ILE C 407 -32.38 11.86 -26.36
C ILE C 407 -31.78 13.15 -26.89
N MET C 408 -31.12 13.94 -26.04
CA MET C 408 -30.42 15.13 -26.50
C MET C 408 -29.05 14.79 -27.07
N SER C 409 -28.25 14.07 -26.29
CA SER C 409 -26.95 13.62 -26.77
C SER C 409 -27.09 12.73 -28.00
N LEU C 410 -28.24 12.07 -28.15
CA LEU C 410 -28.46 11.31 -29.38
C LEU C 410 -28.57 12.22 -30.59
N SER C 411 -29.27 13.34 -30.45
CA SER C 411 -29.54 14.24 -31.57
C SER C 411 -28.57 15.40 -31.66
N ALA C 412 -27.51 15.42 -30.85
CA ALA C 412 -26.51 16.46 -30.92
C ALA C 412 -25.26 16.06 -31.71
N ALA C 413 -25.05 14.76 -31.93
CA ALA C 413 -23.82 14.28 -32.54
C ALA C 413 -24.04 13.73 -33.95
N THR C 414 -24.95 14.34 -34.71
CA THR C 414 -25.16 13.96 -36.11
C THR C 414 -24.22 14.77 -37.00
N PRO C 415 -23.95 14.29 -38.22
CA PRO C 415 -23.09 15.09 -39.12
C PRO C 415 -23.73 16.39 -39.55
N LYS C 416 -25.05 16.44 -39.66
CA LYS C 416 -25.73 17.68 -40.05
C LYS C 416 -25.54 18.76 -38.99
N HIS C 417 -25.95 18.48 -37.75
CA HIS C 417 -25.78 19.45 -36.69
C HIS C 417 -24.31 19.78 -36.47
N LEU C 418 -23.43 18.79 -36.57
CA LEU C 418 -22.01 19.07 -36.40
C LEU C 418 -21.45 19.99 -37.47
N LYS C 419 -21.93 19.87 -38.70
CA LYS C 419 -21.50 20.77 -39.78
C LYS C 419 -22.17 22.12 -39.72
N SER C 420 -23.32 22.24 -39.06
CA SER C 420 -24.01 23.52 -39.03
C SER C 420 -23.41 24.45 -37.99
N ILE C 421 -22.85 23.91 -36.90
CA ILE C 421 -22.28 24.76 -35.87
C ILE C 421 -20.92 25.29 -36.27
N GLY C 422 -20.24 24.63 -37.21
CA GLY C 422 -18.97 25.12 -37.70
C GLY C 422 -17.76 24.29 -37.33
N LEU C 423 -17.94 23.01 -37.02
CA LEU C 423 -16.83 22.13 -36.70
C LEU C 423 -16.46 21.19 -37.83
N LEU C 424 -17.30 21.11 -38.87
CA LEU C 424 -17.03 20.26 -40.03
C LEU C 424 -17.17 21.12 -41.27
N SER C 425 -16.13 21.12 -42.11
CA SER C 425 -16.17 21.91 -43.33
C SER C 425 -17.29 21.40 -44.24
N PRO C 426 -17.93 22.27 -45.01
CA PRO C 426 -19.04 21.82 -45.87
C PRO C 426 -18.60 20.87 -46.98
N ASP C 427 -17.30 20.71 -47.18
CA ASP C 427 -16.82 19.74 -48.16
C ASP C 427 -17.06 18.30 -47.75
N PHE C 428 -17.46 18.07 -46.50
CA PHE C 428 -17.66 16.72 -46.01
C PHE C 428 -18.93 16.12 -46.60
N GLN C 429 -18.81 14.91 -47.15
CA GLN C 429 -19.94 14.17 -47.69
C GLN C 429 -20.13 12.88 -46.89
N GLU C 430 -21.18 12.15 -47.24
CA GLU C 430 -21.59 10.96 -46.50
C GLU C 430 -21.47 9.73 -47.41
N ASP C 431 -20.85 8.67 -46.89
CA ASP C 431 -20.83 7.37 -47.54
C ASP C 431 -21.50 6.34 -46.66
N ASN C 432 -22.24 5.43 -47.28
CA ASN C 432 -23.04 4.49 -46.49
C ASN C 432 -22.18 3.53 -45.68
N GLU C 433 -20.92 3.35 -46.04
CA GLU C 433 -20.04 2.52 -45.23
C GLU C 433 -19.85 3.13 -43.84
N THR C 434 -19.69 4.45 -43.78
CA THR C 434 -19.60 5.12 -42.48
C THR C 434 -20.91 4.97 -41.72
N GLU C 435 -22.03 4.98 -42.43
CA GLU C 435 -23.33 4.75 -41.80
C GLU C 435 -23.37 3.39 -41.13
N ILE C 436 -22.93 2.35 -41.84
CA ILE C 436 -22.95 1.00 -41.26
C ILE C 436 -22.00 0.92 -40.08
N ASN C 437 -20.82 1.55 -40.19
CA ASN C 437 -19.89 1.59 -39.07
C ASN C 437 -20.56 2.16 -37.82
N PHE C 438 -21.20 3.32 -37.97
CA PHE C 438 -21.82 3.97 -36.82
C PHE C 438 -22.94 3.12 -36.25
N LEU C 439 -23.79 2.57 -37.12
CA LEU C 439 -24.92 1.78 -36.63
C LEU C 439 -24.45 0.54 -35.88
N LEU C 440 -23.39 -0.12 -36.37
CA LEU C 440 -22.92 -1.30 -35.64
C LEU C 440 -22.26 -0.92 -34.33
N LYS C 441 -21.50 0.18 -34.31
CA LYS C 441 -20.90 0.61 -33.05
C LYS C 441 -21.95 0.96 -32.02
N GLN C 442 -23.13 1.41 -32.47
CA GLN C 442 -24.20 1.70 -31.52
C GLN C 442 -24.91 0.41 -31.10
N ALA C 443 -25.07 -0.54 -32.03
CA ALA C 443 -25.78 -1.77 -31.71
C ALA C 443 -25.01 -2.60 -30.70
N LEU C 444 -23.69 -2.70 -30.87
CA LEU C 444 -22.86 -3.48 -29.95
C LEU C 444 -23.01 -3.04 -28.50
N THR C 445 -23.53 -1.83 -28.26
CA THR C 445 -23.73 -1.33 -26.91
C THR C 445 -25.19 -1.31 -26.49
N ILE C 446 -26.12 -1.10 -27.42
CA ILE C 446 -27.53 -1.02 -27.05
C ILE C 446 -28.15 -2.41 -26.96
N VAL C 447 -27.94 -3.24 -27.98
CA VAL C 447 -28.64 -4.53 -28.00
C VAL C 447 -27.88 -5.58 -27.21
N GLY C 448 -26.58 -5.40 -27.01
CA GLY C 448 -25.80 -6.39 -26.29
C GLY C 448 -26.15 -6.52 -24.82
N THR C 449 -26.86 -5.55 -24.25
CA THR C 449 -27.11 -5.53 -22.81
C THR C 449 -28.55 -5.80 -22.42
N LEU C 450 -29.42 -6.15 -23.36
CA LEU C 450 -30.80 -6.48 -23.00
C LEU C 450 -30.93 -7.91 -22.50
N PRO C 451 -30.37 -8.92 -23.18
CA PRO C 451 -30.46 -10.29 -22.64
C PRO C 451 -29.84 -10.44 -21.26
N PHE C 452 -28.70 -9.81 -21.02
CA PHE C 452 -28.07 -9.92 -19.71
C PHE C 452 -28.97 -9.35 -18.62
N THR C 453 -29.55 -8.17 -18.86
CA THR C 453 -30.42 -7.54 -17.88
C THR C 453 -31.65 -8.39 -17.60
N TYR C 454 -32.31 -8.85 -18.67
CA TYR C 454 -33.49 -9.69 -18.50
C TYR C 454 -33.17 -10.93 -17.69
N MET C 455 -32.06 -11.63 -18.04
CA MET C 455 -31.70 -12.85 -17.34
C MET C 455 -31.43 -12.59 -15.87
N LEU C 456 -30.64 -11.55 -15.56
CA LEU C 456 -30.28 -11.30 -14.17
C LEU C 456 -31.52 -10.99 -13.34
N GLU C 457 -32.39 -10.11 -13.83
CA GLU C 457 -33.55 -9.75 -13.04
C GLU C 457 -34.49 -10.94 -12.86
N LYS C 458 -34.64 -11.77 -13.91
CA LYS C 458 -35.48 -12.95 -13.78
C LYS C 458 -34.95 -13.89 -12.71
N TRP C 459 -33.64 -14.15 -12.72
CA TRP C 459 -33.05 -15.01 -11.70
C TRP C 459 -33.27 -14.46 -10.30
N ARG C 460 -33.09 -13.15 -10.12
CA ARG C 460 -33.26 -12.60 -8.77
C ARG C 460 -34.71 -12.70 -8.31
N TRP C 461 -35.67 -12.43 -9.18
CA TRP C 461 -37.07 -12.57 -8.80
C TRP C 461 -37.38 -14.00 -8.38
N MET C 462 -36.97 -14.97 -9.20
CA MET C 462 -37.26 -16.37 -8.90
C MET C 462 -36.57 -16.81 -7.62
N VAL C 463 -35.40 -16.26 -7.29
CA VAL C 463 -34.75 -16.63 -6.04
C VAL C 463 -35.48 -16.02 -4.86
N PHE C 464 -35.92 -14.78 -4.98
CA PHE C 464 -36.56 -14.12 -3.86
C PHE C 464 -37.92 -14.72 -3.53
N LYS C 465 -38.71 -15.05 -4.55
CA LYS C 465 -40.06 -15.52 -4.24
C LYS C 465 -40.08 -16.93 -3.63
N GLY C 466 -39.11 -17.79 -3.97
CA GLY C 466 -39.00 -19.09 -3.35
C GLY C 466 -38.98 -20.27 -4.29
N GLU C 467 -39.01 -20.06 -5.61
CA GLU C 467 -39.09 -21.16 -6.55
C GLU C 467 -37.75 -21.82 -6.82
N ILE C 468 -36.69 -21.46 -6.10
CA ILE C 468 -35.39 -22.11 -6.25
C ILE C 468 -34.82 -22.36 -4.85
N PRO C 469 -34.56 -23.61 -4.48
CA PRO C 469 -34.01 -23.88 -3.14
C PRO C 469 -32.58 -23.38 -3.00
N LYS C 470 -31.99 -23.55 -1.81
CA LYS C 470 -30.64 -23.07 -1.54
C LYS C 470 -29.57 -24.02 -2.07
N ASP C 471 -29.94 -25.01 -2.87
CA ASP C 471 -28.93 -25.92 -3.41
C ASP C 471 -29.06 -26.07 -4.92
N GLN C 472 -29.74 -25.13 -5.59
CA GLN C 472 -29.80 -25.13 -7.04
C GLN C 472 -29.59 -23.74 -7.62
N TRP C 473 -28.95 -22.83 -6.90
CA TRP C 473 -28.71 -21.50 -7.42
C TRP C 473 -27.76 -21.54 -8.61
N MET C 474 -26.55 -22.08 -8.40
CA MET C 474 -25.53 -22.08 -9.44
C MET C 474 -25.73 -23.17 -10.47
N LYS C 475 -26.89 -23.80 -10.51
CA LYS C 475 -27.25 -24.70 -11.60
C LYS C 475 -28.28 -24.06 -12.52
N LYS C 476 -29.35 -23.50 -11.93
CA LYS C 476 -30.28 -22.70 -12.72
C LYS C 476 -29.59 -21.50 -13.34
N TRP C 477 -28.61 -20.92 -12.65
CA TRP C 477 -27.89 -19.79 -13.24
C TRP C 477 -27.25 -20.17 -14.56
N TRP C 478 -26.47 -21.24 -14.57
CA TRP C 478 -25.76 -21.60 -15.79
C TRP C 478 -26.63 -22.37 -16.79
N GLU C 479 -27.84 -22.76 -16.42
CA GLU C 479 -28.77 -23.20 -17.46
C GLU C 479 -29.45 -22.02 -18.15
N MET C 480 -29.90 -21.02 -17.36
CA MET C 480 -30.49 -19.84 -17.95
C MET C 480 -29.47 -19.05 -18.77
N LYS C 481 -28.18 -19.17 -18.44
CA LYS C 481 -27.18 -18.48 -19.23
C LYS C 481 -27.09 -19.05 -20.64
N ARG C 482 -27.11 -20.38 -20.79
CA ARG C 482 -27.06 -20.96 -22.13
C ARG C 482 -28.39 -20.84 -22.85
N GLU C 483 -29.49 -20.82 -22.11
CA GLU C 483 -30.80 -20.87 -22.77
C GLU C 483 -31.19 -19.50 -23.34
N ILE C 484 -30.85 -18.42 -22.65
CA ILE C 484 -31.30 -17.09 -23.05
C ILE C 484 -30.19 -16.30 -23.74
N VAL C 485 -29.07 -16.10 -23.05
CA VAL C 485 -28.03 -15.21 -23.57
C VAL C 485 -27.22 -15.91 -24.66
N GLY C 486 -26.85 -17.16 -24.43
CA GLY C 486 -26.05 -17.88 -25.40
C GLY C 486 -24.57 -17.87 -25.08
N VAL C 487 -24.22 -18.10 -23.82
CA VAL C 487 -22.84 -18.00 -23.34
C VAL C 487 -22.58 -19.17 -22.40
N VAL C 488 -21.45 -19.83 -22.57
CA VAL C 488 -21.10 -21.01 -21.79
C VAL C 488 -19.87 -20.71 -20.93
N GLU C 489 -19.74 -21.44 -19.83
CA GLU C 489 -18.62 -21.25 -18.92
C GLU C 489 -17.47 -22.16 -19.30
N PRO C 490 -16.24 -21.78 -18.97
CA PRO C 490 -15.08 -22.59 -19.36
C PRO C 490 -14.65 -23.63 -18.34
N VAL C 491 -15.14 -23.53 -17.11
CA VAL C 491 -14.73 -24.45 -16.04
C VAL C 491 -15.95 -24.72 -15.15
N PRO C 492 -16.21 -25.96 -14.77
CA PRO C 492 -17.45 -26.28 -14.05
C PRO C 492 -17.43 -25.71 -12.63
N HIS C 493 -18.48 -24.95 -12.30
CA HIS C 493 -18.64 -24.34 -10.99
C HIS C 493 -19.67 -25.11 -10.20
N ASP C 494 -19.26 -25.65 -9.06
CA ASP C 494 -20.14 -26.43 -8.19
C ASP C 494 -20.97 -25.50 -7.31
N GLU C 495 -21.62 -26.05 -6.29
CA GLU C 495 -22.54 -25.29 -5.45
C GLU C 495 -21.86 -24.57 -4.29
N THR C 496 -20.56 -24.27 -4.41
CA THR C 496 -19.88 -23.46 -3.42
C THR C 496 -19.56 -22.05 -3.91
N TYR C 497 -19.53 -21.83 -5.22
CA TYR C 497 -19.26 -20.52 -5.77
C TYR C 497 -20.49 -19.63 -5.63
N CYS C 498 -20.32 -18.37 -6.01
CA CYS C 498 -21.43 -17.43 -6.12
C CYS C 498 -21.05 -16.42 -7.19
N ASP C 499 -21.49 -16.67 -8.41
CA ASP C 499 -21.16 -15.83 -9.55
C ASP C 499 -21.99 -14.56 -9.63
N PRO C 500 -23.31 -14.59 -9.40
CA PRO C 500 -24.08 -13.34 -9.49
C PRO C 500 -23.79 -12.35 -8.39
N ALA C 501 -23.03 -12.73 -7.36
CA ALA C 501 -22.69 -11.79 -6.30
C ALA C 501 -21.39 -11.06 -6.54
N SER C 502 -20.74 -11.28 -7.68
CA SER C 502 -19.53 -10.56 -8.05
C SER C 502 -19.80 -9.39 -8.97
N LEU C 503 -20.95 -8.75 -8.82
CA LEU C 503 -21.34 -7.60 -9.63
C LEU C 503 -21.74 -6.48 -8.68
N PHE C 504 -21.53 -5.25 -9.10
CA PHE C 504 -21.68 -4.12 -8.19
C PHE C 504 -23.12 -4.01 -7.68
N HIS C 505 -24.10 -4.29 -8.53
CA HIS C 505 -25.48 -4.03 -8.17
C HIS C 505 -26.06 -5.12 -7.28
N VAL C 506 -25.52 -6.33 -7.34
CA VAL C 506 -26.11 -7.41 -6.58
C VAL C 506 -25.59 -7.42 -5.14
N SER C 507 -24.32 -7.08 -4.94
CA SER C 507 -23.76 -7.08 -3.60
C SER C 507 -23.95 -5.76 -2.86
N ASN C 508 -24.29 -4.69 -3.58
CA ASN C 508 -24.55 -3.39 -2.95
C ASN C 508 -26.04 -3.09 -2.85
N ASP C 509 -26.89 -4.08 -3.14
CA ASP C 509 -28.33 -3.97 -2.91
C ASP C 509 -28.97 -2.83 -3.70
N TYR C 510 -28.93 -2.95 -5.02
CA TYR C 510 -29.58 -2.00 -5.92
C TYR C 510 -30.54 -2.72 -6.83
N SER C 511 -31.43 -1.96 -7.47
CA SER C 511 -32.35 -2.53 -8.43
C SER C 511 -31.75 -2.48 -9.83
N PHE C 512 -32.27 -3.33 -10.72
CA PHE C 512 -31.65 -3.51 -12.03
C PHE C 512 -32.65 -3.44 -13.19
N ILE C 513 -33.94 -3.27 -12.93
CA ILE C 513 -34.92 -3.31 -14.01
C ILE C 513 -35.00 -2.00 -14.80
N ARG C 514 -34.57 -0.88 -14.22
CA ARG C 514 -34.70 0.41 -14.92
C ARG C 514 -33.87 0.45 -16.19
N TYR C 515 -32.74 -0.26 -16.20
CA TYR C 515 -31.87 -0.28 -17.37
C TYR C 515 -32.53 -0.93 -18.58
N TYR C 516 -33.64 -1.62 -18.39
CA TYR C 516 -34.36 -2.26 -19.48
C TYR C 516 -35.49 -1.37 -20.00
N THR C 517 -36.19 -0.67 -19.11
CA THR C 517 -37.29 0.17 -19.54
C THR C 517 -36.81 1.50 -20.11
N ARG C 518 -35.67 1.99 -19.61
CA ARG C 518 -35.12 3.23 -20.15
C ARG C 518 -34.80 3.09 -21.63
N THR C 519 -34.29 1.93 -22.05
CA THR C 519 -33.88 1.75 -23.43
C THR C 519 -35.06 1.74 -24.38
N LEU C 520 -36.25 1.43 -23.89
CA LEU C 520 -37.44 1.51 -24.73
C LEU C 520 -38.05 2.89 -24.72
N TYR C 521 -38.15 3.51 -23.53
CA TYR C 521 -38.67 4.87 -23.46
C TYR C 521 -37.86 5.82 -24.32
N GLN C 522 -36.54 5.61 -24.40
CA GLN C 522 -35.68 6.48 -25.17
C GLN C 522 -36.10 6.53 -26.64
N PHE C 523 -36.19 5.37 -27.27
CA PHE C 523 -36.51 5.35 -28.70
C PHE C 523 -37.97 5.71 -28.94
N GLN C 524 -38.86 5.41 -27.98
CA GLN C 524 -40.24 5.86 -28.13
C GLN C 524 -40.31 7.39 -28.18
N PHE C 525 -39.64 8.06 -27.24
CA PHE C 525 -39.59 9.52 -27.25
C PHE C 525 -38.99 10.04 -28.55
N GLN C 526 -37.91 9.42 -28.99
CA GLN C 526 -37.24 9.91 -30.19
C GLN C 526 -38.15 9.82 -31.41
N GLU C 527 -38.83 8.69 -31.59
CA GLU C 527 -39.71 8.58 -32.75
C GLU C 527 -40.93 9.48 -32.62
N ALA C 528 -41.38 9.73 -31.39
CA ALA C 528 -42.52 10.63 -31.21
C ALA C 528 -42.15 12.07 -31.54
N LEU C 529 -40.92 12.48 -31.21
CA LEU C 529 -40.50 13.85 -31.48
C LEU C 529 -40.05 14.07 -32.91
N CYS C 530 -39.46 13.07 -33.56
CA CYS C 530 -39.01 13.26 -34.94
C CYS C 530 -40.16 13.30 -35.93
N GLN C 531 -41.40 13.16 -35.48
CA GLN C 531 -42.56 13.29 -36.34
C GLN C 531 -43.18 14.69 -36.30
N ALA C 532 -42.95 15.44 -35.22
CA ALA C 532 -43.45 16.80 -35.14
C ALA C 532 -42.52 17.79 -35.83
N ALA C 533 -41.26 17.44 -36.03
CA ALA C 533 -40.30 18.30 -36.70
C ALA C 533 -40.21 18.05 -38.21
N LYS C 534 -41.09 17.20 -38.75
CA LYS C 534 -41.20 16.95 -40.19
C LYS C 534 -39.90 16.38 -40.76
N HIS C 535 -39.51 15.22 -40.24
CA HIS C 535 -38.38 14.48 -40.80
C HIS C 535 -38.83 13.66 -42.00
N GLU C 536 -37.87 13.32 -42.85
CA GLU C 536 -38.25 12.61 -44.08
C GLU C 536 -37.38 11.41 -44.38
N GLY C 537 -36.17 11.33 -43.83
CA GLY C 537 -35.26 10.26 -44.14
C GLY C 537 -35.28 9.15 -43.12
N PRO C 538 -34.13 8.50 -42.91
CA PRO C 538 -34.04 7.46 -41.89
C PRO C 538 -34.08 8.07 -40.49
N LEU C 539 -34.40 7.23 -39.52
CA LEU C 539 -34.62 7.71 -38.16
C LEU C 539 -33.33 8.07 -37.43
N HIS C 540 -32.18 7.59 -37.89
CA HIS C 540 -30.93 7.85 -37.19
C HIS C 540 -30.17 9.07 -37.70
N LYS C 541 -30.71 9.78 -38.69
CA LYS C 541 -30.19 11.07 -39.11
C LYS C 541 -31.05 12.22 -38.62
N CYS C 542 -32.08 11.94 -37.81
CA CYS C 542 -33.05 12.94 -37.42
C CYS C 542 -32.41 14.01 -36.54
N ASP C 543 -33.07 15.16 -36.47
CA ASP C 543 -32.62 16.30 -35.68
C ASP C 543 -33.84 17.12 -35.31
N ILE C 544 -33.80 17.68 -34.10
CA ILE C 544 -34.92 18.46 -33.56
C ILE C 544 -34.57 19.93 -33.38
N SER C 545 -33.44 20.39 -33.91
CA SER C 545 -33.10 21.80 -33.80
C SER C 545 -34.03 22.64 -34.67
N ASN C 546 -34.09 23.94 -34.34
CA ASN C 546 -34.94 24.89 -35.06
C ASN C 546 -36.39 24.45 -35.07
N SER C 547 -36.84 23.86 -33.97
CA SER C 547 -38.21 23.39 -33.86
C SER C 547 -38.95 24.18 -32.79
N THR C 548 -40.28 24.17 -32.88
CA THR C 548 -41.12 24.79 -31.88
C THR C 548 -42.32 23.95 -31.46
N GLU C 549 -42.65 22.90 -32.21
CA GLU C 549 -43.71 21.99 -31.79
C GLU C 549 -43.16 20.87 -30.90
N ALA C 550 -41.97 20.37 -31.23
CA ALA C 550 -41.35 19.35 -30.39
C ALA C 550 -41.05 19.88 -28.99
N GLY C 551 -40.51 21.11 -28.92
CA GLY C 551 -40.25 21.71 -27.63
C GLY C 551 -41.50 21.83 -26.79
N GLN C 552 -42.62 22.21 -27.41
CA GLN C 552 -43.85 22.38 -26.64
C GLN C 552 -44.43 21.04 -26.21
N LYS C 553 -44.36 20.03 -27.09
CA LYS C 553 -44.79 18.69 -26.68
C LYS C 553 -43.99 18.19 -25.48
N LEU C 554 -42.68 18.38 -25.51
CA LEU C 554 -41.85 17.92 -24.41
C LEU C 554 -42.13 18.70 -23.13
N PHE C 555 -42.27 20.03 -23.23
CA PHE C 555 -42.50 20.83 -22.04
C PHE C 555 -43.90 20.59 -21.46
N ASN C 556 -44.83 20.10 -22.28
CA ASN C 556 -46.14 19.75 -21.75
C ASN C 556 -46.12 18.48 -20.92
N MET C 557 -44.98 17.78 -20.89
CA MET C 557 -44.82 16.59 -20.07
C MET C 557 -43.80 16.76 -18.97
N LEU C 558 -42.79 17.61 -19.19
CA LEU C 558 -41.80 17.84 -18.14
C LEU C 558 -42.43 18.45 -16.89
N ARG C 559 -43.44 19.31 -17.07
CA ARG C 559 -43.96 20.12 -15.98
C ARG C 559 -44.88 19.34 -15.04
N LEU C 560 -45.08 18.04 -15.24
CA LEU C 560 -46.02 17.31 -14.39
C LEU C 560 -45.34 16.78 -13.13
N GLY C 561 -44.29 16.00 -13.29
CA GLY C 561 -43.65 15.39 -12.14
C GLY C 561 -44.38 14.12 -11.71
N LYS C 562 -44.43 13.89 -10.41
CA LYS C 562 -45.12 12.73 -9.88
C LYS C 562 -46.60 12.97 -9.60
N SER C 563 -47.11 14.15 -9.90
CA SER C 563 -48.50 14.49 -9.57
C SER C 563 -49.50 13.83 -10.50
N GLU C 564 -49.06 12.94 -11.38
CA GLU C 564 -49.95 12.26 -12.32
C GLU C 564 -49.45 10.83 -12.48
N PRO C 565 -50.32 9.89 -12.82
CA PRO C 565 -49.86 8.52 -13.07
C PRO C 565 -48.98 8.49 -14.32
N TRP C 566 -47.88 7.76 -14.24
CA TRP C 566 -46.91 7.75 -15.33
C TRP C 566 -47.53 7.26 -16.64
N THR C 567 -48.54 6.39 -16.55
CA THR C 567 -49.14 5.85 -17.77
C THR C 567 -50.00 6.88 -18.48
N LEU C 568 -50.33 7.99 -17.83
CA LEU C 568 -50.98 9.10 -18.53
C LEU C 568 -49.95 10.09 -19.05
N ALA C 569 -48.89 10.35 -18.27
CA ALA C 569 -47.83 11.23 -18.73
C ALA C 569 -47.16 10.68 -19.98
N LEU C 570 -47.11 9.36 -20.11
CA LEU C 570 -46.53 8.77 -21.33
C LEU C 570 -47.40 9.06 -22.55
N GLU C 571 -48.71 9.21 -22.36
CA GLU C 571 -49.61 9.44 -23.48
C GLU C 571 -49.61 10.88 -23.97
N ASN C 572 -49.23 11.83 -23.13
CA ASN C 572 -49.17 13.22 -23.56
C ASN C 572 -48.06 13.50 -24.55
N VAL C 573 -47.18 12.53 -24.80
CA VAL C 573 -46.11 12.66 -25.79
C VAL C 573 -46.34 11.73 -26.98
N VAL C 574 -46.37 10.43 -26.73
CA VAL C 574 -46.48 9.46 -27.82
C VAL C 574 -47.93 9.35 -28.30
N GLY C 575 -48.82 8.93 -27.42
CA GLY C 575 -50.19 8.68 -27.79
C GLY C 575 -50.57 7.22 -27.58
N ALA C 576 -49.92 6.58 -26.62
CA ALA C 576 -50.20 5.20 -26.26
C ALA C 576 -50.18 5.09 -24.74
N LYS C 577 -50.36 3.87 -24.23
CA LYS C 577 -50.45 3.65 -22.80
C LYS C 577 -49.37 2.74 -22.23
N ASN C 578 -48.58 2.06 -23.06
CA ASN C 578 -47.63 1.09 -22.57
C ASN C 578 -46.36 1.17 -23.38
N MET C 579 -45.28 0.59 -22.85
CA MET C 579 -44.02 0.59 -23.56
C MET C 579 -44.07 -0.38 -24.74
N ASN C 580 -43.51 0.05 -25.86
CA ASN C 580 -43.53 -0.72 -27.09
C ASN C 580 -42.11 -0.89 -27.57
N VAL C 581 -41.91 -1.82 -28.51
CA VAL C 581 -40.57 -2.14 -28.99
C VAL C 581 -40.34 -1.78 -30.45
N ARG C 582 -41.39 -1.67 -31.26
CA ARG C 582 -41.21 -1.41 -32.68
C ARG C 582 -40.42 -0.16 -33.00
N PRO C 583 -40.50 0.95 -32.26
CA PRO C 583 -39.62 2.09 -32.55
C PRO C 583 -38.14 1.73 -32.47
N LEU C 584 -37.76 0.84 -31.58
CA LEU C 584 -36.37 0.40 -31.52
C LEU C 584 -35.97 -0.42 -32.73
N LEU C 585 -36.91 -1.16 -33.32
CA LEU C 585 -36.59 -1.92 -34.52
C LEU C 585 -36.54 -1.06 -35.77
N ASN C 586 -37.36 0.01 -35.82
CA ASN C 586 -37.27 0.91 -36.97
C ASN C 586 -35.97 1.68 -36.99
N TYR C 587 -35.33 1.85 -35.83
CA TYR C 587 -34.04 2.53 -35.78
C TYR C 587 -32.92 1.68 -36.35
N PHE C 588 -33.01 0.35 -36.25
CA PHE C 588 -31.93 -0.55 -36.61
C PHE C 588 -32.20 -1.31 -37.91
N GLU C 589 -33.02 -0.79 -38.81
CA GLU C 589 -33.34 -1.51 -40.04
C GLU C 589 -32.16 -1.60 -41.01
N PRO C 590 -31.50 -0.51 -41.40
CA PRO C 590 -30.40 -0.63 -42.38
C PRO C 590 -29.25 -1.50 -41.91
N LEU C 591 -29.19 -1.86 -40.63
CA LEU C 591 -28.23 -2.84 -40.18
C LEU C 591 -28.80 -4.25 -40.28
N PHE C 592 -30.10 -4.39 -40.08
CA PHE C 592 -30.74 -5.69 -40.22
C PHE C 592 -30.67 -6.20 -41.65
N THR C 593 -30.96 -5.32 -42.62
CA THR C 593 -30.94 -5.75 -44.02
C THR C 593 -29.52 -6.01 -44.54
N TRP C 594 -28.50 -5.73 -43.75
CA TRP C 594 -27.11 -6.02 -44.10
C TRP C 594 -26.59 -7.25 -43.38
N LEU C 595 -26.96 -7.42 -42.10
CA LEU C 595 -26.61 -8.65 -41.40
C LEU C 595 -27.32 -9.84 -42.01
N LYS C 596 -28.57 -9.67 -42.44
CA LYS C 596 -29.30 -10.76 -43.07
C LYS C 596 -28.62 -11.21 -44.36
N ASP C 597 -27.92 -10.31 -45.04
CA ASP C 597 -27.17 -10.67 -46.23
C ASP C 597 -25.81 -11.27 -45.90
N GLN C 598 -25.11 -10.76 -44.90
CA GLN C 598 -23.80 -11.31 -44.57
C GLN C 598 -23.89 -12.69 -43.95
N ASN C 599 -24.99 -13.02 -43.28
CA ASN C 599 -25.16 -14.34 -42.68
C ASN C 599 -25.92 -15.25 -43.62
N LYS C 600 -25.35 -15.49 -44.80
CA LYS C 600 -25.96 -16.42 -45.75
C LYS C 600 -25.40 -17.83 -45.61
N ASN C 601 -24.10 -17.95 -45.36
CA ASN C 601 -23.46 -19.25 -45.28
C ASN C 601 -23.45 -19.83 -43.87
N SER C 602 -23.22 -19.01 -42.85
CA SER C 602 -23.04 -19.49 -41.49
C SER C 602 -24.37 -20.05 -40.95
N PHE C 603 -24.28 -20.67 -39.77
CA PHE C 603 -25.43 -21.27 -39.11
C PHE C 603 -25.96 -20.27 -38.09
N VAL C 604 -27.22 -19.87 -38.25
CA VAL C 604 -27.84 -18.84 -37.43
C VAL C 604 -28.51 -19.53 -36.25
N GLY C 605 -27.95 -19.34 -35.06
CA GLY C 605 -28.44 -19.96 -33.85
C GLY C 605 -27.32 -20.65 -33.12
N TRP C 606 -27.66 -21.37 -32.06
CA TRP C 606 -26.67 -22.07 -31.27
C TRP C 606 -27.30 -23.30 -30.66
N SER C 607 -26.47 -24.25 -30.29
CA SER C 607 -26.89 -25.49 -29.66
C SER C 607 -26.30 -25.57 -28.26
N THR C 608 -27.12 -26.04 -27.31
CA THR C 608 -26.79 -25.96 -25.90
C THR C 608 -26.16 -27.25 -25.35
N ASP C 609 -25.39 -27.95 -26.17
CA ASP C 609 -24.74 -29.18 -25.74
C ASP C 609 -23.22 -29.13 -25.81
N TRP C 610 -22.66 -28.25 -26.62
CA TRP C 610 -21.21 -28.11 -26.72
C TRP C 610 -20.64 -27.57 -25.41
N SER C 611 -19.32 -27.66 -25.29
CA SER C 611 -18.61 -27.15 -24.12
C SER C 611 -17.12 -27.07 -24.44
N PRO C 612 -16.41 -26.07 -23.92
CA PRO C 612 -14.98 -25.94 -24.23
C PRO C 612 -14.09 -27.00 -23.58
N TYR C 613 -14.64 -27.83 -22.69
CA TYR C 613 -13.87 -28.87 -22.03
C TYR C 613 -14.43 -30.27 -22.22
N ALA C 614 -15.49 -30.43 -23.01
CA ALA C 614 -16.11 -31.74 -23.15
C ALA C 614 -15.52 -32.51 -24.32
N ASP C 615 -14.19 -32.57 -24.39
CA ASP C 615 -13.52 -33.52 -25.27
C ASP C 615 -12.28 -34.11 -24.64
N GLN C 616 -11.96 -33.77 -23.39
CA GLN C 616 -10.90 -34.43 -22.66
C GLN C 616 -11.41 -35.07 -21.38
N SER C 617 -12.71 -35.35 -21.29
CA SER C 617 -13.32 -35.85 -20.08
C SER C 617 -13.64 -37.33 -20.21
N ILE C 618 -13.73 -37.99 -19.05
CA ILE C 618 -14.03 -39.41 -18.99
C ILE C 618 -15.31 -39.59 -18.17
N LYS C 619 -16.11 -40.58 -18.55
CA LYS C 619 -17.40 -40.85 -17.90
C LYS C 619 -17.31 -42.10 -17.03
N VAL C 620 -17.82 -41.98 -15.81
CA VAL C 620 -17.76 -43.03 -14.81
C VAL C 620 -19.18 -43.41 -14.42
N ARG C 621 -19.44 -44.72 -14.30
CA ARG C 621 -20.75 -45.24 -13.97
C ARG C 621 -20.64 -46.32 -12.90
N ILE C 622 -21.43 -46.19 -11.84
CA ILE C 622 -21.31 -47.03 -10.65
C ILE C 622 -22.65 -47.70 -10.37
N SER C 623 -22.62 -48.98 -10.02
CA SER C 623 -23.82 -49.73 -9.70
C SER C 623 -23.57 -50.48 -8.38
N LEU C 624 -24.25 -50.05 -7.31
CA LEU C 624 -23.90 -50.52 -5.98
C LEU C 624 -24.66 -51.79 -5.58
N LYS C 625 -25.98 -51.80 -5.75
CA LYS C 625 -26.78 -52.95 -5.32
C LYS C 625 -26.28 -54.25 -5.95
N SER C 626 -26.13 -54.26 -7.27
CA SER C 626 -25.66 -55.44 -7.99
C SER C 626 -24.44 -56.07 -7.35
N ALA C 627 -23.58 -55.26 -6.74
CA ALA C 627 -22.35 -55.81 -6.15
C ALA C 627 -22.55 -56.19 -4.69
N LEU C 628 -23.14 -55.31 -3.90
CA LEU C 628 -23.11 -55.46 -2.45
C LEU C 628 -24.39 -56.04 -1.85
N GLY C 629 -25.38 -56.39 -2.66
CA GLY C 629 -26.60 -56.92 -2.08
C GLY C 629 -27.27 -55.90 -1.18
N ASP C 630 -27.81 -56.40 -0.06
CA ASP C 630 -28.48 -55.55 0.93
C ASP C 630 -27.51 -55.11 2.01
N LYS C 631 -26.36 -54.60 1.58
CA LYS C 631 -25.37 -54.04 2.50
C LYS C 631 -24.74 -52.77 1.94
N ALA C 632 -25.14 -52.34 0.75
CA ALA C 632 -24.49 -51.21 0.09
C ALA C 632 -24.67 -49.93 0.89
N TYR C 633 -23.55 -49.29 1.20
CA TYR C 633 -23.57 -47.98 1.84
C TYR C 633 -24.24 -46.95 0.93
N GLU C 634 -24.53 -45.79 1.49
CA GLU C 634 -25.12 -44.71 0.72
C GLU C 634 -24.05 -43.75 0.24
N TRP C 635 -24.32 -43.10 -0.90
CA TRP C 635 -23.30 -42.35 -1.62
C TRP C 635 -23.51 -40.86 -1.40
N ASN C 636 -22.93 -40.36 -0.31
CA ASN C 636 -22.87 -38.93 -0.06
C ASN C 636 -21.63 -38.32 -0.71
N ASP C 637 -21.28 -37.09 -0.32
CA ASP C 637 -20.16 -36.39 -0.95
C ASP C 637 -18.80 -36.77 -0.36
N ASN C 638 -18.77 -37.39 0.81
CA ASN C 638 -17.49 -37.89 1.33
C ASN C 638 -16.93 -38.97 0.42
N GLU C 639 -17.80 -39.77 -0.20
CA GLU C 639 -17.33 -40.75 -1.16
C GLU C 639 -16.78 -40.06 -2.40
N MET C 640 -17.34 -38.92 -2.77
CA MET C 640 -16.76 -38.16 -3.87
C MET C 640 -15.37 -37.65 -3.51
N TYR C 641 -15.20 -37.19 -2.27
CA TYR C 641 -13.86 -36.79 -1.82
C TYR C 641 -12.87 -37.94 -1.94
N LEU C 642 -13.27 -39.13 -1.46
CA LEU C 642 -12.38 -40.28 -1.53
C LEU C 642 -12.05 -40.63 -2.97
N PHE C 643 -13.03 -40.59 -3.86
CA PHE C 643 -12.78 -40.90 -5.26
C PHE C 643 -11.77 -39.93 -5.87
N ARG C 644 -11.94 -38.64 -5.61
CA ARG C 644 -11.03 -37.65 -6.17
C ARG C 644 -9.61 -37.86 -5.66
N SER C 645 -9.46 -38.13 -4.36
CA SER C 645 -8.12 -38.34 -3.83
C SER C 645 -7.48 -39.60 -4.40
N SER C 646 -8.28 -40.64 -4.63
CA SER C 646 -7.74 -41.87 -5.21
C SER C 646 -7.24 -41.64 -6.63
N VAL C 647 -8.00 -40.89 -7.43
CA VAL C 647 -7.56 -40.62 -8.81
C VAL C 647 -6.29 -39.78 -8.80
N ALA C 648 -6.19 -38.82 -7.87
CA ALA C 648 -4.98 -38.02 -7.78
C ALA C 648 -3.76 -38.89 -7.46
N TYR C 649 -3.92 -39.83 -6.53
CA TYR C 649 -2.81 -40.73 -6.21
C TYR C 649 -2.41 -41.56 -7.41
N ALA C 650 -3.38 -42.05 -8.18
CA ALA C 650 -3.06 -42.83 -9.37
C ALA C 650 -2.24 -42.02 -10.36
N MET C 651 -2.63 -40.77 -10.60
CA MET C 651 -1.88 -39.92 -11.52
C MET C 651 -0.44 -39.71 -11.03
N ARG C 652 -0.28 -39.44 -9.74
CA ARG C 652 1.05 -39.31 -9.16
C ARG C 652 1.91 -40.53 -9.47
N GLN C 653 1.39 -41.72 -9.16
CA GLN C 653 2.19 -42.93 -9.33
C GLN C 653 2.56 -43.15 -10.80
N TYR C 654 1.62 -42.91 -11.72
CA TYR C 654 1.93 -43.12 -13.13
C TYR C 654 3.06 -42.19 -13.57
N PHE C 655 2.97 -40.91 -13.24
CA PHE C 655 4.02 -39.99 -13.67
C PHE C 655 5.36 -40.41 -13.11
N LEU C 656 5.40 -40.74 -11.82
CA LEU C 656 6.68 -41.12 -11.20
C LEU C 656 7.29 -42.34 -11.87
N LYS C 657 6.49 -43.39 -12.05
CA LYS C 657 7.04 -44.65 -12.54
C LYS C 657 7.14 -44.75 -14.06
N VAL C 658 6.73 -43.72 -14.81
CA VAL C 658 6.99 -43.78 -16.24
C VAL C 658 7.83 -42.60 -16.70
N LYS C 659 7.35 -41.37 -16.46
CA LYS C 659 8.02 -40.22 -17.03
C LYS C 659 9.22 -39.75 -16.21
N ASN C 660 9.47 -40.36 -15.06
CA ASN C 660 10.59 -40.00 -14.19
C ASN C 660 10.51 -38.53 -13.76
N GLN C 661 9.31 -38.05 -13.52
CA GLN C 661 9.09 -36.71 -12.98
C GLN C 661 8.42 -36.81 -11.63
N MET C 662 8.45 -35.71 -10.89
CA MET C 662 7.87 -35.63 -9.55
C MET C 662 6.92 -34.44 -9.51
N ILE C 663 5.67 -34.67 -9.85
CA ILE C 663 4.64 -33.64 -9.84
C ILE C 663 3.67 -33.95 -8.72
N LEU C 664 3.19 -32.90 -8.04
CA LEU C 664 2.37 -33.03 -6.85
C LEU C 664 0.92 -32.67 -7.21
N PHE C 665 0.17 -33.67 -7.67
CA PHE C 665 -1.25 -33.48 -7.89
C PHE C 665 -1.99 -33.46 -6.55
N GLY C 666 -3.21 -32.92 -6.58
CA GLY C 666 -4.02 -32.83 -5.39
C GLY C 666 -5.46 -33.21 -5.65
N GLU C 667 -6.28 -33.14 -4.62
CA GLU C 667 -7.68 -33.49 -4.73
C GLU C 667 -8.53 -32.34 -5.27
N GLU C 668 -7.93 -31.21 -5.61
CA GLU C 668 -8.64 -30.10 -6.23
C GLU C 668 -8.24 -29.89 -7.67
N ASP C 669 -7.42 -30.79 -8.22
CA ASP C 669 -7.10 -30.79 -9.65
C ASP C 669 -7.94 -31.79 -10.42
N VAL C 670 -8.97 -32.34 -9.81
CA VAL C 670 -9.89 -33.27 -10.45
C VAL C 670 -11.26 -32.62 -10.49
N ARG C 671 -11.71 -32.25 -11.67
CA ARG C 671 -12.98 -31.55 -11.82
C ARG C 671 -14.08 -32.52 -12.26
N VAL C 672 -15.24 -32.36 -11.64
CA VAL C 672 -16.35 -33.30 -11.74
C VAL C 672 -17.59 -32.55 -12.23
N ALA C 673 -18.35 -33.18 -13.13
CA ALA C 673 -19.51 -32.53 -13.72
C ALA C 673 -20.65 -33.52 -13.93
N ASN C 674 -21.89 -33.01 -13.86
CA ASN C 674 -23.10 -33.71 -14.29
C ASN C 674 -23.45 -34.89 -13.38
N LEU C 675 -23.47 -34.64 -12.07
CA LEU C 675 -23.85 -35.69 -11.14
C LEU C 675 -25.31 -36.06 -11.30
N LYS C 676 -25.60 -37.36 -11.22
CA LYS C 676 -26.94 -37.93 -11.45
C LYS C 676 -27.30 -38.91 -10.35
N PRO C 677 -28.58 -39.30 -10.23
CA PRO C 677 -28.99 -40.19 -9.13
C PRO C 677 -28.46 -41.61 -9.26
N ARG C 678 -28.49 -42.19 -10.45
CA ARG C 678 -27.76 -43.43 -10.70
C ARG C 678 -26.32 -43.04 -10.95
N ILE C 679 -25.46 -43.32 -9.97
CA ILE C 679 -24.18 -42.62 -9.86
C ILE C 679 -23.43 -42.71 -11.19
N SER C 680 -23.24 -41.56 -11.81
CA SER C 680 -22.62 -41.48 -13.13
C SER C 680 -22.29 -40.02 -13.41
N PHE C 681 -21.06 -39.75 -13.81
CA PHE C 681 -20.63 -38.36 -13.99
C PHE C 681 -19.46 -38.30 -14.95
N ASN C 682 -18.99 -37.09 -15.22
CA ASN C 682 -17.81 -36.86 -16.03
C ASN C 682 -16.73 -36.20 -15.19
N PHE C 683 -15.47 -36.40 -15.58
CA PHE C 683 -14.40 -35.74 -14.87
C PHE C 683 -13.22 -35.50 -15.80
N PHE C 684 -12.33 -34.60 -15.37
CA PHE C 684 -11.08 -34.36 -16.08
C PHE C 684 -10.04 -33.77 -15.13
N VAL C 685 -8.79 -33.75 -15.58
CA VAL C 685 -7.64 -33.42 -14.73
C VAL C 685 -6.97 -32.15 -15.23
N THR C 686 -6.25 -31.49 -14.34
CA THR C 686 -5.63 -30.20 -14.60
C THR C 686 -4.30 -30.12 -13.85
N ALA C 687 -3.30 -29.49 -14.48
CA ALA C 687 -1.98 -29.29 -13.89
C ALA C 687 -2.09 -28.64 -12.51
N PRO C 688 -1.07 -28.76 -11.66
CA PRO C 688 -1.22 -28.32 -10.25
C PRO C 688 -1.73 -26.90 -10.06
N LYS C 689 -1.10 -25.91 -10.69
CA LYS C 689 -1.45 -24.51 -10.42
C LYS C 689 -1.63 -23.72 -11.71
N ASN C 690 -2.07 -24.37 -12.78
CA ASN C 690 -2.19 -23.73 -14.10
C ASN C 690 -3.54 -24.16 -14.68
N VAL C 691 -4.55 -23.31 -14.50
CA VAL C 691 -5.91 -23.70 -14.82
C VAL C 691 -6.12 -23.89 -16.31
N SER C 692 -5.28 -23.28 -17.15
CA SER C 692 -5.42 -23.36 -18.59
C SER C 692 -4.67 -24.53 -19.19
N ASP C 693 -4.25 -25.49 -18.38
CA ASP C 693 -3.57 -26.70 -18.85
C ASP C 693 -4.42 -27.91 -18.53
N ILE C 694 -4.40 -28.90 -19.42
CA ILE C 694 -5.24 -30.08 -19.29
C ILE C 694 -4.42 -31.29 -19.71
N ILE C 695 -4.33 -32.28 -18.83
CA ILE C 695 -3.71 -33.55 -19.20
C ILE C 695 -4.59 -34.25 -20.22
N PRO C 696 -4.06 -34.66 -21.37
CA PRO C 696 -4.92 -35.22 -22.42
C PRO C 696 -5.58 -36.51 -21.98
N ARG C 697 -6.53 -36.98 -22.81
CA ARG C 697 -7.30 -38.17 -22.47
C ARG C 697 -6.46 -39.42 -22.50
N THR C 698 -5.49 -39.50 -23.42
CA THR C 698 -4.72 -40.73 -23.59
C THR C 698 -3.86 -41.02 -22.36
N GLU C 699 -3.21 -40.00 -21.80
CA GLU C 699 -2.37 -40.21 -20.64
C GLU C 699 -3.19 -40.63 -19.43
N VAL C 700 -4.38 -40.05 -19.28
CA VAL C 700 -5.25 -40.46 -18.18
C VAL C 700 -5.70 -41.90 -18.36
N GLU C 701 -6.00 -42.30 -19.60
CA GLU C 701 -6.36 -43.68 -19.86
C GLU C 701 -5.22 -44.62 -19.48
N LYS C 702 -3.99 -44.29 -19.89
CA LYS C 702 -2.85 -45.13 -19.54
C LYS C 702 -2.65 -45.19 -18.02
N ALA C 703 -2.83 -44.06 -17.34
CA ALA C 703 -2.60 -44.03 -15.90
C ALA C 703 -3.67 -44.79 -15.15
N ILE C 704 -4.88 -44.90 -15.71
CA ILE C 704 -5.92 -45.62 -15.00
C ILE C 704 -5.88 -47.11 -15.33
N ARG C 705 -5.41 -47.48 -16.52
CA ARG C 705 -5.21 -48.90 -16.81
C ARG C 705 -4.25 -49.56 -15.84
N MET C 706 -3.29 -48.80 -15.31
CA MET C 706 -2.20 -49.36 -14.52
C MET C 706 -2.57 -49.58 -13.06
N SER C 707 -3.48 -48.79 -12.49
CA SER C 707 -3.80 -48.90 -11.08
C SER C 707 -5.29 -49.10 -10.83
N ARG C 708 -5.94 -49.93 -11.64
CA ARG C 708 -7.38 -50.11 -11.49
C ARG C 708 -7.73 -51.02 -10.32
N SER C 709 -6.86 -51.99 -10.02
CA SER C 709 -7.17 -52.95 -8.96
C SER C 709 -7.29 -52.26 -7.61
N ARG C 710 -6.44 -51.27 -7.36
CA ARG C 710 -6.47 -50.60 -6.06
C ARG C 710 -7.68 -49.69 -5.93
N ILE C 711 -8.03 -48.99 -7.02
CA ILE C 711 -9.25 -48.18 -7.01
C ILE C 711 -10.47 -49.05 -6.79
N ASN C 712 -10.46 -50.26 -7.35
CA ASN C 712 -11.57 -51.18 -7.14
C ASN C 712 -11.61 -51.66 -5.69
N ASP C 713 -10.46 -52.04 -5.14
CA ASP C 713 -10.43 -52.56 -3.77
C ASP C 713 -10.84 -51.49 -2.76
N ALA C 714 -10.55 -50.23 -3.04
CA ALA C 714 -10.89 -49.18 -2.08
C ALA C 714 -12.40 -49.05 -1.87
N PHE C 715 -13.20 -49.53 -2.82
CA PHE C 715 -14.65 -49.37 -2.78
C PHE C 715 -15.42 -50.69 -2.70
N ARG C 716 -14.76 -51.83 -2.87
CA ARG C 716 -15.40 -53.15 -2.96
C ARG C 716 -16.26 -53.27 -4.22
N LEU C 717 -15.68 -52.95 -5.37
CA LEU C 717 -16.32 -53.15 -6.65
C LEU C 717 -15.42 -54.03 -7.51
N ASN C 718 -16.02 -54.68 -8.50
CA ASN C 718 -15.40 -55.84 -9.14
C ASN C 718 -15.42 -55.73 -10.66
N ASP C 719 -15.03 -54.57 -11.20
CA ASP C 719 -14.74 -54.42 -12.62
C ASP C 719 -16.00 -54.54 -13.47
N ASN C 720 -17.13 -54.85 -12.84
CA ASN C 720 -18.43 -54.86 -13.49
C ASN C 720 -19.41 -53.92 -12.82
N SER C 721 -19.05 -53.37 -11.67
CA SER C 721 -19.88 -52.37 -11.00
C SER C 721 -19.34 -50.98 -11.22
N LEU C 722 -18.04 -50.85 -11.45
CA LEU C 722 -17.37 -49.57 -11.65
C LEU C 722 -16.84 -49.53 -13.07
N GLU C 723 -17.52 -48.81 -13.95
CA GLU C 723 -17.22 -48.82 -15.38
C GLU C 723 -16.74 -47.45 -15.80
N PHE C 724 -15.54 -47.40 -16.38
CA PHE C 724 -15.05 -46.22 -17.09
C PHE C 724 -15.41 -46.39 -18.56
N LEU C 725 -16.31 -45.57 -19.07
CA LEU C 725 -16.79 -45.76 -20.43
C LEU C 725 -15.69 -45.42 -21.43
N GLY C 726 -15.18 -46.45 -22.12
CA GLY C 726 -14.14 -46.30 -23.11
C GLY C 726 -12.89 -47.11 -22.81
N ILE C 727 -12.71 -47.54 -21.58
CA ILE C 727 -11.55 -48.32 -21.17
C ILE C 727 -12.01 -49.76 -20.96
N GLN C 728 -11.63 -50.63 -21.89
CA GLN C 728 -12.08 -52.01 -21.88
C GLN C 728 -11.11 -52.88 -21.09
N PRO C 729 -11.59 -53.64 -20.11
CA PRO C 729 -10.71 -54.54 -19.35
C PRO C 729 -10.28 -55.72 -20.20
N THR C 730 -8.99 -56.03 -20.17
CA THR C 730 -8.43 -57.12 -20.96
C THR C 730 -7.77 -58.20 -20.12
N LEU C 731 -7.14 -57.83 -19.01
CA LEU C 731 -6.46 -58.81 -18.17
C LEU C 731 -7.38 -59.29 -17.06
N CYS D 26 -43.39 63.88 1.62
CA CYS D 26 -42.67 65.14 1.66
C CYS D 26 -41.23 64.89 2.14
N PRO D 27 -41.05 64.14 3.23
CA PRO D 27 -39.76 63.47 3.42
C PRO D 27 -39.73 62.06 2.87
N PHE D 28 -40.58 61.71 1.90
CA PHE D 28 -40.54 60.35 1.36
C PHE D 28 -39.22 60.07 0.64
N GLY D 29 -38.57 61.12 0.11
CA GLY D 29 -37.24 60.97 -0.42
C GLY D 29 -36.28 60.37 0.60
N GLU D 30 -36.65 60.44 1.87
CA GLU D 30 -35.92 59.78 2.95
C GLU D 30 -36.48 58.41 3.27
N VAL D 31 -37.81 58.23 3.26
CA VAL D 31 -38.37 56.95 3.68
C VAL D 31 -37.92 55.84 2.74
N PHE D 32 -37.63 56.17 1.48
CA PHE D 32 -37.01 55.23 0.57
C PHE D 32 -35.57 54.94 0.94
N ASN D 33 -35.02 55.62 1.94
CA ASN D 33 -33.62 55.51 2.33
C ASN D 33 -33.57 55.34 3.84
N ALA D 34 -33.54 54.10 4.31
CA ALA D 34 -33.60 53.82 5.74
C ALA D 34 -32.58 52.73 6.07
N THR D 35 -32.73 52.15 7.25
CA THR D 35 -31.84 51.08 7.69
C THR D 35 -32.53 49.73 7.82
N ARG D 36 -33.78 49.71 8.27
CA ARG D 36 -34.53 48.45 8.39
C ARG D 36 -36.00 48.74 8.18
N PHE D 37 -36.72 47.76 7.65
CA PHE D 37 -38.16 47.85 7.48
C PHE D 37 -38.84 46.96 8.51
N ALA D 38 -40.17 46.90 8.42
CA ALA D 38 -40.96 46.05 9.30
C ALA D 38 -41.38 44.78 8.56
N SER D 39 -41.95 43.85 9.32
CA SER D 39 -42.44 42.61 8.74
C SER D 39 -43.79 42.86 8.10
N VAL D 40 -44.48 41.78 7.72
CA VAL D 40 -45.77 41.91 7.03
C VAL D 40 -46.95 41.93 7.99
N TYR D 41 -46.86 41.23 9.13
CA TYR D 41 -47.93 41.24 10.11
C TYR D 41 -47.96 42.52 10.94
N ALA D 42 -47.01 43.42 10.72
CA ALA D 42 -46.98 44.71 11.40
C ALA D 42 -46.11 45.66 10.59
N TRP D 43 -46.67 46.83 10.28
CA TRP D 43 -46.00 47.78 9.40
C TRP D 43 -46.09 49.16 10.03
N ASN D 44 -45.46 50.14 9.38
CA ASN D 44 -45.39 51.51 9.87
C ASN D 44 -46.47 52.35 9.20
N ARG D 45 -47.04 53.28 9.97
CA ARG D 45 -48.07 54.19 9.47
C ARG D 45 -47.56 55.62 9.61
N LYS D 46 -47.16 56.22 8.49
CA LYS D 46 -46.56 57.55 8.48
C LYS D 46 -47.45 58.51 7.72
N ARG D 47 -47.78 59.63 8.35
CA ARG D 47 -48.62 60.67 7.75
C ARG D 47 -47.74 61.73 7.11
N ILE D 48 -48.21 62.27 5.99
CA ILE D 48 -47.49 63.35 5.29
C ILE D 48 -48.49 64.44 4.95
N SER D 49 -48.09 65.70 5.16
CA SER D 49 -49.01 66.81 4.92
C SER D 49 -48.23 68.11 4.78
N ASN D 50 -48.94 69.14 4.33
CA ASN D 50 -48.43 70.52 4.25
C ASN D 50 -47.14 70.62 3.43
N CYS D 51 -47.21 70.19 2.17
CA CYS D 51 -46.01 70.19 1.33
C CYS D 51 -46.32 70.47 -0.13
N VAL D 52 -45.31 70.25 -0.97
CA VAL D 52 -45.21 70.86 -2.30
C VAL D 52 -44.91 69.80 -3.35
N ALA D 53 -44.72 68.55 -2.92
CA ALA D 53 -44.12 67.52 -3.75
C ALA D 53 -44.86 67.34 -5.07
N ASP D 54 -44.08 67.20 -6.15
CA ASP D 54 -44.60 67.12 -7.50
C ASP D 54 -44.44 65.76 -8.15
N TYR D 55 -43.61 64.89 -7.57
CA TYR D 55 -43.51 63.49 -7.99
C TYR D 55 -43.00 63.35 -9.41
N SER D 56 -41.90 64.05 -9.70
CA SER D 56 -41.17 63.88 -10.96
C SER D 56 -39.76 63.37 -10.75
N VAL D 57 -39.11 63.76 -9.64
CA VAL D 57 -37.79 63.22 -9.32
C VAL D 57 -37.88 61.72 -9.09
N LEU D 58 -38.98 61.25 -8.52
CA LEU D 58 -39.27 59.82 -8.45
C LEU D 58 -39.99 59.40 -9.73
N TYR D 59 -40.26 58.10 -9.84
CA TYR D 59 -40.78 57.44 -11.03
C TYR D 59 -39.74 57.44 -12.15
N ASN D 60 -38.60 58.10 -11.97
CA ASN D 60 -37.55 58.16 -12.98
C ASN D 60 -36.21 58.04 -12.25
N SER D 61 -35.71 56.82 -12.16
CA SER D 61 -34.46 56.53 -11.45
C SER D 61 -33.88 55.27 -12.07
N ALA D 62 -32.90 54.67 -11.39
CA ALA D 62 -32.23 53.48 -11.90
C ALA D 62 -32.43 52.25 -11.03
N SER D 63 -32.84 52.41 -9.77
CA SER D 63 -32.94 51.29 -8.85
C SER D 63 -34.37 50.77 -8.71
N PHE D 64 -35.29 51.19 -9.57
CA PHE D 64 -36.67 50.74 -9.50
C PHE D 64 -36.84 49.45 -10.29
N SER D 65 -37.89 48.70 -9.96
CA SER D 65 -38.26 47.52 -10.72
C SER D 65 -39.76 47.38 -10.95
N THR D 66 -40.60 48.10 -10.22
CA THR D 66 -42.04 47.93 -10.34
C THR D 66 -42.73 49.21 -9.90
N PHE D 67 -43.53 49.77 -10.80
CA PHE D 67 -44.25 51.01 -10.53
C PHE D 67 -45.65 50.86 -11.11
N LYS D 68 -46.57 50.33 -10.31
CA LYS D 68 -47.88 49.91 -10.82
C LYS D 68 -48.95 50.83 -10.27
N CYS D 69 -49.59 51.60 -11.15
CA CYS D 69 -50.57 52.56 -10.67
C CYS D 69 -51.83 52.49 -11.51
N TYR D 70 -52.97 52.57 -10.82
CA TYR D 70 -54.28 52.44 -11.44
C TYR D 70 -55.16 53.66 -11.26
N GLY D 71 -55.19 54.25 -10.07
CA GLY D 71 -56.07 55.37 -9.81
C GLY D 71 -55.60 56.67 -10.45
N VAL D 72 -54.30 56.82 -10.66
CA VAL D 72 -53.75 58.03 -11.27
C VAL D 72 -52.76 57.61 -12.35
N SER D 73 -52.88 58.23 -13.52
CA SER D 73 -52.03 57.98 -14.66
C SER D 73 -50.62 58.50 -14.40
N PRO D 74 -49.63 58.03 -15.18
CA PRO D 74 -48.28 58.58 -15.04
C PRO D 74 -48.25 60.06 -15.39
N THR D 75 -47.52 60.82 -14.56
CA THR D 75 -47.42 62.27 -14.69
C THR D 75 -48.80 62.90 -14.66
N LYS D 76 -49.72 62.28 -13.90
CA LYS D 76 -51.08 62.83 -13.70
C LYS D 76 -51.26 63.18 -12.21
N LEU D 77 -50.23 62.90 -11.39
CA LEU D 77 -50.30 63.21 -9.97
C LEU D 77 -49.67 64.59 -9.67
N ASN D 78 -50.15 65.58 -10.42
CA ASN D 78 -49.77 66.99 -10.24
C ASN D 78 -51.01 67.85 -10.12
N ASP D 79 -51.95 67.39 -9.29
CA ASP D 79 -53.24 68.03 -9.09
C ASP D 79 -53.44 68.15 -7.59
N LEU D 80 -54.67 68.45 -7.16
CA LEU D 80 -54.94 68.56 -5.73
C LEU D 80 -54.74 67.19 -5.09
N CYS D 81 -53.67 67.06 -4.31
CA CYS D 81 -53.26 65.77 -3.77
C CYS D 81 -52.95 65.85 -2.28
N PHE D 82 -52.49 67.00 -1.80
CA PHE D 82 -51.99 67.14 -0.44
C PHE D 82 -53.12 67.10 0.58
N THR D 83 -53.79 65.95 0.66
CA THR D 83 -54.90 65.75 1.61
C THR D 83 -54.80 64.33 2.13
N ASN D 84 -54.18 64.18 3.30
CA ASN D 84 -54.22 62.93 4.08
C ASN D 84 -53.56 61.78 3.32
N VAL D 85 -52.27 61.95 3.03
CA VAL D 85 -51.48 60.92 2.37
C VAL D 85 -50.62 60.19 3.41
N TYR D 86 -50.39 58.90 3.17
CA TYR D 86 -49.69 58.04 4.11
C TYR D 86 -48.66 57.17 3.38
N ALA D 87 -47.74 56.63 4.16
CA ALA D 87 -46.74 55.69 3.69
C ALA D 87 -46.70 54.46 4.60
N ASP D 88 -46.28 53.33 4.02
CA ASP D 88 -46.14 52.08 4.75
C ASP D 88 -45.21 51.14 3.99
N SER D 89 -44.28 50.52 4.70
CA SER D 89 -43.16 49.82 4.08
C SER D 89 -42.97 48.46 4.74
N PHE D 90 -42.65 47.45 3.94
CA PHE D 90 -42.34 46.13 4.49
C PHE D 90 -41.57 45.32 3.46
N VAL D 91 -41.24 44.08 3.82
CA VAL D 91 -40.42 43.22 2.99
C VAL D 91 -41.14 41.89 2.76
N ILE D 92 -41.02 41.38 1.53
CA ILE D 92 -41.52 40.05 1.18
C ILE D 92 -40.45 39.38 0.33
N ARG D 93 -40.76 38.21 -0.22
CA ARG D 93 -39.85 37.61 -1.17
C ARG D 93 -40.32 37.88 -2.60
N GLY D 94 -39.45 37.52 -3.56
CA GLY D 94 -39.63 38.01 -4.92
C GLY D 94 -40.93 37.56 -5.56
N ASP D 95 -41.23 36.27 -5.48
CA ASP D 95 -42.42 35.74 -6.14
C ASP D 95 -43.67 35.87 -5.28
N GLU D 96 -43.90 37.07 -4.76
CA GLU D 96 -45.10 37.36 -4.00
C GLU D 96 -45.74 38.68 -4.37
N VAL D 97 -45.06 39.53 -5.15
CA VAL D 97 -45.57 40.86 -5.44
C VAL D 97 -46.85 40.80 -6.24
N ARG D 98 -47.12 39.67 -6.90
CA ARG D 98 -48.38 39.51 -7.59
C ARG D 98 -49.59 39.53 -6.66
N GLN D 99 -49.41 39.19 -5.38
CA GLN D 99 -50.54 39.13 -4.46
C GLN D 99 -50.95 40.50 -3.93
N ILE D 100 -50.09 41.51 -4.09
CA ILE D 100 -50.40 42.82 -3.53
C ILE D 100 -51.55 43.50 -4.27
N ALA D 101 -51.52 43.50 -5.61
CA ALA D 101 -52.48 44.25 -6.39
C ALA D 101 -53.92 43.83 -6.06
N PRO D 102 -54.88 44.73 -6.23
CA PRO D 102 -56.29 44.40 -5.94
C PRO D 102 -56.73 43.13 -6.65
N GLY D 103 -57.70 42.46 -6.04
CA GLY D 103 -58.04 41.13 -6.49
C GLY D 103 -56.85 40.21 -6.30
N GLN D 104 -56.69 39.28 -7.25
CA GLN D 104 -55.52 38.40 -7.30
C GLN D 104 -55.28 37.72 -5.95
N THR D 105 -56.25 36.88 -5.57
CA THR D 105 -56.17 36.17 -4.31
C THR D 105 -54.93 35.28 -4.27
N GLY D 106 -54.32 35.18 -3.09
CA GLY D 106 -53.12 34.39 -2.91
C GLY D 106 -52.90 34.04 -1.44
N LYS D 107 -51.64 33.91 -1.05
CA LYS D 107 -51.34 33.54 0.33
C LYS D 107 -51.40 34.76 1.25
N ILE D 108 -50.50 35.72 1.05
CA ILE D 108 -50.57 36.97 1.82
C ILE D 108 -51.40 37.94 1.01
N ALA D 109 -52.71 37.70 0.99
CA ALA D 109 -53.68 38.68 0.54
C ALA D 109 -54.94 38.63 1.38
N ASP D 110 -55.05 37.65 2.28
CA ASP D 110 -56.18 37.53 3.18
C ASP D 110 -55.74 37.37 4.63
N TYR D 111 -54.44 37.33 4.89
CA TYR D 111 -53.92 37.05 6.22
C TYR D 111 -52.93 38.08 6.73
N ASN D 112 -52.19 38.76 5.88
CA ASN D 112 -51.23 39.76 6.35
C ASN D 112 -51.55 41.16 5.86
N TYR D 113 -51.88 41.31 4.58
CA TYR D 113 -52.16 42.63 4.01
C TYR D 113 -53.36 42.51 3.09
N LYS D 114 -54.26 43.48 3.18
CA LYS D 114 -55.45 43.51 2.34
C LYS D 114 -55.58 44.89 1.72
N LEU D 115 -55.95 44.92 0.46
CA LEU D 115 -55.98 46.16 -0.33
C LEU D 115 -57.20 46.13 -1.23
N PRO D 116 -58.17 47.02 -1.03
CA PRO D 116 -59.41 46.95 -1.81
C PRO D 116 -59.18 47.35 -3.27
N ASP D 117 -60.26 47.21 -4.05
CA ASP D 117 -60.16 47.40 -5.49
C ASP D 117 -60.17 48.87 -5.89
N ASP D 118 -60.95 49.70 -5.20
CA ASP D 118 -61.18 51.06 -5.66
C ASP D 118 -60.04 51.99 -5.26
N PHE D 119 -59.81 52.13 -3.96
CA PHE D 119 -58.92 53.16 -3.43
C PHE D 119 -57.49 52.67 -3.28
N THR D 120 -56.77 52.59 -4.40
CA THR D 120 -55.34 52.32 -4.39
C THR D 120 -54.62 53.53 -4.97
N GLY D 121 -53.67 54.08 -4.21
CA GLY D 121 -52.91 55.18 -4.74
C GLY D 121 -52.03 54.68 -5.87
N CYS D 122 -50.95 53.96 -5.54
CA CYS D 122 -50.28 53.05 -6.45
C CYS D 122 -49.09 52.42 -5.74
N VAL D 123 -48.54 51.35 -6.34
CA VAL D 123 -47.62 50.43 -5.67
C VAL D 123 -46.21 50.62 -6.23
N ILE D 124 -45.21 50.52 -5.35
CA ILE D 124 -43.81 50.58 -5.71
C ILE D 124 -43.05 49.50 -4.94
N ALA D 125 -42.07 48.88 -5.60
CA ALA D 125 -41.28 47.83 -4.98
C ALA D 125 -39.92 47.76 -5.65
N TRP D 126 -38.93 47.27 -4.91
CA TRP D 126 -37.57 47.17 -5.45
C TRP D 126 -36.77 46.13 -4.68
N ASN D 127 -35.79 45.53 -5.38
CA ASN D 127 -34.94 44.53 -4.78
C ASN D 127 -34.00 45.16 -3.76
N SER D 128 -33.70 44.39 -2.71
CA SER D 128 -32.72 44.76 -1.70
C SER D 128 -32.10 43.47 -1.17
N ASN D 129 -30.97 43.07 -1.77
CA ASN D 129 -30.27 41.87 -1.36
C ASN D 129 -28.97 42.18 -0.63
N ASN D 130 -28.42 43.39 -0.82
CA ASN D 130 -27.17 43.73 -0.17
C ASN D 130 -27.43 44.37 1.19
N LEU D 131 -28.57 45.03 1.34
CA LEU D 131 -28.98 45.54 2.64
C LEU D 131 -29.43 44.44 3.59
N ASP D 132 -29.64 43.24 3.10
CA ASP D 132 -30.15 42.12 3.89
C ASP D 132 -29.40 40.87 3.47
N SER D 133 -29.96 39.70 3.81
CA SER D 133 -29.47 38.40 3.36
C SER D 133 -28.02 38.16 3.81
N LYS D 134 -27.86 38.07 5.11
CA LYS D 134 -26.59 37.63 5.69
C LYS D 134 -26.24 36.24 5.16
N VAL D 135 -24.95 35.96 5.04
CA VAL D 135 -24.49 34.70 4.48
C VAL D 135 -24.98 33.52 5.30
N GLY D 136 -25.04 33.69 6.63
CA GLY D 136 -25.49 32.61 7.48
C GLY D 136 -26.99 32.38 7.46
N GLY D 137 -27.78 33.44 7.32
CA GLY D 137 -29.22 33.32 7.33
C GLY D 137 -29.90 34.40 8.16
N ASN D 138 -30.84 35.10 7.55
CA ASN D 138 -31.53 36.21 8.21
C ASN D 138 -32.89 35.75 8.72
N TYR D 139 -33.14 35.95 10.00
CA TYR D 139 -34.41 35.57 10.63
C TYR D 139 -35.02 36.76 11.37
N ASN D 140 -34.87 37.96 10.82
CA ASN D 140 -35.44 39.16 11.41
C ASN D 140 -36.82 39.46 10.85
N TYR D 141 -37.38 38.58 10.03
CA TYR D 141 -38.66 38.83 9.39
C TYR D 141 -39.58 37.65 9.61
N LEU D 142 -40.86 37.94 9.86
CA LEU D 142 -41.88 36.94 10.08
C LEU D 142 -43.10 37.27 9.22
N TYR D 143 -44.09 36.37 9.25
CA TYR D 143 -45.34 36.58 8.55
C TYR D 143 -46.37 35.58 9.07
N ARG D 144 -47.64 35.97 9.05
CA ARG D 144 -48.69 35.10 9.54
C ARG D 144 -48.99 34.00 8.54
N LEU D 145 -49.47 32.86 9.04
CA LEU D 145 -49.80 31.71 8.21
C LEU D 145 -51.24 31.25 8.40
N PHE D 146 -51.73 31.27 9.62
CA PHE D 146 -53.02 30.66 9.96
C PHE D 146 -53.91 31.67 10.67
N ARG D 147 -55.19 31.64 10.33
CA ARG D 147 -56.20 32.48 10.96
C ARG D 147 -57.56 31.87 10.68
N LYS D 148 -58.57 32.34 11.41
CA LYS D 148 -59.90 31.76 11.31
C LYS D 148 -60.73 32.37 10.19
N SER D 149 -60.38 33.56 9.73
CA SER D 149 -61.08 34.20 8.63
C SER D 149 -60.17 35.22 7.94
N ASN D 150 -60.56 35.59 6.73
CA ASN D 150 -59.76 36.51 5.92
C ASN D 150 -59.85 37.93 6.47
N LEU D 151 -58.80 38.71 6.23
CA LEU D 151 -58.74 40.06 6.75
C LEU D 151 -59.61 41.00 5.91
N LYS D 152 -60.15 42.02 6.57
CA LYS D 152 -60.96 43.04 5.93
C LYS D 152 -60.08 44.20 5.47
N PRO D 153 -60.56 45.01 4.52
CA PRO D 153 -59.70 46.01 3.90
C PRO D 153 -58.96 46.88 4.92
N PHE D 154 -57.65 46.97 4.75
CA PHE D 154 -56.78 47.84 5.55
C PHE D 154 -56.89 47.51 7.04
N GLU D 155 -56.73 46.23 7.35
CA GLU D 155 -56.83 45.74 8.72
C GLU D 155 -55.44 45.37 9.23
N ARG D 156 -55.38 44.94 10.48
CA ARG D 156 -54.11 44.54 11.08
C ARG D 156 -54.36 43.67 12.30
N ASP D 157 -53.32 42.97 12.74
CA ASP D 157 -53.39 42.14 13.93
C ASP D 157 -51.97 41.75 14.33
N ILE D 158 -51.73 41.68 15.65
CA ILE D 158 -50.44 41.27 16.18
C ILE D 158 -50.55 40.14 17.19
N SER D 159 -51.75 39.69 17.54
CA SER D 159 -51.91 38.65 18.55
C SER D 159 -51.22 37.36 18.13
N THR D 160 -50.71 36.64 19.13
CA THR D 160 -49.99 35.38 18.93
C THR D 160 -50.56 34.35 19.89
N GLU D 161 -51.57 33.61 19.45
CA GLU D 161 -52.17 32.56 20.25
C GLU D 161 -52.18 31.26 19.45
N ILE D 162 -52.25 30.14 20.17
CA ILE D 162 -52.16 28.84 19.54
C ILE D 162 -53.40 28.59 18.69
N TYR D 163 -53.19 27.98 17.51
CA TYR D 163 -54.25 27.79 16.54
C TYR D 163 -55.02 26.50 16.77
N GLN D 164 -56.27 26.62 17.18
CA GLN D 164 -57.16 25.47 17.39
C GLN D 164 -57.68 24.96 16.05
N ALA D 165 -56.96 23.99 15.49
CA ALA D 165 -57.41 23.33 14.27
C ALA D 165 -58.24 22.10 14.62
N GLY D 166 -59.44 22.02 14.06
CA GLY D 166 -60.33 20.93 14.35
C GLY D 166 -61.22 21.19 15.56
N SER D 167 -61.47 20.11 16.29
CA SER D 167 -62.34 20.15 17.47
C SER D 167 -61.64 19.44 18.62
N THR D 168 -60.81 20.18 19.36
CA THR D 168 -60.11 19.71 20.54
C THR D 168 -59.48 20.88 21.26
N PRO D 169 -59.58 20.95 22.58
CA PRO D 169 -59.07 22.13 23.30
C PRO D 169 -57.56 22.05 23.53
N CYS D 170 -56.85 23.03 22.98
CA CYS D 170 -55.41 23.16 23.20
C CYS D 170 -55.15 24.39 24.04
N ASN D 171 -54.19 24.29 24.95
CA ASN D 171 -53.80 25.43 25.78
C ASN D 171 -52.29 25.40 25.99
N GLY D 172 -51.56 26.07 25.12
CA GLY D 172 -50.12 26.16 25.29
C GLY D 172 -49.37 24.92 24.85
N VAL D 173 -50.08 23.78 24.77
CA VAL D 173 -49.45 22.50 24.50
C VAL D 173 -48.69 22.52 23.17
N GLU D 174 -49.34 23.00 22.11
CA GLU D 174 -48.73 23.09 20.78
C GLU D 174 -48.30 21.73 20.26
N GLY D 175 -48.92 20.67 20.78
CA GLY D 175 -48.54 19.32 20.41
C GLY D 175 -49.09 18.82 19.10
N PHE D 176 -50.40 18.71 19.00
CA PHE D 176 -51.06 18.14 17.84
C PHE D 176 -52.38 18.87 17.61
N ASN D 177 -52.66 19.16 16.34
CA ASN D 177 -53.82 19.94 15.91
C ASN D 177 -53.76 21.39 16.39
N CYS D 178 -52.61 21.81 16.92
CA CYS D 178 -52.45 23.18 17.38
C CYS D 178 -50.97 23.54 17.34
N TYR D 179 -50.67 24.71 16.79
CA TYR D 179 -49.29 25.14 16.57
C TYR D 179 -49.22 26.65 16.44
N PHE D 180 -48.00 27.17 16.48
CA PHE D 180 -47.75 28.59 16.41
C PHE D 180 -47.87 29.10 14.97
N PRO D 181 -48.54 30.23 14.75
CA PRO D 181 -48.81 30.70 13.38
C PRO D 181 -47.79 31.68 12.80
N LEU D 182 -46.66 31.91 13.45
CA LEU D 182 -45.66 32.85 12.96
C LEU D 182 -44.37 32.10 12.65
N GLN D 183 -43.87 32.28 11.42
CA GLN D 183 -42.71 31.54 10.94
C GLN D 183 -41.68 32.50 10.35
N SER D 184 -40.43 32.04 10.28
CA SER D 184 -39.35 32.85 9.76
C SER D 184 -39.12 32.56 8.27
N TYR D 185 -38.39 33.47 7.61
CA TYR D 185 -38.16 33.37 6.17
C TYR D 185 -36.85 32.66 5.85
N GLY D 186 -35.73 33.22 6.25
CA GLY D 186 -34.44 32.67 5.88
C GLY D 186 -33.96 33.25 4.56
N PHE D 187 -32.90 34.04 4.58
CA PHE D 187 -32.40 34.71 3.38
C PHE D 187 -30.92 34.46 3.25
N GLN D 188 -30.51 33.86 2.14
CA GLN D 188 -29.13 33.51 1.86
C GLN D 188 -28.71 34.19 0.56
N PRO D 189 -27.40 34.43 0.39
CA PRO D 189 -26.95 35.19 -0.79
C PRO D 189 -26.91 34.40 -2.08
N THR D 190 -27.26 33.11 -2.07
CA THR D 190 -27.17 32.27 -3.24
C THR D 190 -28.52 31.81 -3.75
N ASN D 191 -29.62 32.36 -3.25
CA ASN D 191 -30.93 31.94 -3.69
C ASN D 191 -31.21 32.46 -5.10
N GLY D 192 -32.34 32.02 -5.65
CA GLY D 192 -32.70 32.39 -6.99
C GLY D 192 -33.32 33.78 -7.05
N VAL D 193 -33.73 34.16 -8.27
CA VAL D 193 -34.33 35.47 -8.47
C VAL D 193 -35.68 35.58 -7.79
N GLY D 194 -36.38 34.47 -7.62
CA GLY D 194 -37.67 34.48 -6.96
C GLY D 194 -37.65 34.29 -5.48
N TYR D 195 -36.50 33.98 -4.89
CA TYR D 195 -36.39 33.78 -3.45
C TYR D 195 -35.56 34.85 -2.76
N GLN D 196 -35.38 36.01 -3.37
CA GLN D 196 -34.58 37.07 -2.74
C GLN D 196 -35.50 38.12 -2.12
N PRO D 197 -35.06 38.81 -1.07
CA PRO D 197 -35.93 39.77 -0.40
C PRO D 197 -36.18 41.01 -1.25
N TYR D 198 -37.41 41.52 -1.16
CA TYR D 198 -37.84 42.70 -1.86
C TYR D 198 -38.54 43.64 -0.88
N ARG D 199 -38.23 44.93 -0.98
CA ARG D 199 -38.92 45.93 -0.17
C ARG D 199 -40.04 46.56 -0.99
N VAL D 200 -41.09 46.96 -0.29
CA VAL D 200 -42.29 47.47 -0.95
C VAL D 200 -42.87 48.62 -0.13
N VAL D 201 -43.39 49.62 -0.84
CA VAL D 201 -44.12 50.73 -0.25
C VAL D 201 -45.28 51.08 -1.17
N VAL D 202 -46.41 51.46 -0.56
CA VAL D 202 -47.60 51.83 -1.32
C VAL D 202 -48.01 53.24 -0.93
N LEU D 203 -48.81 53.85 -1.80
CA LEU D 203 -49.34 55.19 -1.57
C LEU D 203 -50.86 55.14 -1.49
N SER D 204 -51.43 56.11 -0.80
CA SER D 204 -52.87 56.20 -0.56
C SER D 204 -53.33 57.61 -0.91
N PHE D 205 -54.01 57.75 -2.03
CA PHE D 205 -54.47 59.04 -2.53
C PHE D 205 -55.97 59.14 -2.32
N GLU D 206 -56.39 60.16 -1.56
CA GLU D 206 -57.79 60.32 -1.20
C GLU D 206 -58.22 61.76 -1.46
N LEU D 207 -59.48 62.05 -1.14
CA LEU D 207 -60.04 63.39 -1.31
C LEU D 207 -60.83 63.76 -0.07
N LEU D 208 -60.78 65.03 0.30
CA LEU D 208 -61.48 65.52 1.48
C LEU D 208 -62.96 65.78 1.17
#